data_3LPL
#
_entry.id   3LPL
#
_cell.length_a   81.820
_cell.length_b   142.220
_cell.length_c   82.520
_cell.angle_alpha   90.00
_cell.angle_beta   102.36
_cell.angle_gamma   90.00
#
_symmetry.space_group_name_H-M   'P 1 21 1'
#
loop_
_entity.id
_entity.type
_entity.pdbx_description
1 polymer 'Pyruvate dehydrogenase E1 component'
2 non-polymer '4-(2-HYDROXYETHYL)-1-PIPERAZINE ETHANESULFONIC ACID'
3 non-polymer 'THIAMINE DIPHOSPHATE'
4 non-polymer 'MAGNESIUM ION'
5 non-polymer 'PHOSPHATE ION'
6 water water
#
_entity_poly.entity_id   1
_entity_poly.type   'polypeptide(L)'
_entity_poly.pdbx_seq_one_letter_code
;SERFPNDVDPIETRDWLQAIESVIREEGVERAQYLIDQLLAEARKGGVNVAAGTGISNYINTIPVEEQPEYPGNLELERR
IRSAIRWNAIMTVLRASKKDLELGGHMASFQSSATIYDVCFNHFFRARNEQDGGDLVYFQGHISPGVYARAFLEGRLTQE
QLDNFRQEVHGNGLSSYPHPKLMPEFWQFPTVSMGLGPIGAIYQAKFLKYLEHRGLKDTSKQTVYAFLGDGEMDEPESKG
AITIATREKLDNLVFVINCNLQRLDGPVTGNGKIINELEGIFEGAGWNVIKVMWGSRWDELLRKDTSGKLIQLMNETVDG
DYQTFKSKDGAYVREHFFGKYPETAALVADWTDEQIWALNRGGHDPKKIYAAFKKAQETKGKATVILAHTIKGYGMGDAA
EGKNIAHQVKKMNMDGVRHIRDRFNVPVSDADIEKLPYITFPEGSEEHTYLHAQRQKLHGYLPSRQPNFTEKLELPSLQD
FGALLEEQSKEISTTIAFVRALNVMLKNKSIKDRLVPIIADEARTFGMEGLFRQIGIYSPNGQQYTPQDREQVAYYKEDE
KGQILQEGINALGAGCSWLAAATSYSTNNLPMIPFYIYYSMFGFQRIGDLCWAAGDQQARGFLIGGTSGRTTLNGEGLQH
EDGHSHIQSLTIPNCISYDPAYAYEVAVIMHDGLERMYGEKQENVYYYITTLNENYHMPAMPEGAEEGIRKGIYKLETIE
GSKGKVQLLGSGSILRHVREAAEILAKDYGVGSDVYSVTSFTELARDGQDCERWNMLHPLETPRVPYIAQVMNDAPAVAS
TDYMKLFAEQVRTYVPADDYRVLGTDGFGRSDSRENLRHHFEVDASYVVVAALGELAKRGEIDKKVVADAIAKFNIDADK
VNPRLA
;
_entity_poly.pdbx_strand_id   A,B
#
loop_
_chem_comp.id
_chem_comp.type
_chem_comp.name
_chem_comp.formula
EPE non-polymer '4-(2-HYDROXYETHYL)-1-PIPERAZINE ETHANESULFONIC ACID' 'C8 H18 N2 O4 S'
MG non-polymer 'MAGNESIUM ION' 'Mg 2'
PO4 non-polymer 'PHOSPHATE ION' 'O4 P -3'
TPP non-polymer 'THIAMINE DIPHOSPHATE' 'C12 H19 N4 O7 P2 S 1'
#
# COMPACT_ATOMS: atom_id res chain seq x y z
N ILE A 56 30.44 -1.55 9.13
CA ILE A 56 30.99 -1.88 7.77
C ILE A 56 32.44 -2.35 7.81
N SER A 57 32.61 -3.63 7.49
CA SER A 57 33.91 -4.27 7.49
C SER A 57 34.58 -4.17 6.12
N ASN A 58 35.75 -4.78 6.01
CA ASN A 58 36.50 -4.78 4.76
C ASN A 58 35.66 -5.46 3.69
N TYR A 59 35.94 -5.13 2.43
CA TYR A 59 35.23 -5.67 1.29
C TYR A 59 35.82 -7.04 0.87
N ILE A 60 35.72 -8.01 1.79
CA ILE A 60 36.22 -9.38 1.57
C ILE A 60 35.22 -10.33 2.22
N ASN A 61 35.40 -11.63 2.05
CA ASN A 61 34.47 -12.58 2.65
C ASN A 61 34.44 -12.41 4.16
N THR A 62 33.26 -12.59 4.77
CA THR A 62 33.14 -12.48 6.21
C THR A 62 33.84 -13.71 6.82
N ILE A 63 33.67 -14.85 6.16
CA ILE A 63 34.27 -16.09 6.61
C ILE A 63 35.58 -16.36 5.89
N PRO A 64 36.71 -16.10 6.58
CA PRO A 64 38.05 -16.31 6.01
C PRO A 64 38.26 -17.80 5.76
N VAL A 65 39.07 -18.14 4.77
CA VAL A 65 39.28 -19.54 4.43
C VAL A 65 39.65 -20.45 5.62
N GLU A 66 40.42 -19.93 6.57
CA GLU A 66 40.82 -20.75 7.71
C GLU A 66 39.63 -21.19 8.54
N GLU A 67 38.48 -20.54 8.37
CA GLU A 67 37.29 -20.92 9.15
C GLU A 67 36.19 -21.54 8.29
N GLN A 68 36.50 -21.76 7.02
CA GLN A 68 35.57 -22.32 6.05
C GLN A 68 35.48 -23.85 6.15
N PRO A 69 34.30 -24.39 6.47
CA PRO A 69 34.27 -25.86 6.55
C PRO A 69 34.53 -26.53 5.20
N GLU A 70 34.86 -27.81 5.26
CA GLU A 70 35.10 -28.61 4.06
C GLU A 70 33.78 -28.76 3.36
N TYR A 71 33.77 -28.62 2.04
CA TYR A 71 32.54 -28.76 1.26
C TYR A 71 32.17 -30.24 1.26
N PRO A 72 30.93 -30.58 1.65
CA PRO A 72 30.48 -31.97 1.69
C PRO A 72 30.08 -32.67 0.41
N GLY A 73 29.89 -31.94 -0.67
CA GLY A 73 29.45 -32.58 -1.91
C GLY A 73 30.52 -32.83 -2.96
N ASN A 74 30.12 -33.51 -4.03
CA ASN A 74 30.98 -33.84 -5.16
C ASN A 74 30.85 -32.65 -6.10
N LEU A 75 31.81 -31.73 -6.04
CA LEU A 75 31.77 -30.52 -6.87
C LEU A 75 31.60 -30.73 -8.37
N GLU A 76 32.41 -31.61 -8.95
CA GLU A 76 32.34 -31.85 -10.39
C GLU A 76 30.97 -32.43 -10.82
N LEU A 77 30.46 -33.36 -10.05
CA LEU A 77 29.18 -33.96 -10.36
C LEU A 77 28.02 -32.95 -10.18
N GLU A 78 28.05 -32.19 -9.08
CA GLU A 78 27.00 -31.20 -8.86
C GLU A 78 27.01 -30.16 -10.01
N ARG A 79 28.19 -29.85 -10.52
CA ARG A 79 28.29 -28.91 -11.61
C ARG A 79 27.68 -29.51 -12.91
N ARG A 80 27.78 -30.83 -13.09
CA ARG A 80 27.20 -31.45 -14.29
C ARG A 80 25.68 -31.31 -14.24
N ILE A 81 25.13 -31.54 -13.05
CA ILE A 81 23.69 -31.46 -12.82
C ILE A 81 23.23 -30.01 -12.99
N ARG A 82 23.97 -29.08 -12.41
CA ARG A 82 23.65 -27.67 -12.46
C ARG A 82 23.65 -27.15 -13.91
N SER A 83 24.60 -27.62 -14.70
CA SER A 83 24.67 -27.22 -16.12
C SER A 83 23.43 -27.66 -16.91
N ALA A 84 22.89 -28.82 -16.58
CA ALA A 84 21.70 -29.29 -17.24
C ALA A 84 20.52 -28.39 -16.80
N ILE A 85 20.50 -28.01 -15.53
CA ILE A 85 19.41 -27.15 -15.05
C ILE A 85 19.48 -25.79 -15.76
N ARG A 86 20.69 -25.22 -15.85
CA ARG A 86 20.88 -23.93 -16.54
C ARG A 86 20.40 -24.06 -18.00
N TRP A 87 20.81 -25.14 -18.65
CA TRP A 87 20.43 -25.40 -20.03
C TRP A 87 18.91 -25.50 -20.19
N ASN A 88 18.27 -26.35 -19.40
CA ASN A 88 16.83 -26.48 -19.50
C ASN A 88 16.05 -25.16 -19.18
N ALA A 89 16.54 -24.37 -18.22
CA ALA A 89 15.84 -23.13 -17.89
C ALA A 89 15.90 -22.22 -19.12
N ILE A 90 17.06 -22.18 -19.76
CA ILE A 90 17.21 -21.34 -20.95
C ILE A 90 16.35 -21.87 -22.11
N MET A 91 16.39 -23.17 -22.35
CA MET A 91 15.58 -23.76 -23.42
C MET A 91 14.09 -23.42 -23.24
N THR A 92 13.61 -23.50 -22.00
CA THR A 92 12.20 -23.23 -21.72
C THR A 92 11.82 -21.82 -22.17
N VAL A 93 12.62 -20.83 -21.79
CA VAL A 93 12.36 -19.44 -22.16
C VAL A 93 12.55 -19.22 -23.66
N LEU A 94 13.60 -19.82 -24.25
CA LEU A 94 13.79 -19.65 -25.69
C LEU A 94 12.65 -20.26 -26.50
N ARG A 95 12.21 -21.44 -26.11
CA ARG A 95 11.10 -22.07 -26.82
C ARG A 95 9.85 -21.20 -26.74
N ALA A 96 9.65 -20.52 -25.61
CA ALA A 96 8.50 -19.67 -25.43
C ALA A 96 8.62 -18.50 -26.40
N SER A 97 9.80 -17.91 -26.50
CA SER A 97 10.04 -16.79 -27.41
C SER A 97 9.69 -17.17 -28.82
N LYS A 98 10.18 -18.34 -29.25
CA LYS A 98 9.93 -18.80 -30.60
C LYS A 98 8.48 -18.68 -31.03
N LYS A 99 7.54 -18.81 -30.09
CA LYS A 99 6.14 -18.70 -30.45
C LYS A 99 5.75 -17.29 -30.90
N ASP A 100 6.54 -16.29 -30.55
CA ASP A 100 6.26 -14.89 -30.89
C ASP A 100 4.86 -14.49 -30.39
N LEU A 101 4.56 -14.85 -29.16
CA LEU A 101 3.27 -14.49 -28.57
C LEU A 101 3.47 -13.53 -27.38
N GLU A 102 4.60 -12.81 -27.40
CA GLU A 102 4.94 -11.86 -26.33
C GLU A 102 4.83 -12.48 -24.95
N LEU A 103 5.23 -13.73 -24.81
CA LEU A 103 5.11 -14.41 -23.53
C LEU A 103 6.07 -13.92 -22.46
N GLY A 104 7.30 -13.61 -22.83
CA GLY A 104 8.25 -13.14 -21.84
C GLY A 104 8.94 -14.28 -21.08
N GLY A 105 9.64 -13.93 -20.00
CA GLY A 105 10.37 -14.89 -19.20
C GLY A 105 11.81 -14.40 -19.10
N HIS A 106 12.47 -14.62 -17.97
CA HIS A 106 13.84 -14.16 -17.78
C HIS A 106 14.87 -15.29 -17.81
N MET A 107 16.13 -14.93 -18.08
CA MET A 107 17.21 -15.92 -18.09
C MET A 107 18.42 -15.41 -17.30
N ALA A 108 18.76 -14.15 -17.51
CA ALA A 108 19.92 -13.53 -16.86
C ALA A 108 19.97 -13.71 -15.33
N SER A 109 18.85 -13.42 -14.68
CA SER A 109 18.79 -13.51 -13.24
C SER A 109 19.13 -14.90 -12.68
N PHE A 110 18.42 -15.94 -13.13
CA PHE A 110 18.69 -17.28 -12.64
C PHE A 110 20.15 -17.67 -12.91
N GLN A 111 20.70 -17.24 -14.05
CA GLN A 111 22.10 -17.56 -14.37
C GLN A 111 23.08 -17.00 -13.33
N SER A 112 22.75 -15.88 -12.70
CA SER A 112 23.65 -15.31 -11.73
C SER A 112 23.48 -15.93 -10.35
N SER A 113 22.36 -16.60 -10.12
CA SER A 113 22.13 -17.15 -8.79
C SER A 113 21.95 -18.65 -8.71
N ALA A 114 22.08 -19.34 -9.84
CA ALA A 114 21.87 -20.78 -9.84
C ALA A 114 22.75 -21.55 -8.86
N THR A 115 24.02 -21.18 -8.74
CA THR A 115 24.88 -21.92 -7.83
C THR A 115 24.43 -21.71 -6.38
N ILE A 116 23.90 -20.53 -6.06
CA ILE A 116 23.44 -20.28 -4.69
C ILE A 116 22.30 -21.23 -4.36
N TYR A 117 21.30 -21.28 -5.25
CA TYR A 117 20.18 -22.18 -5.05
C TYR A 117 20.68 -23.63 -5.10
N ASP A 118 21.58 -23.94 -6.03
CA ASP A 118 22.08 -25.32 -6.17
C ASP A 118 22.68 -25.85 -4.87
N VAL A 119 23.50 -25.05 -4.17
CA VAL A 119 24.08 -25.51 -2.91
C VAL A 119 22.96 -25.79 -1.91
N CYS A 120 21.94 -24.93 -1.92
CA CYS A 120 20.79 -25.08 -1.04
C CYS A 120 19.98 -26.34 -1.33
N PHE A 121 19.80 -26.68 -2.61
CA PHE A 121 19.02 -27.87 -2.96
C PHE A 121 19.81 -29.16 -2.64
N ASN A 122 21.14 -29.08 -2.73
CA ASN A 122 21.94 -30.25 -2.44
C ASN A 122 22.23 -30.41 -0.95
N HIS A 123 22.31 -29.32 -0.22
CA HIS A 123 22.69 -29.44 1.19
C HIS A 123 21.87 -28.80 2.28
N PHE A 124 20.88 -28.00 1.94
CA PHE A 124 20.14 -27.35 3.02
C PHE A 124 18.63 -27.43 3.02
N PHE A 125 18.00 -27.13 1.88
CA PHE A 125 16.53 -27.15 1.82
C PHE A 125 15.81 -28.43 2.27
N ARG A 126 15.15 -28.36 3.44
CA ARG A 126 14.38 -29.48 3.96
C ARG A 126 13.02 -29.43 3.30
N ALA A 127 12.55 -30.56 2.74
CA ALA A 127 11.23 -30.59 2.12
C ALA A 127 10.15 -30.93 3.16
N ARG A 128 8.89 -30.70 2.79
CA ARG A 128 7.77 -31.00 3.70
C ARG A 128 7.89 -32.46 4.15
N ASN A 129 7.60 -32.73 5.41
CA ASN A 129 7.71 -34.09 5.94
C ASN A 129 6.65 -34.38 7.01
N GLU A 130 6.72 -35.57 7.59
CA GLU A 130 5.73 -35.96 8.59
C GLU A 130 5.76 -35.05 9.80
N GLN A 131 6.94 -34.60 10.20
CA GLN A 131 7.09 -33.72 11.36
C GLN A 131 6.68 -32.25 11.13
N ASP A 132 7.15 -31.65 10.04
CA ASP A 132 6.85 -30.26 9.76
C ASP A 132 6.79 -29.95 8.26
N GLY A 133 6.39 -28.71 7.93
CA GLY A 133 6.28 -28.29 6.54
C GLY A 133 7.61 -28.03 5.84
N GLY A 134 8.72 -28.38 6.49
CA GLY A 134 10.04 -28.16 5.89
C GLY A 134 10.44 -26.69 5.83
N ASP A 135 11.53 -26.41 5.14
CA ASP A 135 11.99 -25.04 5.02
C ASP A 135 11.00 -24.29 4.12
N LEU A 136 10.70 -23.05 4.49
CA LEU A 136 9.76 -22.21 3.76
C LEU A 136 10.59 -21.28 2.89
N VAL A 137 10.62 -21.59 1.59
CA VAL A 137 11.44 -20.84 0.67
C VAL A 137 10.68 -19.86 -0.21
N TYR A 138 11.02 -18.59 -0.03
CA TYR A 138 10.44 -17.51 -0.82
C TYR A 138 11.41 -17.29 -1.96
N PHE A 139 11.28 -18.12 -2.98
CA PHE A 139 12.12 -18.06 -4.19
C PHE A 139 11.91 -16.73 -4.87
N GLN A 140 12.99 -16.17 -5.42
CA GLN A 140 12.90 -14.92 -6.15
C GLN A 140 12.08 -15.26 -7.40
N GLY A 141 10.96 -14.57 -7.56
CA GLY A 141 10.05 -14.84 -8.66
C GLY A 141 10.59 -14.96 -10.09
N HIS A 142 11.49 -14.06 -10.47
N HIS A 142 11.47 -14.06 -10.48
CA HIS A 142 12.05 -14.05 -11.80
CA HIS A 142 12.01 -14.08 -11.83
C HIS A 142 12.93 -15.27 -12.14
C HIS A 142 12.93 -15.27 -12.15
N ILE A 143 13.31 -16.07 -11.14
CA ILE A 143 14.15 -17.25 -11.40
C ILE A 143 13.31 -18.53 -11.57
N SER A 144 12.00 -18.37 -11.67
CA SER A 144 11.09 -19.50 -11.84
C SER A 144 11.50 -20.51 -12.94
N PRO A 145 11.98 -20.05 -14.11
CA PRO A 145 12.37 -21.03 -15.14
C PRO A 145 13.44 -22.01 -14.58
N GLY A 146 14.30 -21.54 -13.69
CA GLY A 146 15.31 -22.38 -13.09
C GLY A 146 14.68 -23.42 -12.16
N VAL A 147 13.68 -23.00 -11.37
CA VAL A 147 12.98 -23.91 -10.47
C VAL A 147 12.26 -25.00 -11.29
N TYR A 148 11.58 -24.58 -12.35
CA TYR A 148 10.88 -25.52 -13.22
C TYR A 148 11.88 -26.48 -13.88
N ALA A 149 13.07 -25.98 -14.21
CA ALA A 149 14.09 -26.82 -14.87
C ALA A 149 14.53 -27.95 -13.93
N ARG A 150 14.75 -27.62 -12.67
CA ARG A 150 15.14 -28.62 -11.70
C ARG A 150 13.99 -29.61 -11.49
N ALA A 151 12.78 -29.10 -11.32
CA ALA A 151 11.64 -29.98 -11.11
C ALA A 151 11.49 -30.98 -12.27
N PHE A 152 11.72 -30.50 -13.49
CA PHE A 152 11.63 -31.33 -14.68
C PHE A 152 12.69 -32.43 -14.56
N LEU A 153 13.90 -32.04 -14.21
CA LEU A 153 15.02 -32.96 -14.07
C LEU A 153 14.73 -34.00 -13.00
N GLU A 154 14.11 -33.58 -11.91
CA GLU A 154 13.79 -34.51 -10.83
C GLU A 154 12.55 -35.31 -11.26
N GLY A 155 12.16 -35.15 -12.52
CA GLY A 155 10.99 -35.84 -13.06
C GLY A 155 9.66 -35.42 -12.48
N ARG A 156 9.55 -34.23 -11.92
CA ARG A 156 8.32 -33.77 -11.30
C ARG A 156 7.40 -32.99 -12.25
N LEU A 157 7.98 -32.52 -13.34
CA LEU A 157 7.25 -31.80 -14.37
C LEU A 157 7.58 -32.50 -15.69
N THR A 158 6.64 -32.51 -16.63
CA THR A 158 6.86 -33.15 -17.92
C THR A 158 7.39 -32.17 -18.97
N GLN A 159 7.83 -32.69 -20.10
CA GLN A 159 8.33 -31.85 -21.18
C GLN A 159 7.20 -30.99 -21.75
N GLU A 160 5.99 -31.56 -21.78
CA GLU A 160 4.82 -30.88 -22.32
C GLU A 160 4.52 -29.61 -21.46
N GLN A 161 4.71 -29.72 -20.16
CA GLN A 161 4.49 -28.60 -19.27
C GLN A 161 5.54 -27.49 -19.52
N LEU A 162 6.81 -27.88 -19.65
CA LEU A 162 7.85 -26.89 -19.90
C LEU A 162 7.54 -26.17 -21.21
N ASP A 163 7.02 -26.92 -22.18
CA ASP A 163 6.68 -26.37 -23.47
C ASP A 163 5.45 -25.47 -23.37
N ASN A 164 4.75 -25.54 -22.25
CA ASN A 164 3.60 -24.67 -22.03
C ASN A 164 3.93 -23.60 -20.97
N PHE A 165 5.23 -23.31 -20.86
CA PHE A 165 5.69 -22.28 -19.95
C PHE A 165 4.96 -20.97 -20.35
N ARG A 166 4.31 -20.33 -19.39
CA ARG A 166 3.56 -19.09 -19.63
C ARG A 166 2.32 -19.17 -20.53
N GLN A 167 1.75 -20.38 -20.62
CA GLN A 167 0.52 -20.61 -21.37
C GLN A 167 -0.32 -21.56 -20.51
N GLU A 168 -1.08 -21.00 -19.59
CA GLU A 168 -1.86 -21.81 -18.64
C GLU A 168 -3.35 -21.96 -18.81
N VAL A 169 -3.99 -21.16 -19.66
CA VAL A 169 -5.42 -21.24 -19.83
C VAL A 169 -5.97 -22.60 -20.22
N HIS A 170 -5.25 -23.33 -21.08
CA HIS A 170 -5.72 -24.62 -21.50
C HIS A 170 -5.41 -25.75 -20.51
N GLY A 171 -4.83 -25.37 -19.38
CA GLY A 171 -4.63 -26.31 -18.30
C GLY A 171 -3.24 -26.85 -18.02
N ASN A 172 -2.46 -27.22 -19.03
CA ASN A 172 -1.30 -28.04 -18.69
C ASN A 172 -0.02 -27.22 -18.74
N GLY A 173 -0.11 -25.96 -18.33
CA GLY A 173 1.04 -25.07 -18.37
C GLY A 173 1.66 -24.69 -17.05
N LEU A 174 2.57 -23.73 -17.12
CA LEU A 174 3.29 -23.27 -15.94
C LEU A 174 3.19 -21.76 -15.85
N SER A 175 2.95 -21.28 -14.64
CA SER A 175 2.84 -19.84 -14.41
C SER A 175 4.16 -19.15 -14.59
N SER A 176 4.07 -17.90 -15.00
CA SER A 176 5.24 -17.06 -15.15
C SER A 176 6.02 -17.03 -13.84
N TYR A 177 5.30 -16.84 -12.73
CA TYR A 177 5.93 -16.70 -11.41
C TYR A 177 5.24 -17.57 -10.34
N PRO A 178 5.77 -17.58 -9.11
CA PRO A 178 5.14 -18.41 -8.06
C PRO A 178 3.75 -17.90 -7.73
N HIS A 179 2.73 -18.65 -8.16
CA HIS A 179 1.34 -18.28 -7.92
C HIS A 179 0.60 -19.55 -7.47
N PRO A 180 0.46 -19.75 -6.14
CA PRO A 180 -0.23 -20.95 -5.63
C PRO A 180 -1.62 -21.12 -6.18
N LYS A 181 -2.31 -20.00 -6.36
CA LYS A 181 -3.66 -20.02 -6.91
C LYS A 181 -3.70 -20.69 -8.29
N LEU A 182 -2.67 -20.48 -9.09
CA LEU A 182 -2.56 -21.05 -10.43
C LEU A 182 -1.96 -22.48 -10.45
N MET A 183 -1.08 -22.78 -9.50
CA MET A 183 -0.45 -24.11 -9.41
C MET A 183 -0.49 -24.49 -7.91
N PRO A 184 -1.68 -24.86 -7.41
CA PRO A 184 -1.92 -25.22 -6.02
C PRO A 184 -1.14 -26.34 -5.36
N GLU A 185 -0.45 -27.16 -6.14
CA GLU A 185 0.31 -28.25 -5.54
C GLU A 185 1.80 -28.05 -5.71
N PHE A 186 2.17 -26.94 -6.35
CA PHE A 186 3.56 -26.65 -6.62
C PHE A 186 4.08 -25.45 -5.84
N TRP A 187 3.70 -24.23 -6.23
CA TRP A 187 4.14 -23.00 -5.56
C TRP A 187 3.50 -22.74 -4.18
N GLN A 188 4.26 -22.05 -3.34
CA GLN A 188 3.78 -21.71 -1.99
C GLN A 188 3.71 -20.21 -1.65
N PHE A 189 4.70 -19.44 -2.07
CA PHE A 189 4.76 -18.03 -1.71
C PHE A 189 4.93 -17.07 -2.86
N PRO A 190 3.92 -16.20 -3.06
CA PRO A 190 3.94 -15.20 -4.13
C PRO A 190 4.98 -14.14 -3.84
N THR A 191 6.02 -14.08 -4.67
CA THR A 191 7.12 -13.14 -4.45
C THR A 191 7.39 -12.11 -5.55
N VAL A 192 6.77 -12.24 -6.72
CA VAL A 192 7.12 -11.27 -7.75
C VAL A 192 6.79 -9.85 -7.48
N SER A 193 5.85 -9.59 -6.58
CA SER A 193 5.61 -8.19 -6.27
C SER A 193 6.73 -7.88 -5.30
N MET A 194 7.80 -7.27 -5.81
CA MET A 194 8.98 -6.93 -5.01
C MET A 194 8.69 -6.30 -3.66
N GLY A 195 9.48 -6.67 -2.65
CA GLY A 195 9.28 -6.09 -1.34
C GLY A 195 8.38 -6.85 -0.40
N LEU A 196 7.36 -7.52 -0.92
CA LEU A 196 6.43 -8.27 -0.09
C LEU A 196 7.04 -9.57 0.47
N GLY A 197 7.91 -10.16 -0.33
CA GLY A 197 8.53 -11.39 0.10
C GLY A 197 9.34 -11.24 1.37
N PRO A 198 10.21 -10.22 1.44
CA PRO A 198 11.01 -10.08 2.66
C PRO A 198 10.21 -9.82 3.95
N ILE A 199 9.26 -8.92 3.91
CA ILE A 199 8.47 -8.65 5.09
C ILE A 199 7.57 -9.85 5.36
N GLY A 200 7.07 -10.48 4.31
CA GLY A 200 6.24 -11.66 4.47
C GLY A 200 7.03 -12.78 5.19
N ALA A 201 8.27 -12.98 4.75
CA ALA A 201 9.15 -14.01 5.31
C ALA A 201 9.46 -13.75 6.79
N ILE A 202 9.68 -12.48 7.13
CA ILE A 202 9.95 -12.08 8.52
C ILE A 202 8.84 -12.52 9.46
N TYR A 203 7.61 -12.21 9.05
CA TYR A 203 6.44 -12.53 9.85
C TYR A 203 6.08 -14.02 9.83
N GLN A 204 6.51 -14.71 8.78
CA GLN A 204 6.26 -16.14 8.68
C GLN A 204 7.18 -16.81 9.72
N ALA A 205 8.43 -16.36 9.78
CA ALA A 205 9.40 -16.90 10.71
C ALA A 205 8.94 -16.65 12.14
N LYS A 206 8.40 -15.46 12.36
CA LYS A 206 7.90 -15.09 13.67
C LYS A 206 6.70 -15.97 13.97
N PHE A 207 5.89 -16.24 12.97
CA PHE A 207 4.73 -17.10 13.20
C PHE A 207 5.14 -18.53 13.57
N LEU A 208 6.21 -19.03 12.96
CA LEU A 208 6.66 -20.38 13.30
C LEU A 208 7.08 -20.41 14.77
N LYS A 209 7.75 -19.36 15.23
CA LYS A 209 8.16 -19.28 16.62
C LYS A 209 6.93 -19.30 17.52
N TYR A 210 5.91 -18.54 17.12
CA TYR A 210 4.64 -18.45 17.86
C TYR A 210 3.99 -19.84 18.00
N LEU A 211 3.95 -20.58 16.91
CA LEU A 211 3.37 -21.92 16.94
C LEU A 211 4.12 -22.85 17.92
N GLU A 212 5.44 -22.69 18.03
CA GLU A 212 6.24 -23.53 18.92
C GLU A 212 6.00 -23.10 20.38
N HIS A 213 6.07 -21.80 20.61
CA HIS A 213 5.84 -21.24 21.93
C HIS A 213 4.43 -21.52 22.43
N ARG A 214 3.45 -21.57 21.54
CA ARG A 214 2.07 -21.84 21.95
C ARG A 214 1.91 -23.34 22.22
N GLY A 215 2.90 -24.13 21.82
CA GLY A 215 2.84 -25.57 22.03
C GLY A 215 1.92 -26.24 21.03
N LEU A 216 1.62 -25.52 19.94
CA LEU A 216 0.75 -25.97 18.86
C LEU A 216 1.51 -26.93 17.93
N LYS A 217 2.74 -26.57 17.58
CA LYS A 217 3.55 -27.43 16.74
C LYS A 217 5.04 -27.18 16.94
N ASP A 218 5.82 -28.24 16.82
CA ASP A 218 7.26 -28.09 16.95
C ASP A 218 7.80 -27.76 15.57
N THR A 219 8.09 -26.47 15.36
CA THR A 219 8.59 -25.93 14.09
C THR A 219 10.09 -25.64 14.15
N SER A 220 10.74 -26.11 15.21
CA SER A 220 12.15 -25.87 15.47
C SER A 220 13.14 -26.24 14.39
N LYS A 221 12.79 -27.18 13.54
CA LYS A 221 13.71 -27.60 12.48
C LYS A 221 13.49 -26.85 11.17
N GLN A 222 12.51 -25.96 11.16
CA GLN A 222 12.18 -25.18 9.97
C GLN A 222 12.93 -23.86 9.87
N THR A 223 13.44 -23.58 8.68
CA THR A 223 14.14 -22.32 8.40
C THR A 223 13.33 -21.59 7.32
N VAL A 224 13.23 -20.27 7.46
CA VAL A 224 12.54 -19.48 6.46
C VAL A 224 13.67 -18.82 5.65
N TYR A 225 13.62 -19.01 4.34
CA TYR A 225 14.62 -18.43 3.44
C TYR A 225 13.93 -17.42 2.52
N ALA A 226 14.46 -16.20 2.47
CA ALA A 226 13.89 -15.19 1.59
C ALA A 226 14.99 -14.82 0.59
N PHE A 227 14.79 -15.16 -0.67
CA PHE A 227 15.77 -14.86 -1.69
C PHE A 227 15.37 -13.56 -2.37
N LEU A 228 16.20 -12.56 -2.21
CA LEU A 228 15.95 -11.20 -2.72
C LEU A 228 16.97 -10.73 -3.73
N GLY A 229 16.64 -9.63 -4.40
CA GLY A 229 17.54 -9.02 -5.35
C GLY A 229 18.07 -7.75 -4.70
N ASP A 230 19.24 -7.27 -5.09
CA ASP A 230 19.74 -6.06 -4.46
C ASP A 230 18.91 -4.84 -4.90
N GLY A 231 18.39 -4.87 -6.12
CA GLY A 231 17.54 -3.79 -6.60
C GLY A 231 16.23 -3.78 -5.80
N GLU A 232 15.74 -4.97 -5.45
CA GLU A 232 14.51 -5.10 -4.69
C GLU A 232 14.60 -4.48 -3.28
N MET A 233 15.81 -4.44 -2.73
CA MET A 233 15.98 -3.86 -1.39
C MET A 233 15.57 -2.37 -1.26
N ASP A 234 15.42 -1.68 -2.38
CA ASP A 234 15.00 -0.26 -2.39
C ASP A 234 13.52 -0.11 -2.08
N GLU A 235 12.77 -1.21 -2.15
CA GLU A 235 11.35 -1.15 -1.82
C GLU A 235 11.33 -0.96 -0.31
N PRO A 236 10.60 0.06 0.17
CA PRO A 236 10.52 0.36 1.60
C PRO A 236 10.18 -0.83 2.49
N GLU A 237 9.31 -1.72 1.98
CA GLU A 237 8.90 -2.88 2.73
C GLU A 237 10.04 -3.88 2.85
N SER A 238 11.07 -3.72 2.05
CA SER A 238 12.22 -4.64 2.10
C SER A 238 13.07 -4.53 3.35
N LYS A 239 13.39 -3.32 3.79
CA LYS A 239 14.22 -3.15 5.00
C LYS A 239 13.44 -2.52 6.15
N GLY A 240 12.25 -1.99 5.82
CA GLY A 240 11.41 -1.35 6.80
C GLY A 240 11.09 -2.15 8.03
N ALA A 241 11.02 -3.48 7.92
CA ALA A 241 10.68 -4.28 9.09
C ALA A 241 11.82 -5.13 9.64
N ILE A 242 13.06 -4.93 9.18
CA ILE A 242 14.12 -5.78 9.68
C ILE A 242 14.45 -5.73 11.18
N THR A 243 14.16 -4.63 11.88
CA THR A 243 14.46 -4.60 13.32
C THR A 243 13.61 -5.62 14.07
N ILE A 244 12.48 -5.98 13.47
CA ILE A 244 11.57 -6.94 14.07
C ILE A 244 12.23 -8.30 14.23
N ALA A 245 13.03 -8.69 13.26
CA ALA A 245 13.71 -9.98 13.31
C ALA A 245 14.66 -10.02 14.49
N THR A 246 15.13 -8.83 14.88
CA THR A 246 16.05 -8.72 15.99
C THR A 246 15.29 -8.75 17.31
N ARG A 247 14.22 -7.96 17.39
CA ARG A 247 13.41 -7.93 18.60
C ARG A 247 12.93 -9.33 18.93
N GLU A 248 12.47 -10.04 17.92
CA GLU A 248 11.95 -11.38 18.13
C GLU A 248 12.99 -12.49 18.00
N LYS A 249 14.27 -12.14 17.97
CA LYS A 249 15.32 -13.15 17.88
C LYS A 249 14.97 -14.28 16.89
N LEU A 250 14.73 -13.90 15.64
CA LEU A 250 14.37 -14.87 14.62
C LEU A 250 15.58 -15.57 14.03
N ASP A 251 16.11 -16.58 14.72
CA ASP A 251 17.26 -17.31 14.20
C ASP A 251 16.86 -18.45 13.29
N ASN A 252 15.62 -18.39 12.82
CA ASN A 252 15.09 -19.36 11.89
C ASN A 252 14.85 -18.60 10.55
N LEU A 253 15.38 -17.38 10.46
CA LEU A 253 15.20 -16.58 9.25
C LEU A 253 16.53 -16.27 8.58
N VAL A 254 16.59 -16.50 7.29
CA VAL A 254 17.79 -16.18 6.53
C VAL A 254 17.42 -15.37 5.30
N PHE A 255 17.98 -14.17 5.18
CA PHE A 255 17.77 -13.34 3.99
C PHE A 255 18.96 -13.62 3.06
N VAL A 256 18.70 -13.90 1.80
CA VAL A 256 19.76 -14.15 0.81
C VAL A 256 19.61 -13.09 -0.28
N ILE A 257 20.49 -12.10 -0.25
CA ILE A 257 20.43 -11.03 -1.22
C ILE A 257 21.44 -11.22 -2.36
N ASN A 258 20.92 -11.42 -3.55
CA ASN A 258 21.76 -11.60 -4.72
C ASN A 258 22.27 -10.22 -5.12
N CYS A 259 23.55 -9.98 -4.84
CA CYS A 259 24.14 -8.70 -5.14
C CYS A 259 24.92 -8.74 -6.42
N ASN A 260 24.22 -8.60 -7.54
CA ASN A 260 24.89 -8.58 -8.83
C ASN A 260 25.11 -7.13 -9.20
N LEU A 261 24.93 -6.26 -8.21
CA LEU A 261 25.14 -4.82 -8.35
C LEU A 261 24.21 -4.17 -9.40
N GLN A 262 23.40 -5.00 -10.05
CA GLN A 262 22.46 -4.54 -11.07
C GLN A 262 21.00 -4.73 -10.69
N ARG A 263 20.15 -3.88 -11.26
CA ARG A 263 18.71 -4.07 -11.14
C ARG A 263 18.23 -4.47 -12.53
N LEU A 264 17.11 -3.91 -12.95
CA LEU A 264 16.71 -4.05 -14.35
C LEU A 264 17.35 -3.11 -15.37
N ASP A 265 17.07 -1.81 -15.25
CA ASP A 265 17.58 -0.81 -16.21
C ASP A 265 18.92 -0.13 -15.84
N GLY A 266 19.74 -0.82 -15.06
CA GLY A 266 21.03 -0.26 -14.65
C GLY A 266 21.48 -0.86 -13.32
N PRO A 267 22.45 -0.22 -12.64
CA PRO A 267 22.95 -0.72 -11.35
C PRO A 267 22.15 -0.09 -10.19
N VAL A 268 22.18 -0.74 -9.01
CA VAL A 268 21.46 -0.20 -7.85
C VAL A 268 21.95 1.22 -7.53
N THR A 269 23.25 1.36 -7.23
CA THR A 269 23.86 2.66 -6.92
C THR A 269 25.25 2.59 -7.52
N GLY A 270 25.38 3.08 -8.75
CA GLY A 270 26.65 3.03 -9.45
C GLY A 270 27.79 3.81 -8.81
N ASN A 271 27.46 4.88 -8.08
CA ASN A 271 28.50 5.68 -7.44
C ASN A 271 28.89 5.18 -6.05
N GLY A 272 28.09 4.30 -5.48
CA GLY A 272 28.42 3.81 -4.16
C GLY A 272 28.79 2.34 -4.18
N LYS A 273 28.53 1.72 -3.04
CA LYS A 273 28.79 0.30 -2.86
C LYS A 273 27.55 -0.22 -2.17
N ILE A 274 26.63 -0.74 -2.97
CA ILE A 274 25.37 -1.25 -2.44
C ILE A 274 25.57 -2.34 -1.38
N ILE A 275 26.63 -3.13 -1.51
CA ILE A 275 26.88 -4.17 -0.52
C ILE A 275 27.21 -3.56 0.84
N ASN A 276 27.95 -2.45 0.82
CA ASN A 276 28.30 -1.75 2.06
C ASN A 276 27.06 -1.11 2.71
N GLU A 277 26.20 -0.52 1.88
CA GLU A 277 24.97 0.09 2.38
C GLU A 277 24.12 -0.97 3.07
N LEU A 278 23.99 -2.12 2.43
CA LEU A 278 23.19 -3.21 2.96
C LEU A 278 23.78 -3.73 4.27
N GLU A 279 25.10 -3.94 4.30
CA GLU A 279 25.74 -4.42 5.50
C GLU A 279 25.55 -3.43 6.63
N GLY A 280 25.74 -2.16 6.30
CA GLY A 280 25.62 -1.10 7.29
C GLY A 280 24.27 -1.05 7.99
N ILE A 281 23.19 -1.11 7.24
CA ILE A 281 21.88 -1.04 7.85
C ILE A 281 21.42 -2.36 8.51
N PHE A 282 21.82 -3.51 7.97
CA PHE A 282 21.42 -4.77 8.59
C PHE A 282 22.17 -4.99 9.90
N GLU A 283 23.45 -4.64 9.90
CA GLU A 283 24.30 -4.73 11.06
C GLU A 283 23.73 -3.76 12.09
N GLY A 284 23.39 -2.55 11.63
CA GLY A 284 22.84 -1.55 12.52
C GLY A 284 21.52 -2.02 13.11
N ALA A 285 20.82 -2.86 12.37
CA ALA A 285 19.55 -3.43 12.81
C ALA A 285 19.72 -4.67 13.70
N GLY A 286 20.96 -5.03 14.01
CA GLY A 286 21.18 -6.16 14.90
C GLY A 286 21.28 -7.51 14.22
N TRP A 287 21.28 -7.54 12.89
CA TRP A 287 21.37 -8.81 12.16
C TRP A 287 22.80 -9.32 12.05
N ASN A 288 22.92 -10.63 11.82
CA ASN A 288 24.24 -11.25 11.62
C ASN A 288 24.45 -11.19 10.11
N VAL A 289 25.47 -10.43 9.70
CA VAL A 289 25.75 -10.24 8.28
C VAL A 289 26.92 -11.09 7.71
N ILE A 290 26.64 -11.87 6.69
CA ILE A 290 27.68 -12.67 6.06
C ILE A 290 27.89 -12.25 4.62
N LYS A 291 29.07 -11.73 4.32
CA LYS A 291 29.40 -11.27 2.96
C LYS A 291 30.15 -12.34 2.21
N VAL A 292 29.63 -12.71 1.04
CA VAL A 292 30.26 -13.72 0.20
C VAL A 292 30.72 -12.96 -1.06
N MET A 293 31.87 -12.32 -0.94
CA MET A 293 32.48 -11.48 -1.95
C MET A 293 33.31 -12.10 -3.06
N TRP A 294 34.26 -12.96 -2.69
CA TRP A 294 35.18 -13.56 -3.67
C TRP A 294 35.37 -15.07 -3.67
N GLY A 295 35.64 -15.63 -4.85
CA GLY A 295 35.86 -17.06 -4.99
C GLY A 295 37.15 -17.56 -4.35
N SER A 296 37.38 -18.87 -4.43
CA SER A 296 38.58 -19.48 -3.85
C SER A 296 39.93 -18.99 -4.45
N ARG A 297 39.93 -18.57 -5.71
CA ARG A 297 41.16 -18.13 -6.34
C ARG A 297 41.81 -16.91 -5.69
N TRP A 298 41.03 -16.09 -5.00
CA TRP A 298 41.59 -14.92 -4.36
C TRP A 298 42.29 -15.29 -3.06
N ASP A 299 41.96 -16.43 -2.48
CA ASP A 299 42.56 -16.81 -1.22
C ASP A 299 44.08 -16.86 -1.13
N GLU A 300 44.79 -17.20 -2.20
CA GLU A 300 46.23 -17.21 -2.05
C GLU A 300 46.74 -15.78 -2.13
N LEU A 301 46.13 -15.04 -3.03
CA LEU A 301 46.39 -13.62 -3.29
C LEU A 301 46.26 -12.80 -1.98
N LEU A 302 45.17 -13.02 -1.25
CA LEU A 302 44.92 -12.28 -0.01
C LEU A 302 45.87 -12.62 1.15
N ARG A 303 46.22 -13.89 1.32
CA ARG A 303 47.15 -14.26 2.39
C ARG A 303 48.58 -13.98 1.92
N LYS A 304 48.71 -13.10 0.94
CA LYS A 304 50.00 -12.77 0.37
C LYS A 304 50.18 -11.25 0.28
N ASP A 305 49.07 -10.54 0.16
CA ASP A 305 49.06 -9.08 0.06
C ASP A 305 49.43 -8.43 1.39
N THR A 306 50.55 -8.86 1.96
CA THR A 306 51.05 -8.36 3.25
C THR A 306 50.82 -6.87 3.50
N SER A 307 50.88 -6.07 2.44
CA SER A 307 50.70 -4.62 2.54
C SER A 307 49.27 -4.21 2.89
N GLY A 308 48.30 -5.08 2.61
CA GLY A 308 46.93 -4.75 2.91
C GLY A 308 46.49 -3.76 1.86
N LYS A 309 47.29 -3.67 0.79
CA LYS A 309 46.99 -2.75 -0.29
C LYS A 309 45.83 -3.29 -1.15
N LEU A 310 45.78 -4.61 -1.31
CA LEU A 310 44.71 -5.23 -2.10
C LEU A 310 43.41 -4.93 -1.36
N ILE A 311 43.37 -5.27 -0.06
CA ILE A 311 42.19 -5.00 0.75
C ILE A 311 41.80 -3.56 0.53
N GLN A 312 42.81 -2.69 0.58
CA GLN A 312 42.58 -1.27 0.40
C GLN A 312 42.00 -1.02 -0.98
N LEU A 313 42.57 -1.68 -1.99
CA LEU A 313 42.07 -1.47 -3.35
C LEU A 313 40.62 -1.93 -3.46
N MET A 314 40.35 -3.11 -2.93
CA MET A 314 39.01 -3.68 -2.95
C MET A 314 38.05 -2.72 -2.23
N ASN A 315 38.47 -2.20 -1.09
CA ASN A 315 37.62 -1.28 -0.34
C ASN A 315 37.33 0.03 -1.07
N GLU A 316 38.30 0.57 -1.81
CA GLU A 316 38.10 1.86 -2.50
C GLU A 316 37.38 1.82 -3.84
N THR A 317 37.34 0.67 -4.49
CA THR A 317 36.67 0.54 -5.78
C THR A 317 35.14 0.55 -5.64
N VAL A 318 34.47 1.34 -6.48
CA VAL A 318 33.02 1.46 -6.42
C VAL A 318 32.28 0.53 -7.37
N ASP A 319 30.98 0.32 -7.11
CA ASP A 319 30.14 -0.56 -7.92
C ASP A 319 30.25 -0.40 -9.45
N GLY A 320 30.06 0.82 -9.95
CA GLY A 320 30.14 1.05 -11.39
C GLY A 320 31.42 0.48 -12.02
N ASP A 321 32.55 0.74 -11.39
CA ASP A 321 33.83 0.26 -11.88
C ASP A 321 33.91 -1.26 -11.88
N TYR A 322 33.57 -1.88 -10.75
CA TYR A 322 33.61 -3.33 -10.69
C TYR A 322 32.80 -3.92 -11.83
N GLN A 323 31.71 -3.23 -12.20
CA GLN A 323 30.88 -3.70 -13.30
C GLN A 323 31.65 -3.48 -14.61
N THR A 324 32.43 -2.40 -14.67
CA THR A 324 33.20 -2.09 -15.87
C THR A 324 34.21 -3.18 -16.10
N PHE A 325 34.86 -3.60 -15.03
CA PHE A 325 35.86 -4.64 -15.12
C PHE A 325 35.22 -5.90 -15.69
N LYS A 326 33.99 -6.17 -15.27
CA LYS A 326 33.23 -7.35 -15.73
C LYS A 326 33.40 -7.56 -17.25
N SER A 327 33.04 -6.53 -18.02
CA SER A 327 33.09 -6.54 -19.47
C SER A 327 34.46 -6.62 -20.18
N LYS A 328 35.43 -5.86 -19.70
CA LYS A 328 36.74 -5.85 -20.34
C LYS A 328 37.40 -7.22 -20.31
N ASP A 329 38.65 -7.29 -19.85
CA ASP A 329 39.35 -8.57 -19.82
C ASP A 329 40.51 -8.54 -18.86
N GLY A 330 41.25 -9.65 -18.82
CA GLY A 330 42.39 -9.77 -17.95
C GLY A 330 43.29 -8.56 -18.11
N ALA A 331 43.65 -8.23 -19.35
CA ALA A 331 44.53 -7.10 -19.61
C ALA A 331 44.05 -5.85 -18.88
N TYR A 332 42.87 -5.38 -19.28
CA TYR A 332 42.25 -4.19 -18.69
C TYR A 332 42.17 -4.28 -17.16
N VAL A 333 42.21 -5.49 -16.63
CA VAL A 333 42.11 -5.66 -15.17
C VAL A 333 43.47 -5.53 -14.49
N ARG A 334 44.45 -6.29 -14.98
CA ARG A 334 45.80 -6.27 -14.45
C ARG A 334 46.33 -4.85 -14.49
N GLU A 335 45.71 -4.01 -15.33
CA GLU A 335 46.20 -2.65 -15.52
C GLU A 335 45.37 -1.54 -14.89
N HIS A 336 44.05 -1.69 -14.86
CA HIS A 336 43.21 -0.67 -14.25
C HIS A 336 42.88 -0.97 -12.79
N PHE A 337 42.87 -2.26 -12.44
CA PHE A 337 42.55 -2.68 -11.07
C PHE A 337 43.81 -3.05 -10.28
N PHE A 338 44.46 -4.14 -10.65
CA PHE A 338 45.67 -4.56 -9.93
C PHE A 338 46.80 -3.55 -10.15
N GLY A 339 46.70 -2.81 -11.25
CA GLY A 339 47.72 -1.82 -11.58
C GLY A 339 47.41 -0.45 -11.01
N LYS A 340 46.95 -0.42 -9.78
CA LYS A 340 46.61 0.83 -9.11
C LYS A 340 47.77 1.10 -8.19
N TYR A 341 48.36 0.01 -7.71
CA TYR A 341 49.48 0.09 -6.79
C TYR A 341 50.55 -0.92 -7.19
N PRO A 342 51.79 -0.71 -6.72
CA PRO A 342 52.90 -1.61 -7.04
C PRO A 342 52.89 -2.87 -6.17
N GLU A 343 52.22 -2.79 -5.02
CA GLU A 343 52.13 -3.94 -4.14
C GLU A 343 51.05 -4.88 -4.67
N THR A 344 50.08 -4.33 -5.40
CA THR A 344 48.99 -5.13 -5.97
C THR A 344 49.31 -5.54 -7.40
N ALA A 345 49.98 -4.66 -8.15
CA ALA A 345 50.37 -4.98 -9.51
C ALA A 345 51.40 -6.12 -9.41
N ALA A 346 52.05 -6.19 -8.25
CA ALA A 346 53.07 -7.21 -8.01
C ALA A 346 52.49 -8.56 -7.64
N LEU A 347 51.22 -8.59 -7.27
CA LEU A 347 50.61 -9.85 -6.89
C LEU A 347 50.26 -10.60 -8.18
N VAL A 348 49.94 -9.86 -9.23
CA VAL A 348 49.60 -10.49 -10.51
C VAL A 348 50.61 -10.13 -11.60
N ALA A 349 51.65 -9.38 -11.23
CA ALA A 349 52.65 -8.98 -12.21
C ALA A 349 53.24 -10.23 -12.87
N ASP A 350 53.16 -11.35 -12.15
CA ASP A 350 53.68 -12.62 -12.64
C ASP A 350 52.57 -13.69 -12.71
N TRP A 351 51.40 -13.25 -13.17
CA TRP A 351 50.20 -14.07 -13.34
C TRP A 351 49.79 -13.92 -14.79
N THR A 352 49.49 -15.03 -15.46
CA THR A 352 49.07 -14.94 -16.85
C THR A 352 47.78 -14.15 -16.81
N ASP A 353 47.46 -13.44 -17.90
CA ASP A 353 46.23 -12.66 -17.96
C ASP A 353 45.04 -13.59 -17.74
N GLU A 354 44.90 -14.58 -18.62
CA GLU A 354 43.79 -15.52 -18.53
C GLU A 354 43.55 -16.03 -17.11
N GLN A 355 44.56 -15.97 -16.24
CA GLN A 355 44.38 -16.42 -14.86
C GLN A 355 43.71 -15.30 -14.06
N ILE A 356 44.00 -14.06 -14.43
CA ILE A 356 43.42 -12.88 -13.80
C ILE A 356 41.93 -12.94 -14.09
N TRP A 357 41.61 -13.12 -15.36
CA TRP A 357 40.23 -13.20 -15.78
C TRP A 357 39.45 -14.34 -15.12
N ALA A 358 40.16 -15.31 -14.54
CA ALA A 358 39.48 -16.44 -13.89
C ALA A 358 39.02 -16.07 -12.48
N LEU A 359 39.48 -14.92 -11.96
CA LEU A 359 39.11 -14.49 -10.62
C LEU A 359 37.62 -14.24 -10.62
N ASN A 360 36.91 -15.00 -9.80
CA ASN A 360 35.46 -14.92 -9.74
C ASN A 360 34.91 -14.34 -8.44
N ARG A 361 33.63 -14.02 -8.45
CA ARG A 361 32.95 -13.48 -7.27
C ARG A 361 32.49 -14.66 -6.39
N GLY A 362 32.43 -14.44 -5.09
CA GLY A 362 32.03 -15.50 -4.16
C GLY A 362 30.71 -16.21 -4.41
N GLY A 363 29.73 -15.50 -4.95
CA GLY A 363 28.42 -16.07 -5.20
C GLY A 363 28.39 -17.13 -6.26
N HIS A 364 29.51 -17.35 -6.93
CA HIS A 364 29.59 -18.36 -7.95
C HIS A 364 30.48 -19.48 -7.50
N ASP A 365 30.90 -19.42 -6.23
CA ASP A 365 31.79 -20.45 -5.68
C ASP A 365 31.05 -21.26 -4.63
N PRO A 366 30.77 -22.53 -4.94
CA PRO A 366 30.06 -23.42 -4.02
C PRO A 366 30.67 -23.46 -2.63
N LYS A 367 31.99 -23.48 -2.56
CA LYS A 367 32.62 -23.55 -1.23
C LYS A 367 32.30 -22.32 -0.37
N LYS A 368 32.41 -21.13 -0.96
CA LYS A 368 32.11 -19.87 -0.25
C LYS A 368 30.63 -19.80 0.11
N ILE A 369 29.78 -20.31 -0.77
CA ILE A 369 28.32 -20.28 -0.53
C ILE A 369 27.94 -21.23 0.63
N TYR A 370 28.49 -22.43 0.56
CA TYR A 370 28.20 -23.44 1.59
C TYR A 370 28.54 -22.94 2.99
N ALA A 371 29.72 -22.35 3.16
CA ALA A 371 30.12 -21.83 4.47
C ALA A 371 29.15 -20.78 5.04
N ALA A 372 28.64 -19.90 4.17
CA ALA A 372 27.70 -18.86 4.61
C ALA A 372 26.39 -19.49 5.11
N PHE A 373 25.81 -20.39 4.33
CA PHE A 373 24.57 -21.03 4.76
C PHE A 373 24.80 -21.92 5.99
N LYS A 374 25.95 -22.59 6.05
CA LYS A 374 26.27 -23.44 7.20
C LYS A 374 26.36 -22.56 8.43
N LYS A 375 27.00 -21.42 8.27
CA LYS A 375 27.15 -20.46 9.37
C LYS A 375 25.75 -19.93 9.77
N ALA A 376 24.92 -19.61 8.78
CA ALA A 376 23.57 -19.12 9.05
C ALA A 376 22.80 -20.17 9.87
N GLN A 377 22.94 -21.42 9.46
CA GLN A 377 22.27 -22.53 10.11
C GLN A 377 22.66 -22.68 11.57
N GLU A 378 23.91 -22.39 11.91
CA GLU A 378 24.37 -22.53 13.29
C GLU A 378 24.01 -21.36 14.21
N THR A 379 23.90 -20.17 13.63
CA THR A 379 23.60 -18.96 14.40
C THR A 379 22.26 -19.01 15.15
N LYS A 380 22.31 -18.56 16.39
CA LYS A 380 21.15 -18.51 17.28
C LYS A 380 21.05 -17.06 17.81
N GLY A 381 19.85 -16.66 18.23
CA GLY A 381 19.68 -15.33 18.81
C GLY A 381 19.33 -14.18 17.87
N LYS A 382 19.60 -14.33 16.57
CA LYS A 382 19.32 -13.26 15.62
C LYS A 382 19.19 -13.80 14.20
N ALA A 383 18.67 -12.96 13.30
CA ALA A 383 18.51 -13.37 11.92
C ALA A 383 19.82 -13.17 11.21
N THR A 384 19.96 -13.89 10.11
CA THR A 384 21.16 -13.79 9.32
C THR A 384 20.85 -13.32 7.90
N VAL A 385 21.70 -12.46 7.37
CA VAL A 385 21.52 -12.00 6.02
C VAL A 385 22.79 -12.34 5.26
N ILE A 386 22.63 -13.04 4.15
CA ILE A 386 23.78 -13.38 3.32
C ILE A 386 23.78 -12.46 2.09
N LEU A 387 24.85 -11.68 1.93
CA LEU A 387 24.99 -10.79 0.77
C LEU A 387 25.92 -11.53 -0.19
N ALA A 388 25.32 -12.16 -1.19
CA ALA A 388 26.04 -12.99 -2.17
C ALA A 388 26.43 -12.20 -3.42
N HIS A 389 27.73 -12.07 -3.62
CA HIS A 389 28.27 -11.33 -4.74
C HIS A 389 28.27 -12.15 -6.03
N THR A 390 27.51 -11.72 -7.03
CA THR A 390 27.42 -12.43 -8.31
C THR A 390 27.55 -11.58 -9.58
N ILE A 391 27.54 -12.27 -10.72
CA ILE A 391 27.65 -11.63 -12.03
C ILE A 391 26.32 -11.75 -12.77
N LYS A 392 25.66 -10.63 -13.02
CA LYS A 392 24.38 -10.71 -13.73
C LYS A 392 24.61 -11.13 -15.18
N GLY A 393 23.82 -12.10 -15.64
CA GLY A 393 23.99 -12.59 -17.01
C GLY A 393 25.26 -13.41 -17.15
N TYR A 394 25.66 -14.00 -16.03
CA TYR A 394 26.87 -14.81 -15.92
C TYR A 394 26.93 -15.89 -16.99
N GLY A 395 28.10 -16.00 -17.62
CA GLY A 395 28.31 -17.02 -18.64
C GLY A 395 27.41 -16.97 -19.87
N MET A 396 26.80 -15.82 -20.13
CA MET A 396 25.96 -15.72 -21.30
C MET A 396 26.64 -14.96 -22.41
N GLY A 397 27.84 -14.44 -22.13
CA GLY A 397 28.58 -13.68 -23.12
C GLY A 397 27.64 -12.94 -24.05
N ASP A 398 28.11 -12.63 -25.26
CA ASP A 398 27.27 -11.97 -26.27
C ASP A 398 26.12 -11.16 -25.64
N ALA A 399 24.93 -11.78 -25.49
CA ALA A 399 23.79 -11.09 -24.87
C ALA A 399 24.14 -10.59 -23.46
N ALA A 400 23.72 -11.34 -22.43
CA ALA A 400 24.01 -10.98 -21.05
C ALA A 400 25.39 -11.49 -20.57
N MET A 414 21.81 -19.25 -34.01
CA MET A 414 22.12 -20.33 -33.07
C MET A 414 23.48 -20.21 -32.38
N ASP A 415 24.24 -19.18 -32.74
CA ASP A 415 25.57 -18.93 -32.18
C ASP A 415 25.50 -18.64 -30.68
N GLY A 416 24.46 -17.94 -30.26
CA GLY A 416 24.31 -17.63 -28.85
C GLY A 416 24.09 -18.88 -28.03
N VAL A 417 23.24 -19.77 -28.53
CA VAL A 417 22.95 -21.01 -27.85
C VAL A 417 24.21 -21.88 -27.83
N ARG A 418 24.91 -21.88 -28.96
CA ARG A 418 26.17 -22.61 -29.12
C ARG A 418 27.17 -22.18 -28.04
N HIS A 419 27.27 -20.87 -27.83
CA HIS A 419 28.18 -20.33 -26.83
C HIS A 419 27.88 -20.85 -25.42
N ILE A 420 26.61 -20.86 -25.00
CA ILE A 420 26.33 -21.32 -23.65
C ILE A 420 26.51 -22.84 -23.56
N ARG A 421 26.22 -23.56 -24.64
CA ARG A 421 26.37 -25.02 -24.67
C ARG A 421 27.84 -25.33 -24.33
N ASP A 422 28.74 -24.61 -25.02
CA ASP A 422 30.17 -24.77 -24.81
C ASP A 422 30.62 -24.26 -23.44
N ARG A 423 30.11 -23.11 -23.03
CA ARG A 423 30.47 -22.52 -21.76
C ARG A 423 30.18 -23.42 -20.58
N PHE A 424 29.05 -24.14 -20.63
CA PHE A 424 28.72 -25.01 -19.51
C PHE A 424 28.90 -26.50 -19.75
N ASN A 425 29.58 -26.83 -20.86
CA ASN A 425 29.84 -28.21 -21.22
C ASN A 425 28.58 -29.03 -21.11
N VAL A 426 27.54 -28.54 -21.77
CA VAL A 426 26.23 -29.16 -21.77
C VAL A 426 26.23 -30.34 -22.76
N PRO A 427 25.69 -31.49 -22.34
CA PRO A 427 25.64 -32.68 -23.18
C PRO A 427 24.58 -32.61 -24.27
N VAL A 428 24.85 -31.73 -25.24
CA VAL A 428 23.97 -31.55 -26.39
C VAL A 428 24.88 -31.48 -27.62
N SER A 429 24.61 -32.33 -28.60
CA SER A 429 25.43 -32.39 -29.79
C SER A 429 25.05 -31.31 -30.78
N ASP A 430 25.99 -31.00 -31.69
CA ASP A 430 25.76 -30.00 -32.71
C ASP A 430 24.52 -30.40 -33.50
N ALA A 431 24.32 -31.71 -33.64
CA ALA A 431 23.19 -32.25 -34.39
C ALA A 431 21.85 -31.96 -33.72
N ASP A 432 21.86 -31.88 -32.39
CA ASP A 432 20.64 -31.64 -31.64
C ASP A 432 20.37 -30.21 -31.20
N ILE A 433 21.39 -29.38 -31.19
CA ILE A 433 21.24 -28.03 -30.70
C ILE A 433 20.11 -27.15 -31.29
N GLU A 434 19.91 -27.18 -32.61
CA GLU A 434 18.85 -26.36 -33.20
C GLU A 434 17.43 -26.78 -32.80
N LYS A 435 17.28 -27.95 -32.19
CA LYS A 435 15.96 -28.39 -31.73
C LYS A 435 15.68 -27.83 -30.33
N LEU A 436 16.62 -27.08 -29.77
CA LEU A 436 16.49 -26.54 -28.41
C LEU A 436 16.01 -27.66 -27.48
N PRO A 437 16.70 -28.82 -27.50
CA PRO A 437 16.33 -29.97 -26.68
C PRO A 437 16.52 -29.80 -25.18
N TYR A 438 15.66 -30.46 -24.42
CA TYR A 438 15.75 -30.45 -22.96
C TYR A 438 16.67 -31.65 -22.67
N ILE A 439 17.38 -31.61 -21.56
CA ILE A 439 18.29 -32.69 -21.15
C ILE A 439 17.66 -33.43 -20.00
N THR A 440 17.85 -34.74 -19.97
CA THR A 440 17.33 -35.55 -18.87
C THR A 440 18.46 -36.47 -18.44
N PHE A 441 18.38 -36.97 -17.21
CA PHE A 441 19.37 -37.90 -16.67
C PHE A 441 18.67 -39.23 -16.44
N PRO A 442 18.99 -40.24 -17.25
CA PRO A 442 18.38 -41.56 -17.12
C PRO A 442 18.59 -42.20 -15.77
N GLU A 443 17.69 -43.10 -15.41
CA GLU A 443 17.79 -43.82 -14.15
C GLU A 443 19.05 -44.64 -14.31
N GLY A 444 19.89 -44.65 -13.27
CA GLY A 444 21.13 -45.41 -13.34
C GLY A 444 22.35 -44.55 -13.57
N SER A 445 22.18 -43.37 -14.17
CA SER A 445 23.32 -42.49 -14.41
C SER A 445 23.80 -41.85 -13.10
N GLU A 446 25.09 -41.54 -13.04
CA GLU A 446 25.65 -40.89 -11.87
C GLU A 446 24.84 -39.64 -11.47
N GLU A 447 24.53 -38.79 -12.44
CA GLU A 447 23.79 -37.55 -12.17
C GLU A 447 22.42 -37.80 -11.58
N HIS A 448 21.68 -38.72 -12.18
CA HIS A 448 20.36 -39.06 -11.69
C HIS A 448 20.40 -39.62 -10.27
N THR A 449 21.36 -40.50 -9.99
CA THR A 449 21.49 -41.08 -8.65
C THR A 449 21.78 -40.01 -7.59
N TYR A 450 22.72 -39.12 -7.88
CA TYR A 450 23.14 -38.08 -6.95
C TYR A 450 22.04 -37.03 -6.70
N LEU A 451 21.43 -36.55 -7.76
CA LEU A 451 20.35 -35.56 -7.68
C LEU A 451 19.29 -36.05 -6.70
N HIS A 452 18.82 -37.27 -6.90
CA HIS A 452 17.79 -37.80 -6.02
C HIS A 452 18.26 -38.15 -4.63
N ALA A 453 19.49 -38.64 -4.51
CA ALA A 453 19.99 -39.00 -3.17
C ALA A 453 20.09 -37.76 -2.29
N GLN A 454 20.58 -36.64 -2.83
CA GLN A 454 20.72 -35.43 -2.02
C GLN A 454 19.34 -35.00 -1.51
N ARG A 455 18.34 -35.03 -2.39
CA ARG A 455 17.00 -34.64 -2.00
C ARG A 455 16.35 -35.61 -1.00
N GLN A 456 16.58 -36.91 -1.20
CA GLN A 456 16.02 -37.92 -0.31
C GLN A 456 16.56 -37.66 1.10
N LYS A 457 17.84 -37.36 1.19
CA LYS A 457 18.48 -37.07 2.47
C LYS A 457 17.83 -35.83 3.11
N LEU A 458 17.20 -34.99 2.29
CA LEU A 458 16.56 -33.78 2.80
C LEU A 458 15.05 -33.86 2.75
N HIS A 459 14.55 -35.08 2.91
CA HIS A 459 13.13 -35.38 2.97
C HIS A 459 12.24 -35.23 1.76
N GLY A 460 12.82 -35.15 0.57
CA GLY A 460 11.98 -35.05 -0.60
C GLY A 460 12.22 -33.82 -1.46
N TYR A 461 11.17 -33.42 -2.16
CA TYR A 461 11.27 -32.31 -3.09
C TYR A 461 10.51 -31.05 -2.72
N LEU A 462 11.00 -29.93 -3.25
CA LEU A 462 10.34 -28.66 -3.04
C LEU A 462 10.69 -27.78 -4.24
N PRO A 463 9.84 -26.80 -4.52
CA PRO A 463 8.61 -26.53 -3.76
C PRO A 463 7.51 -27.51 -4.11
N SER A 464 6.55 -27.67 -3.19
CA SER A 464 5.39 -28.51 -3.38
C SER A 464 4.43 -27.92 -2.36
N ARG A 465 3.14 -28.19 -2.53
CA ARG A 465 2.14 -27.64 -1.65
C ARG A 465 0.95 -28.57 -1.49
N GLN A 466 0.43 -28.62 -0.26
CA GLN A 466 -0.73 -29.42 0.06
C GLN A 466 -1.87 -28.37 0.14
N PRO A 467 -2.87 -28.46 -0.76
CA PRO A 467 -3.99 -27.54 -0.78
C PRO A 467 -5.04 -27.57 0.35
N ASN A 468 -5.22 -28.71 1.00
CA ASN A 468 -6.21 -28.85 2.07
C ASN A 468 -5.60 -29.43 3.34
N PHE A 469 -6.04 -28.97 4.51
CA PHE A 469 -5.50 -29.52 5.74
C PHE A 469 -6.16 -30.90 5.95
N THR A 470 -5.49 -31.78 6.69
CA THR A 470 -6.04 -33.13 6.89
C THR A 470 -7.00 -33.35 8.07
N GLU A 471 -6.70 -32.79 9.25
CA GLU A 471 -7.59 -33.01 10.40
C GLU A 471 -9.03 -32.50 10.19
N LYS A 472 -9.94 -33.00 11.01
CA LYS A 472 -11.32 -32.57 10.90
C LYS A 472 -11.63 -31.77 12.15
N LEU A 473 -12.00 -30.51 11.94
CA LEU A 473 -12.33 -29.65 13.07
C LEU A 473 -13.80 -29.81 13.44
N GLU A 474 -14.11 -29.58 14.71
CA GLU A 474 -15.47 -29.68 15.21
C GLU A 474 -15.87 -28.25 15.52
N LEU A 475 -16.40 -27.58 14.50
CA LEU A 475 -16.78 -26.18 14.54
C LEU A 475 -18.02 -25.84 15.37
N PRO A 476 -18.01 -24.65 16.00
CA PRO A 476 -19.19 -24.27 16.79
C PRO A 476 -20.37 -24.19 15.83
N SER A 477 -21.57 -24.47 16.34
CA SER A 477 -22.78 -24.42 15.53
C SER A 477 -23.32 -23.00 15.59
N LEU A 478 -24.27 -22.66 14.74
CA LEU A 478 -24.82 -21.32 14.78
C LEU A 478 -25.52 -21.12 16.12
N GLN A 479 -26.20 -22.14 16.60
CA GLN A 479 -26.89 -22.04 17.87
C GLN A 479 -25.91 -21.72 19.01
N ASP A 480 -24.63 -22.06 18.83
CA ASP A 480 -23.66 -21.73 19.87
C ASP A 480 -23.52 -20.19 19.96
N PHE A 481 -23.94 -19.50 18.90
CA PHE A 481 -23.87 -18.04 18.85
C PHE A 481 -25.24 -17.49 19.22
N GLY A 482 -26.03 -18.36 19.84
CA GLY A 482 -27.39 -18.01 20.24
C GLY A 482 -27.70 -16.67 20.89
N ALA A 483 -26.89 -16.23 21.83
CA ALA A 483 -27.18 -14.96 22.49
C ALA A 483 -27.12 -13.79 21.51
N LEU A 484 -26.23 -13.91 20.52
CA LEU A 484 -26.07 -12.86 19.53
C LEU A 484 -27.27 -12.77 18.58
N LEU A 485 -28.04 -13.85 18.49
CA LEU A 485 -29.21 -13.88 17.61
C LEU A 485 -30.48 -13.27 18.21
N GLU A 486 -30.49 -13.07 19.51
CA GLU A 486 -31.67 -12.52 20.15
C GLU A 486 -31.53 -11.02 20.36
N GLU A 487 -32.63 -10.35 20.69
CA GLU A 487 -32.60 -8.92 20.96
C GLU A 487 -31.59 -8.62 22.07
N GLN A 488 -30.81 -7.56 21.89
CA GLN A 488 -29.84 -7.14 22.91
C GLN A 488 -30.49 -6.16 23.90
N SER A 489 -30.18 -6.36 25.18
CA SER A 489 -30.68 -5.51 26.24
C SER A 489 -29.95 -4.14 26.16
N LYS A 490 -28.63 -4.17 26.15
CA LYS A 490 -27.83 -2.97 26.06
C LYS A 490 -27.69 -2.57 24.59
N GLU A 491 -27.37 -1.31 24.35
CA GLU A 491 -27.14 -0.85 22.99
C GLU A 491 -25.67 -1.16 22.76
N ILE A 492 -25.38 -1.86 21.68
CA ILE A 492 -24.00 -2.24 21.38
C ILE A 492 -23.72 -1.96 19.89
N SER A 493 -22.52 -2.29 19.44
CA SER A 493 -22.13 -2.08 18.06
C SER A 493 -21.79 -3.42 17.39
N THR A 494 -21.66 -3.41 16.07
CA THR A 494 -21.30 -4.62 15.34
C THR A 494 -19.89 -5.00 15.71
N THR A 495 -19.11 -4.05 16.22
CA THR A 495 -17.76 -4.39 16.63
C THR A 495 -17.84 -5.18 17.97
N ILE A 496 -18.69 -4.71 18.88
CA ILE A 496 -18.89 -5.41 20.16
C ILE A 496 -19.46 -6.80 19.85
N ALA A 497 -20.28 -6.88 18.81
CA ALA A 497 -20.86 -8.17 18.38
C ALA A 497 -19.75 -9.10 17.92
N PHE A 498 -18.80 -8.55 17.17
CA PHE A 498 -17.68 -9.33 16.66
C PHE A 498 -16.89 -9.95 17.79
N VAL A 499 -16.48 -9.11 18.74
CA VAL A 499 -15.70 -9.54 19.90
C VAL A 499 -16.45 -10.66 20.65
N ARG A 500 -17.76 -10.51 20.78
CA ARG A 500 -18.56 -11.52 21.47
C ARG A 500 -18.61 -12.82 20.66
N ALA A 501 -18.53 -12.71 19.34
CA ALA A 501 -18.55 -13.88 18.49
C ALA A 501 -17.20 -14.57 18.70
N LEU A 502 -16.16 -13.78 18.91
CA LEU A 502 -14.83 -14.34 19.12
C LEU A 502 -14.86 -15.16 20.41
N ASN A 503 -15.54 -14.63 21.42
CA ASN A 503 -15.64 -15.30 22.71
C ASN A 503 -16.34 -16.64 22.61
N VAL A 504 -17.33 -16.72 21.72
CA VAL A 504 -18.03 -17.98 21.51
C VAL A 504 -16.98 -18.97 20.99
N MET A 505 -16.21 -18.55 20.00
CA MET A 505 -15.19 -19.40 19.42
C MET A 505 -14.13 -19.81 20.40
N LEU A 506 -13.83 -18.94 21.36
CA LEU A 506 -12.82 -19.24 22.36
C LEU A 506 -13.28 -20.24 23.41
N LYS A 507 -14.55 -20.64 23.34
CA LYS A 507 -15.07 -21.64 24.26
C LYS A 507 -15.13 -22.97 23.53
N ASN A 508 -14.93 -22.95 22.20
CA ASN A 508 -14.99 -24.18 21.44
C ASN A 508 -13.70 -24.96 21.62
N LYS A 509 -13.84 -26.20 22.08
CA LYS A 509 -12.68 -27.04 22.34
C LYS A 509 -11.82 -27.29 21.15
N SER A 510 -12.43 -27.59 20.02
CA SER A 510 -11.67 -27.88 18.82
C SER A 510 -10.84 -26.73 18.23
N ILE A 511 -11.35 -25.49 18.25
CA ILE A 511 -10.60 -24.38 17.66
C ILE A 511 -10.07 -23.26 18.57
N LYS A 512 -10.49 -23.24 19.83
CA LYS A 512 -10.09 -22.17 20.74
C LYS A 512 -8.60 -21.78 20.75
N ASP A 513 -7.69 -22.73 20.58
CA ASP A 513 -6.27 -22.39 20.58
C ASP A 513 -5.73 -22.17 19.18
N ARG A 514 -6.60 -22.38 18.18
CA ARG A 514 -6.21 -22.18 16.78
C ARG A 514 -6.54 -20.74 16.35
N LEU A 515 -7.32 -20.03 17.17
CA LEU A 515 -7.68 -18.68 16.78
C LEU A 515 -6.49 -17.74 17.02
N VAL A 516 -6.26 -16.84 16.09
CA VAL A 516 -5.17 -15.87 16.22
C VAL A 516 -5.71 -14.43 16.12
N PRO A 517 -6.05 -13.81 17.26
CA PRO A 517 -6.56 -12.44 17.21
C PRO A 517 -5.34 -11.57 16.90
N ILE A 518 -5.45 -10.69 15.93
CA ILE A 518 -4.32 -9.83 15.58
C ILE A 518 -4.74 -8.35 15.64
N ILE A 519 -3.90 -7.55 16.28
CA ILE A 519 -4.13 -6.13 16.43
C ILE A 519 -2.89 -5.31 16.07
N ALA A 520 -3.11 -4.06 15.68
CA ALA A 520 -2.05 -3.12 15.34
C ALA A 520 -2.12 -1.97 16.35
N ASP A 521 -1.52 -2.22 17.51
CA ASP A 521 -1.46 -1.29 18.66
C ASP A 521 -2.82 -1.18 19.33
N GLU A 522 -3.72 -0.48 18.64
CA GLU A 522 -5.06 -0.24 19.10
C GLU A 522 -5.88 -1.49 19.46
N ALA A 523 -6.23 -1.60 20.73
CA ALA A 523 -7.07 -2.69 21.20
C ALA A 523 -8.31 -2.04 21.80
N ARG A 524 -8.06 -1.11 22.72
CA ARG A 524 -9.12 -0.37 23.41
C ARG A 524 -10.09 0.28 22.46
N THR A 525 -9.57 0.82 21.36
CA THR A 525 -10.44 1.46 20.38
C THR A 525 -11.46 0.47 19.84
N PHE A 526 -11.12 -0.82 19.83
CA PHE A 526 -12.02 -1.84 19.29
C PHE A 526 -12.62 -2.70 20.38
N GLY A 527 -12.43 -2.30 21.61
CA GLY A 527 -12.98 -3.05 22.73
C GLY A 527 -12.42 -4.45 22.84
N MET A 528 -11.16 -4.61 22.47
CA MET A 528 -10.50 -5.91 22.53
C MET A 528 -9.85 -6.13 23.89
N GLU A 529 -9.65 -5.05 24.64
CA GLU A 529 -8.99 -5.10 25.95
C GLU A 529 -9.42 -6.24 26.87
N GLY A 530 -10.69 -6.66 26.80
CA GLY A 530 -11.13 -7.75 27.66
C GLY A 530 -10.49 -9.10 27.33
N LEU A 531 -10.18 -9.32 26.05
CA LEU A 531 -9.55 -10.57 25.62
C LEU A 531 -8.16 -10.73 26.24
N PHE A 532 -7.49 -9.61 26.43
CA PHE A 532 -6.14 -9.60 26.98
C PHE A 532 -6.01 -10.40 28.25
N ARG A 533 -6.93 -10.19 29.19
CA ARG A 533 -6.84 -10.93 30.45
C ARG A 533 -7.21 -12.40 30.30
N GLN A 534 -8.05 -12.73 29.32
CA GLN A 534 -8.44 -14.12 29.11
C GLN A 534 -7.39 -14.98 28.38
N ILE A 535 -6.84 -14.46 27.27
CA ILE A 535 -5.88 -15.26 26.52
C ILE A 535 -4.47 -14.72 26.44
N GLY A 536 -4.28 -13.50 26.93
CA GLY A 536 -2.96 -12.90 26.93
C GLY A 536 -2.37 -12.42 25.61
N ILE A 537 -1.26 -11.71 25.71
CA ILE A 537 -0.55 -11.16 24.57
C ILE A 537 0.78 -11.88 24.34
N TYR A 538 0.94 -12.40 23.14
CA TYR A 538 2.15 -13.11 22.78
C TYR A 538 3.35 -12.19 22.95
N SER A 539 4.25 -12.55 23.86
CA SER A 539 5.43 -11.74 24.13
C SER A 539 6.59 -12.57 24.68
N PRO A 540 7.41 -13.18 23.80
CA PRO A 540 8.57 -14.01 24.21
C PRO A 540 9.71 -13.17 24.78
N GLU A 558 1.12 -11.51 29.34
CA GLU A 558 2.09 -11.00 28.37
C GLU A 558 3.36 -11.90 28.36
N ASP A 559 3.23 -13.12 27.83
CA ASP A 559 4.33 -14.11 27.78
C ASP A 559 4.36 -14.94 26.49
N GLU A 560 5.30 -15.88 26.37
CA GLU A 560 5.39 -16.67 25.16
C GLU A 560 4.17 -17.58 24.90
N LYS A 561 3.28 -17.64 25.87
CA LYS A 561 2.07 -18.44 25.72
C LYS A 561 0.90 -17.52 25.34
N GLY A 562 1.17 -16.22 25.34
CA GLY A 562 0.14 -15.26 24.98
C GLY A 562 -0.41 -15.60 23.62
N GLN A 563 -1.72 -15.49 23.48
CA GLN A 563 -2.37 -15.84 22.23
C GLN A 563 -2.55 -14.69 21.23
N ILE A 564 -2.85 -13.50 21.71
CA ILE A 564 -3.07 -12.36 20.82
C ILE A 564 -1.76 -11.82 20.20
N LEU A 565 -1.78 -11.55 18.91
CA LEU A 565 -0.60 -10.99 18.29
C LEU A 565 -0.76 -9.47 18.24
N GLN A 566 0.09 -8.77 18.96
CA GLN A 566 0.06 -7.32 19.00
C GLN A 566 1.25 -6.81 18.18
N GLU A 567 0.99 -6.27 17.00
CA GLU A 567 2.04 -5.79 16.10
C GLU A 567 2.36 -4.29 16.13
N GLY A 568 1.81 -3.56 17.09
CA GLY A 568 2.13 -2.15 17.16
C GLY A 568 1.62 -1.39 15.95
N ILE A 569 2.11 -0.17 15.75
CA ILE A 569 1.66 0.66 14.62
C ILE A 569 2.35 0.14 13.37
N ASN A 570 1.75 -0.88 12.78
CA ASN A 570 2.35 -1.56 11.65
C ASN A 570 1.27 -2.34 10.90
N ALA A 571 0.56 -1.65 10.02
CA ALA A 571 -0.51 -2.28 9.25
C ALA A 571 0.02 -3.43 8.37
N LEU A 572 1.11 -3.18 7.65
CA LEU A 572 1.65 -4.19 6.77
C LEU A 572 2.12 -5.41 7.57
N GLY A 573 2.84 -5.19 8.66
CA GLY A 573 3.30 -6.31 9.47
C GLY A 573 2.19 -7.19 10.03
N ALA A 574 1.11 -6.55 10.53
CA ALA A 574 -0.02 -7.30 11.07
C ALA A 574 -0.60 -8.11 9.92
N GLY A 575 -0.75 -7.47 8.76
CA GLY A 575 -1.27 -8.17 7.60
C GLY A 575 -0.41 -9.40 7.30
N CYS A 576 0.91 -9.27 7.43
CA CYS A 576 1.80 -10.39 7.16
C CYS A 576 1.64 -11.50 8.21
N SER A 577 1.40 -11.12 9.46
CA SER A 577 1.17 -12.11 10.50
C SER A 577 -0.13 -12.83 10.16
N TRP A 578 -1.14 -12.06 9.77
CA TRP A 578 -2.42 -12.61 9.41
C TRP A 578 -2.27 -13.59 8.24
N LEU A 579 -1.50 -13.22 7.23
CA LEU A 579 -1.32 -14.12 6.10
C LEU A 579 -0.63 -15.44 6.50
N ALA A 580 0.38 -15.36 7.35
CA ALA A 580 1.08 -16.56 7.80
C ALA A 580 0.12 -17.49 8.54
N ALA A 581 -0.70 -16.91 9.41
CA ALA A 581 -1.67 -17.70 10.17
C ALA A 581 -2.74 -18.25 9.24
N ALA A 582 -3.24 -17.39 8.34
CA ALA A 582 -4.28 -17.76 7.39
C ALA A 582 -3.88 -18.83 6.35
N THR A 583 -2.59 -19.08 6.22
CA THR A 583 -2.08 -20.07 5.28
C THR A 583 -1.36 -21.22 5.98
N SER A 584 -1.38 -21.21 7.32
CA SER A 584 -0.78 -22.28 8.11
C SER A 584 -1.39 -23.67 7.79
N TYR A 585 -2.68 -23.70 7.46
CA TYR A 585 -3.39 -24.93 7.13
C TYR A 585 -2.73 -25.68 5.97
N SER A 586 -2.18 -24.94 5.02
CA SER A 586 -1.51 -25.56 3.89
C SER A 586 -0.04 -25.77 4.24
N THR A 587 0.62 -24.69 4.65
CA THR A 587 2.03 -24.70 4.96
C THR A 587 2.51 -25.72 6.01
N ASN A 588 1.80 -25.80 7.12
CA ASN A 588 2.19 -26.72 8.19
C ASN A 588 1.12 -27.77 8.46
N ASN A 589 0.12 -27.87 7.59
CA ASN A 589 -1.00 -28.78 7.78
C ASN A 589 -1.60 -28.56 9.17
N LEU A 590 -1.66 -27.30 9.60
CA LEU A 590 -2.18 -26.94 10.91
C LEU A 590 -3.08 -25.73 10.76
N PRO A 591 -4.39 -25.95 10.61
CA PRO A 591 -5.26 -24.79 10.46
C PRO A 591 -5.28 -23.87 11.69
N MET A 592 -5.12 -22.58 11.41
CA MET A 592 -5.12 -21.51 12.42
C MET A 592 -6.09 -20.52 11.79
N ILE A 593 -6.88 -19.86 12.61
CA ILE A 593 -7.91 -18.94 12.15
C ILE A 593 -7.68 -17.53 12.67
N PRO A 594 -7.03 -16.70 11.85
CA PRO A 594 -6.71 -15.31 12.19
C PRO A 594 -7.87 -14.33 12.05
N PHE A 595 -7.94 -13.39 12.98
CA PHE A 595 -8.93 -12.33 12.98
C PHE A 595 -8.12 -11.04 13.18
N TYR A 596 -7.93 -10.28 12.10
CA TYR A 596 -7.17 -9.04 12.20
C TYR A 596 -8.13 -7.86 12.19
N ILE A 597 -8.17 -7.14 13.31
CA ILE A 597 -9.03 -5.97 13.43
C ILE A 597 -8.16 -4.71 13.49
N TYR A 598 -8.52 -3.72 12.68
N TYR A 598 -8.53 -3.72 12.67
CA TYR A 598 -7.83 -2.43 12.64
CA TYR A 598 -7.79 -2.47 12.53
C TYR A 598 -8.76 -1.43 11.95
C TYR A 598 -8.75 -1.45 11.92
N TYR A 599 -8.32 -0.18 11.84
CA TYR A 599 -9.15 0.86 11.19
C TYR A 599 -9.38 0.44 9.75
N SER A 600 -10.63 0.28 9.34
CA SER A 600 -10.91 -0.14 7.97
C SER A 600 -10.20 0.70 6.88
N MET A 601 -10.00 2.00 7.14
CA MET A 601 -9.31 2.87 6.18
C MET A 601 -7.89 2.39 5.88
N PHE A 602 -7.23 1.79 6.88
CA PHE A 602 -5.87 1.34 6.68
C PHE A 602 -5.73 -0.12 6.30
N GLY A 603 -6.81 -0.64 5.73
CA GLY A 603 -6.85 -2.00 5.27
C GLY A 603 -6.44 -2.07 3.80
N PHE A 604 -7.36 -2.41 2.90
CA PHE A 604 -6.98 -2.51 1.50
C PHE A 604 -6.29 -1.26 0.93
N GLN A 605 -6.65 -0.08 1.41
CA GLN A 605 -6.03 1.11 0.88
C GLN A 605 -4.52 1.19 1.14
N ARG A 606 -4.10 0.70 2.29
CA ARG A 606 -2.69 0.75 2.69
C ARG A 606 -1.91 -0.53 2.40
N ILE A 607 -2.55 -1.70 2.51
CA ILE A 607 -1.87 -2.97 2.29
C ILE A 607 -2.53 -3.80 1.18
N GLY A 608 -3.19 -3.10 0.24
CA GLY A 608 -3.87 -3.74 -0.85
C GLY A 608 -3.08 -4.74 -1.68
N ASP A 609 -1.79 -4.48 -1.87
CA ASP A 609 -0.95 -5.38 -2.64
C ASP A 609 -0.71 -6.69 -1.83
N LEU A 610 -0.75 -6.61 -0.50
CA LEU A 610 -0.60 -7.82 0.33
C LEU A 610 -1.93 -8.60 0.27
N CYS A 611 -3.04 -7.87 0.23
CA CYS A 611 -4.35 -8.50 0.15
C CYS A 611 -4.52 -9.29 -1.16
N TRP A 612 -4.03 -8.73 -2.26
CA TRP A 612 -4.08 -9.40 -3.55
C TRP A 612 -3.18 -10.67 -3.52
N ALA A 613 -1.99 -10.55 -2.93
CA ALA A 613 -1.08 -11.68 -2.85
C ALA A 613 -1.66 -12.74 -1.90
N ALA A 614 -2.44 -12.30 -0.90
CA ALA A 614 -3.04 -13.21 0.06
C ALA A 614 -4.06 -14.07 -0.68
N GLY A 615 -4.72 -13.46 -1.67
CA GLY A 615 -5.69 -14.18 -2.48
C GLY A 615 -4.96 -15.23 -3.31
N ASP A 616 -3.79 -14.87 -3.83
CA ASP A 616 -2.95 -15.77 -4.63
C ASP A 616 -2.48 -16.95 -3.73
N GLN A 617 -2.19 -16.65 -2.47
CA GLN A 617 -1.70 -17.63 -1.50
C GLN A 617 -2.82 -18.46 -0.85
N GLN A 618 -4.04 -18.27 -1.33
CA GLN A 618 -5.20 -19.00 -0.82
C GLN A 618 -5.38 -18.81 0.71
N ALA A 619 -5.23 -17.58 1.16
CA ALA A 619 -5.41 -17.29 2.58
C ALA A 619 -6.85 -17.60 3.01
N ARG A 620 -7.03 -18.18 4.18
CA ARG A 620 -8.38 -18.43 4.72
C ARG A 620 -8.41 -17.80 6.10
N GLY A 621 -9.07 -16.64 6.21
CA GLY A 621 -9.14 -15.97 7.49
C GLY A 621 -10.11 -14.81 7.46
N PHE A 622 -10.07 -13.99 8.49
CA PHE A 622 -10.98 -12.85 8.58
C PHE A 622 -10.24 -11.52 8.73
N LEU A 623 -10.60 -10.56 7.90
CA LEU A 623 -10.04 -9.23 8.02
C LEU A 623 -11.22 -8.42 8.56
N ILE A 624 -11.07 -7.81 9.73
CA ILE A 624 -12.18 -7.04 10.30
C ILE A 624 -11.87 -5.55 10.20
N GLY A 625 -12.63 -4.86 9.35
CA GLY A 625 -12.44 -3.44 9.17
C GLY A 625 -13.23 -2.67 10.23
N GLY A 626 -12.57 -2.35 11.34
CA GLY A 626 -13.22 -1.61 12.39
C GLY A 626 -13.41 -0.13 12.06
N THR A 627 -14.14 0.56 12.93
CA THR A 627 -14.42 1.98 12.78
C THR A 627 -14.64 2.36 11.32
N SER A 628 -15.52 1.62 10.66
CA SER A 628 -15.80 1.83 9.25
C SER A 628 -16.99 2.73 8.97
N GLY A 629 -17.16 3.09 7.70
CA GLY A 629 -18.26 3.93 7.30
C GLY A 629 -17.84 5.40 7.34
N ARG A 630 -18.05 6.13 6.26
CA ARG A 630 -17.63 7.53 6.18
C ARG A 630 -18.12 8.44 7.29
N THR A 631 -19.40 8.37 7.59
CA THR A 631 -20.01 9.23 8.61
C THR A 631 -19.92 8.73 10.03
N THR A 632 -19.58 7.45 10.21
CA THR A 632 -19.55 6.85 11.55
C THR A 632 -18.35 7.13 12.46
N LEU A 633 -17.12 7.16 11.90
CA LEU A 633 -15.92 7.49 12.69
C LEU A 633 -15.86 9.01 12.45
N ASN A 634 -16.88 9.68 12.95
CA ASN A 634 -17.12 11.10 12.72
C ASN A 634 -15.93 12.03 12.97
N GLY A 635 -15.35 11.99 14.18
CA GLY A 635 -14.42 13.03 14.52
C GLY A 635 -13.07 13.01 13.83
N GLU A 636 -12.72 11.85 13.29
CA GLU A 636 -11.42 11.65 12.70
C GLU A 636 -11.09 12.35 11.39
N GLY A 637 -12.11 12.53 10.55
CA GLY A 637 -11.87 13.25 9.32
C GLY A 637 -11.33 12.50 8.12
N LEU A 638 -10.88 13.30 7.16
CA LEU A 638 -10.39 12.85 5.88
C LEU A 638 -9.67 11.50 5.91
N GLN A 639 -8.46 11.47 6.45
CA GLN A 639 -7.62 10.27 6.25
C GLN A 639 -8.05 9.04 7.06
N HIS A 640 -9.17 9.15 7.77
CA HIS A 640 -9.70 8.07 8.59
C HIS A 640 -11.11 7.57 8.22
N GLU A 641 -11.95 8.48 7.69
CA GLU A 641 -13.31 8.13 7.35
C GLU A 641 -13.42 7.30 6.08
N ASP A 642 -13.72 6.03 6.28
CA ASP A 642 -13.79 5.07 5.21
C ASP A 642 -15.15 4.88 4.56
N GLY A 643 -15.28 5.46 3.36
CA GLY A 643 -16.50 5.31 2.58
C GLY A 643 -16.19 4.51 1.31
N HIS A 644 -15.09 3.77 1.29
CA HIS A 644 -14.73 3.04 0.06
C HIS A 644 -13.94 1.71 0.13
N SER A 645 -13.62 1.25 1.34
CA SER A 645 -12.88 0.00 1.46
C SER A 645 -13.60 -1.13 0.72
N HIS A 646 -14.94 -1.12 0.72
CA HIS A 646 -15.70 -2.17 0.00
C HIS A 646 -15.51 -2.08 -1.51
N ILE A 647 -15.19 -0.90 -2.00
CA ILE A 647 -14.95 -0.75 -3.42
C ILE A 647 -13.61 -1.41 -3.75
N GLN A 648 -12.65 -1.28 -2.84
CA GLN A 648 -11.35 -1.88 -3.00
C GLN A 648 -11.42 -3.39 -2.77
N SER A 649 -12.12 -3.83 -1.71
CA SER A 649 -12.24 -5.27 -1.43
C SER A 649 -12.95 -6.07 -2.53
N LEU A 650 -13.91 -5.47 -3.22
CA LEU A 650 -14.61 -6.20 -4.25
C LEU A 650 -13.77 -6.54 -5.49
N THR A 651 -12.57 -5.98 -5.58
CA THR A 651 -11.68 -6.27 -6.71
C THR A 651 -10.93 -7.60 -6.49
N ILE A 652 -11.00 -8.14 -5.28
CA ILE A 652 -10.33 -9.38 -4.98
C ILE A 652 -11.30 -10.53 -5.17
N PRO A 653 -11.10 -11.31 -6.25
CA PRO A 653 -11.93 -12.46 -6.62
C PRO A 653 -12.30 -13.38 -5.45
N ASN A 654 -11.32 -13.78 -4.65
CA ASN A 654 -11.65 -14.68 -3.55
C ASN A 654 -11.79 -14.06 -2.16
N CYS A 655 -12.17 -12.79 -2.10
CA CYS A 655 -12.41 -12.15 -0.81
C CYS A 655 -13.93 -11.97 -0.79
N ILE A 656 -14.57 -12.41 0.30
CA ILE A 656 -16.02 -12.31 0.50
C ILE A 656 -16.26 -11.15 1.47
N SER A 657 -16.97 -10.13 1.02
CA SER A 657 -17.22 -8.92 1.80
C SER A 657 -18.62 -8.68 2.34
N TYR A 658 -18.73 -8.22 3.59
CA TYR A 658 -20.03 -7.91 4.19
C TYR A 658 -19.99 -6.58 4.97
N ASP A 659 -21.13 -5.89 5.00
CA ASP A 659 -21.31 -4.62 5.73
C ASP A 659 -22.59 -4.73 6.59
N PRO A 660 -22.56 -5.58 7.63
CA PRO A 660 -23.73 -5.80 8.51
C PRO A 660 -24.16 -4.62 9.37
N ALA A 661 -25.46 -4.53 9.59
CA ALA A 661 -26.07 -3.49 10.44
C ALA A 661 -26.29 -4.03 11.85
N TYR A 662 -26.62 -5.31 11.96
CA TYR A 662 -26.91 -5.91 13.26
C TYR A 662 -26.01 -6.99 13.83
N ALA A 663 -26.08 -7.12 15.16
CA ALA A 663 -25.31 -8.13 15.87
C ALA A 663 -25.63 -9.55 15.36
N TYR A 664 -26.90 -9.88 15.09
CA TYR A 664 -27.19 -11.24 14.63
C TYR A 664 -26.59 -11.53 13.26
N GLU A 665 -26.50 -10.52 12.40
CA GLU A 665 -25.93 -10.72 11.08
C GLU A 665 -24.43 -11.03 11.22
N VAL A 666 -23.76 -10.32 12.12
CA VAL A 666 -22.35 -10.58 12.34
C VAL A 666 -22.16 -12.05 12.74
N ALA A 667 -23.01 -12.51 13.66
CA ALA A 667 -22.99 -13.89 14.13
C ALA A 667 -23.12 -14.92 12.98
N VAL A 668 -24.17 -14.76 12.19
CA VAL A 668 -24.47 -15.64 11.05
C VAL A 668 -23.34 -15.61 10.02
N ILE A 669 -22.87 -14.41 9.72
CA ILE A 669 -21.80 -14.26 8.74
C ILE A 669 -20.53 -14.97 9.20
N MET A 670 -20.14 -14.74 10.46
CA MET A 670 -18.94 -15.33 10.99
C MET A 670 -19.02 -16.84 11.06
N HIS A 671 -20.20 -17.34 11.42
CA HIS A 671 -20.39 -18.78 11.50
C HIS A 671 -20.21 -19.40 10.12
N ASP A 672 -20.78 -18.75 9.12
CA ASP A 672 -20.69 -19.23 7.74
C ASP A 672 -19.28 -19.24 7.16
N GLY A 673 -18.51 -18.19 7.42
CA GLY A 673 -17.16 -18.16 6.90
C GLY A 673 -16.32 -19.26 7.53
N LEU A 674 -16.52 -19.42 8.83
CA LEU A 674 -15.82 -20.42 9.60
C LEU A 674 -16.07 -21.77 8.96
N GLU A 675 -17.35 -22.05 8.79
CA GLU A 675 -17.80 -23.28 8.19
C GLU A 675 -17.19 -23.46 6.80
N ARG A 676 -17.40 -22.47 5.92
CA ARG A 676 -16.87 -22.55 4.55
C ARG A 676 -15.36 -22.76 4.45
N MET A 677 -14.61 -21.98 5.20
CA MET A 677 -13.16 -22.04 5.15
C MET A 677 -12.52 -23.17 5.95
N TYR A 678 -13.07 -23.48 7.13
CA TYR A 678 -12.48 -24.50 7.98
C TYR A 678 -13.33 -25.72 8.29
N GLY A 679 -14.46 -25.82 7.62
CA GLY A 679 -15.36 -26.97 7.72
C GLY A 679 -14.94 -27.89 6.57
N GLU A 680 -15.68 -28.96 6.33
CA GLU A 680 -15.30 -29.90 5.29
C GLU A 680 -15.14 -29.31 3.89
N LYS A 681 -15.94 -28.30 3.58
CA LYS A 681 -15.87 -27.66 2.27
C LYS A 681 -14.45 -27.12 1.97
N GLN A 682 -13.79 -26.58 2.97
CA GLN A 682 -12.46 -26.02 2.79
C GLN A 682 -12.37 -25.10 1.56
N GLU A 683 -13.28 -24.14 1.50
CA GLU A 683 -13.34 -23.19 0.41
C GLU A 683 -12.16 -22.21 0.54
N ASN A 684 -11.48 -21.96 -0.57
CA ASN A 684 -10.35 -21.04 -0.58
C ASN A 684 -10.80 -19.59 -0.81
N VAL A 685 -11.27 -18.98 0.27
CA VAL A 685 -11.70 -17.58 0.25
C VAL A 685 -11.35 -17.04 1.62
N TYR A 686 -11.32 -15.72 1.76
CA TYR A 686 -11.12 -15.12 3.05
C TYR A 686 -12.22 -14.06 3.14
N TYR A 687 -12.57 -13.70 4.37
CA TYR A 687 -13.66 -12.76 4.64
C TYR A 687 -13.22 -11.37 5.02
N TYR A 688 -14.02 -10.38 4.63
CA TYR A 688 -13.77 -8.98 4.99
C TYR A 688 -15.13 -8.52 5.53
N ILE A 689 -15.16 -8.11 6.79
CA ILE A 689 -16.40 -7.65 7.40
C ILE A 689 -16.09 -6.29 7.99
N THR A 690 -16.89 -5.29 7.67
CA THR A 690 -16.67 -3.96 8.23
C THR A 690 -17.53 -3.87 9.47
N THR A 691 -16.99 -3.38 10.57
CA THR A 691 -17.73 -3.28 11.82
C THR A 691 -17.76 -1.81 12.24
N LEU A 692 -18.65 -1.51 13.18
CA LEU A 692 -18.89 -0.13 13.61
C LEU A 692 -18.58 0.21 15.04
N ASN A 693 -18.36 1.49 15.28
CA ASN A 693 -18.06 1.93 16.62
C ASN A 693 -19.22 2.69 17.23
N GLU A 694 -20.38 2.62 16.60
CA GLU A 694 -21.58 3.31 17.10
C GLU A 694 -22.54 2.29 17.73
N ASN A 695 -23.07 2.59 18.92
CA ASN A 695 -23.99 1.69 19.57
C ASN A 695 -25.40 2.08 19.27
N TYR A 696 -26.25 1.09 19.11
CA TYR A 696 -27.67 1.33 18.89
C TYR A 696 -28.41 0.05 19.22
N HIS A 697 -29.74 0.14 19.24
CA HIS A 697 -30.57 -0.99 19.55
C HIS A 697 -30.34 -2.13 18.56
N MET A 698 -30.08 -3.31 19.09
CA MET A 698 -29.86 -4.51 18.28
C MET A 698 -31.08 -5.43 18.45
N PRO A 699 -31.92 -5.53 17.42
CA PRO A 699 -33.12 -6.39 17.46
C PRO A 699 -32.81 -7.86 17.25
N ALA A 700 -33.82 -8.70 17.45
CA ALA A 700 -33.65 -10.14 17.27
C ALA A 700 -33.61 -10.50 15.80
N MET A 701 -32.89 -11.56 15.46
CA MET A 701 -32.85 -12.00 14.06
C MET A 701 -34.24 -12.54 13.74
N PRO A 702 -34.79 -12.22 12.56
CA PRO A 702 -36.12 -12.73 12.19
C PRO A 702 -35.96 -14.24 11.92
N GLU A 703 -36.97 -15.06 12.23
CA GLU A 703 -36.85 -16.50 11.98
C GLU A 703 -36.68 -16.76 10.48
N GLY A 704 -35.78 -17.67 10.12
CA GLY A 704 -35.56 -17.96 8.72
C GLY A 704 -34.66 -17.01 7.91
N ALA A 705 -34.17 -15.94 8.54
CA ALA A 705 -33.33 -14.99 7.80
C ALA A 705 -31.89 -15.43 7.51
N GLU A 706 -31.42 -16.49 8.15
CA GLU A 706 -30.04 -16.96 7.96
C GLU A 706 -29.50 -16.99 6.54
N GLU A 707 -30.17 -17.71 5.67
CA GLU A 707 -29.70 -17.82 4.30
C GLU A 707 -29.71 -16.48 3.57
N GLY A 708 -30.68 -15.61 3.86
CA GLY A 708 -30.70 -14.31 3.21
C GLY A 708 -29.51 -13.49 3.69
N ILE A 709 -29.22 -13.56 4.97
CA ILE A 709 -28.09 -12.85 5.53
C ILE A 709 -26.81 -13.28 4.81
N ARG A 710 -26.57 -14.58 4.69
CA ARG A 710 -25.38 -15.10 4.00
C ARG A 710 -25.36 -14.70 2.54
N LYS A 711 -26.52 -14.75 1.88
CA LYS A 711 -26.65 -14.40 0.46
C LYS A 711 -26.42 -12.91 0.17
N GLY A 712 -26.73 -12.07 1.16
CA GLY A 712 -26.54 -10.64 1.01
C GLY A 712 -27.74 -9.73 1.20
N ILE A 713 -28.96 -10.28 1.18
CA ILE A 713 -30.14 -9.45 1.34
C ILE A 713 -31.35 -10.22 1.87
N TYR A 714 -32.16 -9.57 2.70
CA TYR A 714 -33.39 -10.17 3.22
C TYR A 714 -34.34 -9.04 3.62
N LYS A 715 -35.63 -9.25 3.42
CA LYS A 715 -36.63 -8.24 3.75
C LYS A 715 -36.85 -8.18 5.26
N LEU A 716 -36.54 -7.04 5.88
CA LEU A 716 -36.74 -6.89 7.32
C LEU A 716 -38.21 -6.81 7.64
N GLU A 717 -38.89 -5.87 7.00
CA GLU A 717 -40.30 -5.67 7.27
C GLU A 717 -40.99 -4.95 6.15
N THR A 718 -42.31 -4.91 6.25
CA THR A 718 -43.18 -4.24 5.29
C THR A 718 -44.08 -3.31 6.12
N ILE A 719 -44.17 -2.05 5.71
CA ILE A 719 -44.99 -1.07 6.41
C ILE A 719 -46.12 -0.71 5.49
N GLU A 720 -47.35 -0.70 6.01
CA GLU A 720 -48.52 -0.39 5.19
C GLU A 720 -48.58 1.08 4.84
N GLY A 721 -49.37 1.38 3.82
CA GLY A 721 -49.50 2.76 3.39
C GLY A 721 -50.42 2.73 2.21
N SER A 722 -51.38 3.64 2.20
CA SER A 722 -52.36 3.71 1.13
C SER A 722 -52.00 4.59 -0.05
N LYS A 723 -51.14 5.58 0.13
CA LYS A 723 -50.86 6.50 -0.98
C LYS A 723 -49.61 6.27 -1.82
N GLY A 724 -48.98 5.10 -1.66
CA GLY A 724 -47.78 4.80 -2.43
C GLY A 724 -47.03 3.60 -1.90
N LYS A 725 -46.08 3.10 -2.69
CA LYS A 725 -45.28 1.96 -2.25
C LYS A 725 -43.87 2.06 -2.82
N VAL A 726 -42.86 1.95 -1.94
CA VAL A 726 -41.48 2.00 -2.37
C VAL A 726 -40.71 0.92 -1.63
N GLN A 727 -39.49 0.64 -2.07
CA GLN A 727 -38.63 -0.35 -1.41
C GLN A 727 -37.41 0.43 -0.92
N LEU A 728 -36.99 0.17 0.32
CA LEU A 728 -35.85 0.90 0.88
C LEU A 728 -34.76 -0.09 1.30
N LEU A 729 -33.53 0.14 0.80
CA LEU A 729 -32.40 -0.73 1.11
C LEU A 729 -31.32 -0.01 1.93
N GLY A 730 -30.81 -0.69 2.95
CA GLY A 730 -29.78 -0.09 3.77
C GLY A 730 -28.78 -1.12 4.24
N SER A 731 -27.61 -0.65 4.61
CA SER A 731 -26.59 -1.55 5.10
C SER A 731 -25.78 -0.81 6.16
N GLY A 732 -25.05 -1.56 6.99
CA GLY A 732 -24.23 -0.95 8.02
C GLY A 732 -24.96 0.02 8.95
N SER A 733 -24.25 1.06 9.37
CA SER A 733 -24.79 2.07 10.26
C SER A 733 -25.96 2.84 9.65
N ILE A 734 -26.03 2.88 8.33
CA ILE A 734 -27.08 3.63 7.67
C ILE A 734 -28.47 2.95 7.64
N LEU A 735 -28.51 1.63 7.82
CA LEU A 735 -29.78 0.92 7.80
C LEU A 735 -30.79 1.53 8.82
N ARG A 736 -30.29 1.87 9.99
CA ARG A 736 -31.06 2.45 11.07
C ARG A 736 -31.80 3.72 10.57
N HIS A 737 -31.14 4.48 9.73
CA HIS A 737 -31.72 5.72 9.21
C HIS A 737 -32.72 5.48 8.06
N VAL A 738 -32.51 4.40 7.32
CA VAL A 738 -33.39 4.04 6.22
C VAL A 738 -34.72 3.59 6.84
N ARG A 739 -34.62 2.93 7.99
CA ARG A 739 -35.82 2.49 8.68
C ARG A 739 -36.53 3.70 9.28
N GLU A 740 -35.79 4.71 9.69
CA GLU A 740 -36.46 5.90 10.23
C GLU A 740 -37.24 6.56 9.09
N ALA A 741 -36.66 6.58 7.89
CA ALA A 741 -37.30 7.17 6.72
C ALA A 741 -38.54 6.36 6.35
N ALA A 742 -38.48 5.04 6.55
CA ALA A 742 -39.60 4.16 6.25
C ALA A 742 -40.80 4.63 7.07
N GLU A 743 -40.60 4.93 8.36
CA GLU A 743 -41.72 5.37 9.19
C GLU A 743 -42.18 6.78 8.83
N ILE A 744 -41.25 7.68 8.53
CA ILE A 744 -41.67 9.03 8.16
C ILE A 744 -42.54 8.99 6.89
N LEU A 745 -42.18 8.14 5.94
CA LEU A 745 -42.95 8.05 4.70
C LEU A 745 -44.36 7.51 4.99
N ALA A 746 -44.43 6.53 5.87
CA ALA A 746 -45.70 5.92 6.23
C ALA A 746 -46.53 6.93 7.04
N LYS A 747 -45.91 7.49 8.06
CA LYS A 747 -46.57 8.43 8.96
C LYS A 747 -46.97 9.77 8.36
N ASP A 748 -46.07 10.40 7.63
CA ASP A 748 -46.39 11.72 7.05
C ASP A 748 -46.91 11.72 5.63
N TYR A 749 -46.60 10.69 4.86
CA TYR A 749 -47.04 10.69 3.48
C TYR A 749 -47.94 9.57 3.01
N GLY A 750 -48.24 8.61 3.88
CA GLY A 750 -49.12 7.51 3.51
C GLY A 750 -48.43 6.50 2.62
N VAL A 751 -47.13 6.68 2.42
CA VAL A 751 -46.32 5.81 1.57
C VAL A 751 -45.81 4.58 2.31
N GLY A 752 -46.22 3.40 1.85
CA GLY A 752 -45.79 2.16 2.49
C GLY A 752 -44.46 1.69 1.92
N SER A 753 -43.92 0.62 2.46
CA SER A 753 -42.66 0.14 1.92
C SER A 753 -42.17 -1.22 2.40
N ASP A 754 -41.27 -1.78 1.61
CA ASP A 754 -40.60 -3.01 1.98
C ASP A 754 -39.20 -2.53 2.36
N VAL A 755 -38.77 -2.90 3.56
CA VAL A 755 -37.46 -2.52 4.06
C VAL A 755 -36.54 -3.73 4.07
N TYR A 756 -35.43 -3.62 3.36
CA TYR A 756 -34.47 -4.70 3.28
C TYR A 756 -33.12 -4.34 3.90
N SER A 757 -32.53 -5.30 4.60
CA SER A 757 -31.21 -5.10 5.14
C SER A 757 -30.30 -5.73 4.08
N VAL A 758 -29.27 -5.03 3.62
CA VAL A 758 -28.36 -5.60 2.62
C VAL A 758 -27.05 -5.85 3.34
N THR A 759 -26.79 -7.10 3.65
CA THR A 759 -25.57 -7.43 4.35
C THR A 759 -24.37 -7.46 3.40
N SER A 760 -24.64 -7.53 2.10
CA SER A 760 -23.53 -7.54 1.13
C SER A 760 -23.94 -7.22 -0.30
N PHE A 761 -23.81 -5.96 -0.69
CA PHE A 761 -24.14 -5.57 -2.06
C PHE A 761 -23.20 -6.32 -3.02
N THR A 762 -21.94 -6.45 -2.62
CA THR A 762 -20.95 -7.11 -3.44
C THR A 762 -21.30 -8.56 -3.76
N GLU A 763 -21.71 -9.35 -2.76
CA GLU A 763 -22.06 -10.74 -3.02
C GLU A 763 -23.28 -10.84 -3.94
N LEU A 764 -24.20 -9.87 -3.83
CA LEU A 764 -25.38 -9.85 -4.69
C LEU A 764 -25.01 -9.47 -6.14
N ALA A 765 -24.09 -8.53 -6.29
CA ALA A 765 -23.68 -8.10 -7.62
C ALA A 765 -22.96 -9.25 -8.32
N ARG A 766 -22.13 -9.99 -7.58
CA ARG A 766 -21.41 -11.13 -8.16
C ARG A 766 -22.41 -12.22 -8.58
N ASP A 767 -23.41 -12.45 -7.75
CA ASP A 767 -24.44 -13.44 -8.06
C ASP A 767 -25.16 -12.96 -9.33
N GLY A 768 -25.51 -11.68 -9.35
CA GLY A 768 -26.21 -11.13 -10.51
C GLY A 768 -25.41 -11.31 -11.78
N GLN A 769 -24.10 -11.04 -11.67
CA GLN A 769 -23.20 -11.18 -12.82
C GLN A 769 -23.11 -12.62 -13.30
N ASP A 770 -23.05 -13.57 -12.37
CA ASP A 770 -22.96 -14.98 -12.72
C ASP A 770 -24.22 -15.42 -13.48
N CYS A 771 -25.37 -14.91 -13.04
CA CYS A 771 -26.65 -15.25 -13.67
C CYS A 771 -26.73 -14.68 -15.08
N GLU A 772 -26.31 -13.42 -15.27
CA GLU A 772 -26.39 -12.84 -16.60
C GLU A 772 -25.38 -13.50 -17.53
N ARG A 773 -24.22 -13.87 -16.97
CA ARG A 773 -23.19 -14.54 -17.75
C ARG A 773 -23.76 -15.89 -18.24
N TRP A 774 -24.30 -16.67 -17.31
CA TRP A 774 -24.87 -17.94 -17.65
C TRP A 774 -25.98 -17.77 -18.69
N ASN A 775 -26.91 -16.83 -18.48
CA ASN A 775 -28.01 -16.59 -19.43
C ASN A 775 -27.51 -16.26 -20.85
N MET A 776 -26.45 -15.47 -20.93
CA MET A 776 -25.87 -15.09 -22.21
C MET A 776 -25.26 -16.31 -22.90
N LEU A 777 -24.66 -17.21 -22.14
CA LEU A 777 -24.04 -18.40 -22.72
C LEU A 777 -25.00 -19.55 -22.97
N HIS A 778 -26.24 -19.42 -22.51
CA HIS A 778 -27.26 -20.47 -22.72
C HIS A 778 -28.51 -19.78 -23.21
N PRO A 779 -28.50 -19.27 -24.46
CA PRO A 779 -29.65 -18.57 -25.07
C PRO A 779 -30.93 -19.38 -25.28
N LEU A 780 -30.81 -20.70 -25.30
CA LEU A 780 -32.00 -21.56 -25.48
C LEU A 780 -32.61 -21.96 -24.14
N GLU A 781 -31.98 -21.57 -23.04
CA GLU A 781 -32.50 -21.94 -21.74
C GLU A 781 -33.32 -20.83 -21.13
N THR A 782 -34.06 -21.15 -20.07
CA THR A 782 -34.89 -20.18 -19.39
C THR A 782 -33.92 -19.32 -18.57
N PRO A 783 -34.02 -17.99 -18.67
CA PRO A 783 -33.13 -17.08 -17.93
C PRO A 783 -33.10 -17.31 -16.43
N ARG A 784 -31.92 -17.42 -15.85
CA ARG A 784 -31.82 -17.61 -14.42
C ARG A 784 -32.06 -16.23 -13.78
N VAL A 785 -32.62 -16.24 -12.56
CA VAL A 785 -32.95 -15.00 -11.87
C VAL A 785 -32.00 -14.70 -10.69
N PRO A 786 -31.34 -13.52 -10.74
CA PRO A 786 -30.43 -13.14 -9.65
C PRO A 786 -31.17 -13.16 -8.30
N TYR A 787 -30.50 -13.61 -7.23
CA TYR A 787 -31.11 -13.66 -5.92
C TYR A 787 -31.74 -12.32 -5.45
N ILE A 788 -31.09 -11.20 -5.74
CA ILE A 788 -31.64 -9.92 -5.29
C ILE A 788 -32.97 -9.65 -5.99
N ALA A 789 -33.07 -10.12 -7.23
CA ALA A 789 -34.29 -9.95 -8.04
C ALA A 789 -35.40 -10.87 -7.51
N GLN A 790 -35.00 -11.94 -6.84
CA GLN A 790 -35.95 -12.86 -6.25
C GLN A 790 -36.50 -12.30 -4.96
N VAL A 791 -35.66 -11.60 -4.20
CA VAL A 791 -36.06 -11.03 -2.93
C VAL A 791 -36.86 -9.74 -3.07
N MET A 792 -36.47 -8.89 -4.01
CA MET A 792 -37.12 -7.60 -4.24
C MET A 792 -38.29 -7.67 -5.20
N ASN A 793 -39.05 -6.59 -5.28
CA ASN A 793 -40.18 -6.51 -6.20
C ASN A 793 -39.95 -5.34 -7.14
N ASP A 794 -40.98 -4.91 -7.85
CA ASP A 794 -40.82 -3.83 -8.82
C ASP A 794 -41.14 -2.41 -8.40
N ALA A 795 -41.52 -2.20 -7.14
CA ALA A 795 -41.84 -0.85 -6.67
C ALA A 795 -40.57 0.01 -6.63
N PRO A 796 -40.70 1.31 -6.96
CA PRO A 796 -39.54 2.21 -6.94
C PRO A 796 -38.72 2.01 -5.68
N ALA A 797 -37.39 1.93 -5.85
CA ALA A 797 -36.47 1.68 -4.75
C ALA A 797 -35.42 2.75 -4.46
N VAL A 798 -35.05 2.87 -3.19
CA VAL A 798 -34.03 3.82 -2.75
C VAL A 798 -33.04 3.07 -1.85
N ALA A 799 -31.76 3.31 -2.06
CA ALA A 799 -30.75 2.66 -1.23
C ALA A 799 -29.80 3.72 -0.63
N SER A 800 -29.34 3.48 0.59
CA SER A 800 -28.42 4.39 1.25
C SER A 800 -27.43 3.59 2.08
N THR A 801 -26.15 3.98 2.06
CA THR A 801 -25.15 3.30 2.86
C THR A 801 -24.11 4.35 3.29
N ASP A 802 -23.18 3.91 4.12
CA ASP A 802 -22.12 4.77 4.61
C ASP A 802 -20.91 4.77 3.64
N TYR A 803 -21.10 4.17 2.46
CA TYR A 803 -20.06 4.10 1.43
C TYR A 803 -20.48 4.87 0.18
N MET A 804 -19.55 5.06 -0.75
CA MET A 804 -19.84 5.81 -1.99
C MET A 804 -20.92 5.10 -2.78
N LYS A 805 -21.71 5.88 -3.52
CA LYS A 805 -22.82 5.38 -4.31
C LYS A 805 -22.62 4.08 -5.10
N LEU A 806 -21.47 3.94 -5.75
CA LEU A 806 -21.18 2.73 -6.53
C LEU A 806 -21.33 1.45 -5.68
N PHE A 807 -21.11 1.55 -4.38
CA PHE A 807 -21.25 0.36 -3.54
C PHE A 807 -22.66 -0.22 -3.68
N ALA A 808 -23.67 0.64 -3.72
CA ALA A 808 -25.03 0.18 -3.90
C ALA A 808 -25.42 0.16 -5.38
N GLU A 809 -24.83 1.04 -6.17
CA GLU A 809 -25.14 1.09 -7.60
C GLU A 809 -24.72 -0.20 -8.34
N GLN A 810 -23.70 -0.89 -7.87
CA GLN A 810 -23.22 -2.11 -8.52
C GLN A 810 -24.30 -3.17 -8.77
N VAL A 811 -25.44 -3.11 -8.05
CA VAL A 811 -26.51 -4.09 -8.30
C VAL A 811 -27.64 -3.59 -9.19
N ARG A 812 -27.50 -2.38 -9.75
CA ARG A 812 -28.55 -1.79 -10.60
C ARG A 812 -29.13 -2.73 -11.67
N THR A 813 -28.25 -3.33 -12.45
CA THR A 813 -28.67 -4.24 -13.51
C THR A 813 -29.57 -5.37 -13.02
N TYR A 814 -29.42 -5.77 -11.77
CA TYR A 814 -30.17 -6.91 -11.24
C TYR A 814 -31.40 -6.55 -10.41
N VAL A 815 -31.58 -5.25 -10.15
CA VAL A 815 -32.72 -4.76 -9.37
C VAL A 815 -33.89 -4.68 -10.33
N PRO A 816 -34.94 -5.47 -10.07
CA PRO A 816 -36.14 -5.53 -10.90
C PRO A 816 -37.10 -4.34 -10.84
N ALA A 817 -36.63 -3.17 -10.49
CA ALA A 817 -37.55 -2.03 -10.44
C ALA A 817 -37.08 -1.03 -11.49
N ASP A 818 -37.99 -0.26 -12.07
CA ASP A 818 -37.59 0.71 -13.09
C ASP A 818 -36.80 1.85 -12.48
N ASP A 819 -37.05 2.10 -11.21
CA ASP A 819 -36.37 3.19 -10.57
C ASP A 819 -35.62 2.71 -9.35
N TYR A 820 -34.32 3.00 -9.35
CA TYR A 820 -33.41 2.63 -8.28
C TYR A 820 -32.51 3.85 -8.01
N ARG A 821 -32.77 4.55 -6.91
CA ARG A 821 -32.01 5.74 -6.53
C ARG A 821 -30.99 5.34 -5.48
N VAL A 822 -29.77 5.81 -5.64
CA VAL A 822 -28.80 5.44 -4.66
C VAL A 822 -28.17 6.65 -3.98
N LEU A 823 -28.15 6.61 -2.66
CA LEU A 823 -27.54 7.64 -1.84
C LEU A 823 -26.21 7.04 -1.30
N GLY A 824 -25.17 7.87 -1.21
CA GLY A 824 -23.88 7.38 -0.76
C GLY A 824 -22.96 8.48 -0.29
N THR A 825 -21.82 8.09 0.29
CA THR A 825 -20.88 9.04 0.86
C THR A 825 -19.67 9.42 0.02
N ASP A 826 -19.89 9.65 -1.28
CA ASP A 826 -18.81 10.04 -2.18
C ASP A 826 -18.23 11.34 -1.67
N GLY A 827 -16.91 11.45 -1.71
CA GLY A 827 -16.28 12.67 -1.26
C GLY A 827 -15.39 12.47 -0.07
N PHE A 828 -14.49 13.44 0.14
CA PHE A 828 -13.57 13.41 1.24
C PHE A 828 -14.29 13.62 2.56
N GLY A 829 -13.91 12.82 3.55
CA GLY A 829 -14.49 12.95 4.86
C GLY A 829 -13.94 14.18 5.56
N ARG A 830 -14.54 14.49 6.69
CA ARG A 830 -14.14 15.67 7.47
C ARG A 830 -14.71 15.49 8.86
N SER A 831 -14.21 16.27 9.79
CA SER A 831 -14.62 16.16 11.18
C SER A 831 -15.92 16.85 11.53
N ASP A 832 -16.77 16.13 12.25
CA ASP A 832 -18.02 16.68 12.75
C ASP A 832 -18.77 15.61 13.52
N SER A 833 -19.97 15.95 13.97
CA SER A 833 -20.84 15.02 14.70
C SER A 833 -21.44 14.06 13.65
N ARG A 834 -21.78 12.85 14.06
CA ARG A 834 -22.39 11.90 13.10
C ARG A 834 -23.59 12.54 12.37
N GLU A 835 -24.47 13.20 13.11
CA GLU A 835 -25.64 13.83 12.49
C GLU A 835 -25.27 14.84 11.41
N ASN A 836 -24.27 15.68 11.68
CA ASN A 836 -23.89 16.66 10.68
C ASN A 836 -23.28 15.99 9.43
N LEU A 837 -22.46 14.96 9.61
CA LEU A 837 -21.85 14.27 8.47
C LEU A 837 -22.89 13.52 7.66
N ARG A 838 -23.87 12.93 8.34
CA ARG A 838 -24.90 12.20 7.61
C ARG A 838 -25.77 13.15 6.82
N HIS A 839 -25.81 14.41 7.24
CA HIS A 839 -26.58 15.38 6.47
C HIS A 839 -25.71 15.90 5.30
N HIS A 840 -24.44 16.17 5.58
CA HIS A 840 -23.52 16.64 4.55
C HIS A 840 -23.38 15.62 3.39
N PHE A 841 -23.16 14.34 3.71
CA PHE A 841 -23.01 13.34 2.67
C PHE A 841 -24.34 12.93 1.99
N GLU A 842 -25.43 13.51 2.48
CA GLU A 842 -26.77 13.29 1.91
C GLU A 842 -27.24 11.83 1.95
N VAL A 843 -27.13 11.19 3.11
CA VAL A 843 -27.52 9.78 3.28
C VAL A 843 -28.47 9.54 4.47
N ASP A 844 -28.77 10.59 5.25
CA ASP A 844 -29.64 10.45 6.43
C ASP A 844 -31.11 10.26 6.07
N ALA A 845 -31.95 10.06 7.07
CA ALA A 845 -33.38 9.82 6.84
C ALA A 845 -34.09 10.82 5.92
N SER A 846 -33.85 12.11 6.14
CA SER A 846 -34.56 13.09 5.33
C SER A 846 -34.18 13.00 3.85
N TYR A 847 -32.95 12.63 3.53
CA TYR A 847 -32.61 12.49 2.11
C TYR A 847 -33.23 11.21 1.55
N VAL A 848 -33.33 10.16 2.36
CA VAL A 848 -33.95 8.92 1.88
C VAL A 848 -35.41 9.23 1.56
N VAL A 849 -36.05 10.02 2.41
CA VAL A 849 -37.44 10.40 2.24
C VAL A 849 -37.59 11.22 0.95
N VAL A 850 -36.77 12.25 0.80
CA VAL A 850 -36.87 13.06 -0.40
C VAL A 850 -36.60 12.27 -1.67
N ALA A 851 -35.71 11.29 -1.60
CA ALA A 851 -35.39 10.46 -2.76
C ALA A 851 -36.57 9.56 -3.10
N ALA A 852 -37.22 9.05 -2.08
CA ALA A 852 -38.34 8.17 -2.29
C ALA A 852 -39.52 8.92 -2.91
N LEU A 853 -39.81 10.09 -2.35
CA LEU A 853 -40.91 10.90 -2.84
C LEU A 853 -40.65 11.34 -4.27
N GLY A 854 -39.39 11.61 -4.57
CA GLY A 854 -39.02 12.04 -5.91
C GLY A 854 -39.42 11.02 -6.96
N GLU A 855 -39.17 9.75 -6.64
CA GLU A 855 -39.52 8.67 -7.55
C GLU A 855 -41.04 8.56 -7.71
N LEU A 856 -41.78 8.69 -6.62
CA LEU A 856 -43.24 8.60 -6.70
C LEU A 856 -43.82 9.78 -7.49
N ALA A 857 -43.12 10.89 -7.55
CA ALA A 857 -43.61 12.05 -8.27
C ALA A 857 -43.33 11.90 -9.76
N LYS A 858 -42.20 11.28 -10.09
CA LYS A 858 -41.84 11.09 -11.48
C LYS A 858 -42.76 10.04 -12.06
N ARG A 859 -43.51 9.38 -11.18
CA ARG A 859 -44.45 8.35 -11.58
C ARG A 859 -45.87 8.89 -11.57
N GLY A 860 -46.08 10.00 -10.88
CA GLY A 860 -47.41 10.59 -10.81
C GLY A 860 -48.21 10.30 -9.56
N GLU A 861 -47.73 9.39 -8.71
CA GLU A 861 -48.49 9.06 -7.49
C GLU A 861 -48.67 10.21 -6.51
N ILE A 862 -47.80 11.21 -6.61
CA ILE A 862 -47.90 12.39 -5.76
C ILE A 862 -47.38 13.56 -6.59
N ASP A 863 -47.81 14.77 -6.26
CA ASP A 863 -47.37 15.94 -7.00
C ASP A 863 -45.97 16.42 -6.60
N LYS A 864 -45.22 16.87 -7.58
CA LYS A 864 -43.87 17.37 -7.35
C LYS A 864 -43.80 18.36 -6.21
N LYS A 865 -44.86 19.16 -6.06
CA LYS A 865 -44.88 20.16 -5.00
C LYS A 865 -44.68 19.51 -3.63
N VAL A 866 -45.10 18.26 -3.47
CA VAL A 866 -44.91 17.62 -2.16
C VAL A 866 -43.45 17.24 -1.92
N VAL A 867 -42.68 17.00 -2.99
CA VAL A 867 -41.28 16.68 -2.77
C VAL A 867 -40.54 18.01 -2.53
N ALA A 868 -41.03 19.10 -3.13
CA ALA A 868 -40.43 20.42 -2.93
C ALA A 868 -40.63 20.90 -1.49
N ASP A 869 -41.75 20.51 -0.89
CA ASP A 869 -42.01 20.91 0.50
C ASP A 869 -41.28 20.00 1.50
N ALA A 870 -41.04 18.75 1.14
CA ALA A 870 -40.30 17.86 2.04
C ALA A 870 -38.92 18.48 2.14
N ILE A 871 -38.42 18.98 1.02
CA ILE A 871 -37.12 19.62 0.93
C ILE A 871 -37.02 20.82 1.87
N ALA A 872 -38.04 21.68 1.84
CA ALA A 872 -38.04 22.85 2.71
C ALA A 872 -38.22 22.34 4.12
N LYS A 873 -39.18 21.46 4.30
CA LYS A 873 -39.49 20.87 5.59
C LYS A 873 -38.31 20.23 6.33
N PHE A 874 -37.43 19.54 5.62
CA PHE A 874 -36.28 18.88 6.24
C PHE A 874 -35.07 19.79 6.27
N ASN A 875 -35.30 21.07 5.99
CA ASN A 875 -34.23 22.05 5.96
C ASN A 875 -33.06 21.54 5.11
N ILE A 876 -33.39 20.99 3.96
CA ILE A 876 -32.36 20.49 3.05
C ILE A 876 -31.89 21.56 2.06
N ASP A 877 -30.59 21.83 2.06
CA ASP A 877 -30.02 22.84 1.17
C ASP A 877 -29.75 22.25 -0.21
N ALA A 878 -30.73 22.44 -1.10
CA ALA A 878 -30.68 21.93 -2.47
C ALA A 878 -29.51 22.41 -3.33
N ASP A 879 -28.94 23.55 -2.98
CA ASP A 879 -27.85 24.10 -3.76
C ASP A 879 -26.45 24.02 -3.11
N LYS A 880 -26.29 23.21 -2.07
CA LYS A 880 -24.94 23.12 -1.49
C LYS A 880 -24.13 22.30 -2.52
N VAL A 881 -22.82 22.49 -2.54
CA VAL A 881 -21.95 21.80 -3.49
C VAL A 881 -22.02 20.28 -3.34
N ASN A 882 -21.78 19.56 -4.43
CA ASN A 882 -21.79 18.12 -4.36
C ASN A 882 -20.72 17.68 -3.36
N PRO A 883 -21.08 16.79 -2.44
CA PRO A 883 -20.11 16.31 -1.44
C PRO A 883 -18.84 15.74 -2.10
N ARG A 884 -18.97 15.19 -3.31
CA ARG A 884 -17.80 14.63 -3.95
C ARG A 884 -16.79 15.73 -4.24
N LEU A 885 -17.30 16.95 -4.45
CA LEU A 885 -16.45 18.10 -4.75
C LEU A 885 -16.06 18.96 -3.54
N ALA A 886 -16.80 18.82 -2.44
CA ALA A 886 -16.57 19.61 -1.21
C ALA A 886 -15.23 19.43 -0.51
N ILE B 56 25.67 1.58 18.70
CA ILE B 56 24.99 2.58 19.58
C ILE B 56 26.00 3.19 20.56
N SER B 57 25.67 4.37 21.10
CA SER B 57 26.55 5.06 22.04
C SER B 57 25.94 4.93 23.43
N ASN B 58 26.55 5.55 24.43
CA ASN B 58 26.01 5.47 25.79
C ASN B 58 24.65 6.14 25.85
N TYR B 59 23.85 5.73 26.82
CA TYR B 59 22.50 6.24 27.01
C TYR B 59 22.44 7.59 27.75
N ILE B 60 23.14 8.57 27.17
CA ILE B 60 23.27 9.93 27.68
C ILE B 60 23.27 10.89 26.48
N ASN B 61 23.17 12.19 26.74
CA ASN B 61 23.14 13.17 25.66
C ASN B 61 24.33 13.07 24.72
N THR B 62 24.05 13.23 23.43
CA THR B 62 25.10 13.20 22.43
C THR B 62 25.99 14.42 22.66
N ILE B 63 25.37 15.55 23.03
CA ILE B 63 26.07 16.82 23.24
C ILE B 63 26.34 17.17 24.71
N PRO B 64 27.61 17.06 25.14
CA PRO B 64 28.01 17.38 26.52
C PRO B 64 27.80 18.87 26.82
N VAL B 65 27.58 19.21 28.08
CA VAL B 65 27.35 20.60 28.48
C VAL B 65 28.41 21.58 28.01
N GLU B 66 29.67 21.12 27.98
CA GLU B 66 30.78 21.96 27.56
C GLU B 66 30.78 22.34 26.08
N GLU B 67 29.97 21.65 25.27
CA GLU B 67 29.88 21.95 23.84
C GLU B 67 28.53 22.54 23.49
N GLN B 68 27.74 22.76 24.52
CA GLN B 68 26.39 23.26 24.37
C GLN B 68 26.35 24.78 24.25
N PRO B 69 25.80 25.32 23.14
CA PRO B 69 25.75 26.77 23.02
C PRO B 69 24.86 27.43 24.06
N GLU B 70 25.12 28.70 24.32
CA GLU B 70 24.33 29.46 25.29
C GLU B 70 22.95 29.53 24.67
N TYR B 71 21.92 29.45 25.48
CA TYR B 71 20.57 29.52 24.92
C TYR B 71 20.36 31.00 24.60
N PRO B 72 19.82 31.31 23.40
CA PRO B 72 19.57 32.69 22.98
C PRO B 72 18.31 33.41 23.41
N GLY B 73 17.27 32.68 23.80
CA GLY B 73 16.04 33.35 24.17
C GLY B 73 15.80 33.56 25.65
N ASN B 74 14.66 34.15 25.94
CA ASN B 74 14.22 34.46 27.29
C ASN B 74 13.48 33.24 27.84
N LEU B 75 14.19 32.35 28.50
CA LEU B 75 13.60 31.14 29.07
C LEU B 75 12.33 31.47 29.85
N GLU B 76 12.49 32.24 30.92
CA GLU B 76 11.35 32.62 31.76
C GLU B 76 10.16 33.04 30.90
N LEU B 77 10.39 33.98 29.99
CA LEU B 77 9.34 34.47 29.12
C LEU B 77 8.77 33.35 28.26
N GLU B 78 9.65 32.61 27.59
CA GLU B 78 9.23 31.51 26.73
C GLU B 78 8.34 30.53 27.48
N ARG B 79 8.70 30.26 28.73
CA ARG B 79 7.94 29.35 29.57
C ARG B 79 6.50 29.82 29.73
N ARG B 80 6.33 31.11 30.01
CA ARG B 80 5.01 31.70 30.19
C ARG B 80 4.15 31.51 28.94
N ILE B 81 4.73 31.81 27.79
CA ILE B 81 4.02 31.68 26.52
C ILE B 81 3.69 30.22 26.22
N ARG B 82 4.63 29.33 26.54
CA ARG B 82 4.44 27.90 26.31
C ARG B 82 3.29 27.37 27.15
N SER B 83 3.20 27.84 28.38
CA SER B 83 2.14 27.41 29.29
C SER B 83 0.75 27.84 28.79
N ALA B 84 0.67 29.00 28.17
CA ALA B 84 -0.62 29.47 27.66
C ALA B 84 -1.04 28.58 26.48
N ILE B 85 -0.06 28.16 25.69
CA ILE B 85 -0.36 27.31 24.55
C ILE B 85 -0.85 25.95 25.06
N ARG B 86 -0.17 25.37 26.04
CA ARG B 86 -0.58 24.08 26.61
C ARG B 86 -2.02 24.16 27.12
N TRP B 87 -2.29 25.22 27.87
CA TRP B 87 -3.62 25.42 28.42
C TRP B 87 -4.68 25.47 27.32
N ASN B 88 -4.50 26.38 26.36
CA ASN B 88 -5.44 26.52 25.27
C ASN B 88 -5.62 25.23 24.48
N ALA B 89 -4.55 24.47 24.30
CA ALA B 89 -4.65 23.20 23.58
C ALA B 89 -5.59 22.26 24.34
N ILE B 90 -5.34 22.08 25.63
CA ILE B 90 -6.18 21.23 26.46
C ILE B 90 -7.60 21.79 26.52
N MET B 91 -7.74 23.10 26.64
CA MET B 91 -9.09 23.69 26.67
C MET B 91 -9.90 23.36 25.39
N THR B 92 -9.23 23.44 24.25
CA THR B 92 -9.88 23.16 22.98
C THR B 92 -10.45 21.75 22.95
N VAL B 93 -9.63 20.76 23.26
CA VAL B 93 -10.05 19.37 23.28
C VAL B 93 -11.15 19.11 24.33
N LEU B 94 -10.95 19.58 25.56
CA LEU B 94 -11.96 19.41 26.62
C LEU B 94 -13.31 20.02 26.27
N ARG B 95 -13.28 21.20 25.64
CA ARG B 95 -14.51 21.84 25.26
C ARG B 95 -15.25 20.99 24.23
N ALA B 96 -14.49 20.31 23.37
CA ALA B 96 -15.11 19.45 22.36
C ALA B 96 -15.72 18.23 23.06
N SER B 97 -15.03 17.68 24.05
CA SER B 97 -15.51 16.54 24.82
C SER B 97 -16.85 16.88 25.43
N LYS B 98 -16.93 18.08 26.00
CA LYS B 98 -18.17 18.48 26.66
C LYS B 98 -19.41 18.37 25.80
N LYS B 99 -19.25 18.48 24.48
CA LYS B 99 -20.41 18.40 23.59
C LYS B 99 -20.97 16.99 23.52
N ASP B 100 -20.18 15.99 23.89
CA ASP B 100 -20.60 14.60 23.84
C ASP B 100 -21.13 14.24 22.43
N LEU B 101 -20.30 14.46 21.42
CA LEU B 101 -20.68 14.16 20.03
C LEU B 101 -19.61 13.23 19.47
N GLU B 102 -18.89 12.59 20.38
CA GLU B 102 -17.83 11.65 20.03
C GLU B 102 -16.81 12.32 19.14
N LEU B 103 -16.53 13.61 19.35
CA LEU B 103 -15.59 14.31 18.47
C LEU B 103 -14.15 13.82 18.52
N GLY B 104 -13.68 13.47 19.71
CA GLY B 104 -12.31 12.99 19.83
C GLY B 104 -11.28 14.11 19.99
N GLY B 105 -10.02 13.75 19.82
CA GLY B 105 -8.93 14.72 19.98
C GLY B 105 -7.96 14.22 21.02
N HIS B 106 -6.68 14.60 20.90
CA HIS B 106 -5.66 14.13 21.83
C HIS B 106 -5.05 15.28 22.64
N MET B 107 -4.40 14.92 23.75
CA MET B 107 -3.74 15.89 24.62
C MET B 107 -2.38 15.39 25.10
N ALA B 108 -2.34 14.12 25.53
CA ALA B 108 -1.11 13.53 26.04
C ALA B 108 0.08 13.72 25.11
N SER B 109 -0.12 13.49 23.81
CA SER B 109 1.01 13.63 22.88
C SER B 109 1.61 15.06 22.78
N PHE B 110 0.78 16.07 22.53
CA PHE B 110 1.34 17.43 22.44
C PHE B 110 2.04 17.80 23.74
N GLN B 111 1.48 17.38 24.88
CA GLN B 111 2.10 17.68 26.16
C GLN B 111 3.52 17.14 26.25
N SER B 112 3.76 15.97 25.66
CA SER B 112 5.08 15.41 25.73
C SER B 112 6.08 16.09 24.79
N SER B 113 5.60 16.64 23.69
CA SER B 113 6.49 17.24 22.69
C SER B 113 6.40 18.78 22.53
N ALA B 114 5.58 19.43 23.34
CA ALA B 114 5.37 20.88 23.25
C ALA B 114 6.65 21.74 23.30
N THR B 115 7.57 21.40 24.20
CA THR B 115 8.80 22.15 24.35
C THR B 115 9.70 22.03 23.11
N ILE B 116 9.69 20.85 22.49
CA ILE B 116 10.49 20.65 21.28
C ILE B 116 9.97 21.63 20.21
N TYR B 117 8.67 21.64 19.99
CA TYR B 117 8.06 22.55 19.00
C TYR B 117 8.28 24.01 19.38
N ASP B 118 8.15 24.32 20.65
CA ASP B 118 8.34 25.67 21.13
C ASP B 118 9.74 26.23 20.81
N VAL B 119 10.79 25.44 21.00
CA VAL B 119 12.12 25.90 20.70
C VAL B 119 12.25 26.15 19.21
N CYS B 120 11.61 25.28 18.41
CA CYS B 120 11.61 25.42 16.95
C CYS B 120 10.80 26.66 16.51
N PHE B 121 9.65 26.93 17.15
CA PHE B 121 8.87 28.09 16.75
C PHE B 121 9.57 29.38 17.16
N ASN B 122 10.35 29.34 18.24
CA ASN B 122 11.04 30.53 18.70
C ASN B 122 12.41 30.77 18.06
N HIS B 123 13.07 29.71 17.63
CA HIS B 123 14.41 29.84 17.12
C HIS B 123 14.79 29.16 15.81
N PHE B 124 13.94 28.31 15.25
CA PHE B 124 14.34 27.64 14.04
C PHE B 124 13.44 27.70 12.81
N PHE B 125 12.14 27.43 12.97
CA PHE B 125 11.21 27.40 11.84
C PHE B 125 11.07 28.66 10.99
N ARG B 126 11.52 28.59 9.75
CA ARG B 126 11.37 29.73 8.84
C ARG B 126 10.02 29.59 8.13
N ALA B 127 9.23 30.65 8.13
CA ALA B 127 7.94 30.62 7.46
C ALA B 127 8.09 31.03 5.98
N ARG B 128 7.08 30.73 5.19
CA ARG B 128 7.10 31.09 3.78
C ARG B 128 7.41 32.58 3.70
N ASN B 129 8.23 32.93 2.72
CA ASN B 129 8.65 34.32 2.53
C ASN B 129 8.77 34.62 1.05
N GLU B 130 9.34 35.78 0.73
CA GLU B 130 9.50 36.24 -0.64
C GLU B 130 10.45 35.35 -1.46
N GLN B 131 11.49 34.82 -0.82
CA GLN B 131 12.47 34.03 -1.52
C GLN B 131 12.19 32.55 -1.72
N ASP B 132 11.56 31.93 -0.73
CA ASP B 132 11.23 30.51 -0.82
C ASP B 132 10.05 30.17 0.08
N GLY B 133 9.66 28.89 0.03
CA GLY B 133 8.55 28.41 0.84
C GLY B 133 8.82 28.26 2.33
N GLY B 134 10.05 28.56 2.75
CA GLY B 134 10.37 28.46 4.17
C GLY B 134 10.65 27.02 4.56
N ASP B 135 10.75 26.72 5.86
CA ASP B 135 11.00 25.34 6.23
C ASP B 135 9.71 24.55 6.03
N LEU B 136 9.85 23.32 5.54
CA LEU B 136 8.67 22.49 5.31
C LEU B 136 8.56 21.54 6.52
N VAL B 137 7.62 21.86 7.40
CA VAL B 137 7.41 21.09 8.61
C VAL B 137 6.24 20.09 8.50
N TYR B 138 6.58 18.82 8.66
CA TYR B 138 5.61 17.73 8.66
C TYR B 138 5.27 17.52 10.17
N PHE B 139 4.30 18.28 10.67
CA PHE B 139 3.86 18.19 12.07
C PHE B 139 3.25 16.82 12.33
N GLN B 140 3.58 16.25 13.49
CA GLN B 140 2.99 14.98 13.86
C GLN B 140 1.50 15.31 13.94
N GLY B 141 0.69 14.53 13.21
CA GLY B 141 -0.73 14.79 13.15
C GLY B 141 -1.58 14.99 14.39
N HIS B 142 -1.43 14.12 15.39
CA HIS B 142 -2.27 14.27 16.57
C HIS B 142 -1.87 15.35 17.55
N ILE B 143 -0.87 16.17 17.21
CA ILE B 143 -0.54 17.27 18.12
C ILE B 143 -1.13 18.57 17.58
N SER B 144 -1.98 18.47 16.56
CA SER B 144 -2.58 19.65 15.96
C SER B 144 -3.29 20.62 16.93
N PRO B 145 -3.82 20.11 18.07
CA PRO B 145 -4.46 21.04 19.01
C PRO B 145 -3.45 22.10 19.50
N GLY B 146 -2.20 21.67 19.69
CA GLY B 146 -1.17 22.61 20.10
C GLY B 146 -0.84 23.61 18.98
N VAL B 147 -0.91 23.19 17.72
CA VAL B 147 -0.62 24.12 16.63
C VAL B 147 -1.75 25.13 16.57
N TYR B 148 -2.98 24.66 16.73
CA TYR B 148 -4.14 25.53 16.72
C TYR B 148 -4.07 26.53 17.90
N ALA B 149 -3.62 26.06 19.05
CA ALA B 149 -3.47 26.91 20.22
C ALA B 149 -2.44 28.00 19.93
N ARG B 150 -1.30 27.62 19.36
CA ARG B 150 -0.30 28.65 19.04
C ARG B 150 -0.88 29.64 18.02
N ALA B 151 -1.53 29.15 16.98
CA ALA B 151 -2.09 30.06 15.97
C ALA B 151 -3.10 31.04 16.60
N PHE B 152 -3.91 30.55 17.52
CA PHE B 152 -4.89 31.37 18.21
C PHE B 152 -4.19 32.51 18.95
N LEU B 153 -3.14 32.16 19.69
CA LEU B 153 -2.35 33.11 20.47
C LEU B 153 -1.67 34.15 19.56
N GLU B 154 -1.30 33.73 18.34
CA GLU B 154 -0.68 34.63 17.35
C GLU B 154 -1.77 35.46 16.65
N GLY B 155 -3.01 35.26 17.06
CA GLY B 155 -4.13 35.98 16.50
C GLY B 155 -4.55 35.53 15.11
N ARG B 156 -4.14 34.34 14.69
CA ARG B 156 -4.46 33.85 13.36
C ARG B 156 -5.76 33.04 13.30
N LEU B 157 -6.19 32.54 14.44
CA LEU B 157 -7.45 31.78 14.54
C LEU B 157 -8.31 32.48 15.61
N THR B 158 -9.63 32.48 15.41
CA THR B 158 -10.51 33.12 16.40
C THR B 158 -10.94 32.09 17.44
N GLN B 159 -11.44 32.59 18.55
CA GLN B 159 -11.95 31.74 19.62
C GLN B 159 -13.11 30.89 19.11
N GLU B 160 -13.92 31.43 18.21
CA GLU B 160 -15.03 30.65 17.66
C GLU B 160 -14.45 29.45 16.91
N GLN B 161 -13.34 29.66 16.21
CA GLN B 161 -12.73 28.57 15.45
C GLN B 161 -12.31 27.47 16.42
N LEU B 162 -11.61 27.84 17.49
CA LEU B 162 -11.20 26.84 18.48
C LEU B 162 -12.43 26.15 19.04
N ASP B 163 -13.52 26.90 19.19
CA ASP B 163 -14.74 26.31 19.72
C ASP B 163 -15.40 25.37 18.73
N ASN B 164 -14.98 25.43 17.47
CA ASN B 164 -15.49 24.55 16.45
C ASN B 164 -14.42 23.51 16.06
N PHE B 165 -13.54 23.19 16.99
CA PHE B 165 -12.51 22.19 16.75
C PHE B 165 -13.27 20.88 16.43
N ARG B 166 -12.91 20.23 15.33
CA ARG B 166 -13.56 19.00 14.87
C ARG B 166 -15.03 19.09 14.48
N GLN B 167 -15.48 20.28 14.11
CA GLN B 167 -16.83 20.51 13.64
C GLN B 167 -16.63 21.48 12.49
N GLU B 168 -16.31 20.93 11.32
CA GLU B 168 -16.02 21.78 10.18
C GLU B 168 -17.02 21.85 9.05
N VAL B 169 -18.07 21.05 9.11
CA VAL B 169 -19.02 21.04 8.01
C VAL B 169 -19.73 22.37 7.75
N HIS B 170 -19.92 23.18 8.77
CA HIS B 170 -20.62 24.44 8.54
C HIS B 170 -19.75 25.62 8.19
N GLY B 171 -18.46 25.35 8.01
CA GLY B 171 -17.54 26.38 7.56
C GLY B 171 -16.50 26.94 8.51
N ASN B 172 -16.86 27.24 9.77
CA ASN B 172 -15.91 28.04 10.57
C ASN B 172 -15.21 27.21 11.62
N GLY B 173 -14.81 25.99 11.25
CA GLY B 173 -14.17 25.11 12.20
C GLY B 173 -12.79 24.66 11.80
N LEU B 174 -12.25 23.72 12.57
CA LEU B 174 -10.91 23.20 12.35
C LEU B 174 -10.87 21.67 12.18
N SER B 175 -10.04 21.21 11.26
CA SER B 175 -9.93 19.78 11.01
C SER B 175 -9.23 19.16 12.19
N SER B 176 -9.53 17.90 12.41
CA SER B 176 -8.90 17.16 13.47
C SER B 176 -7.39 17.13 13.25
N TYR B 177 -6.97 16.92 12.00
CA TYR B 177 -5.56 16.77 11.66
C TYR B 177 -5.14 17.62 10.46
N PRO B 178 -3.84 17.63 10.13
CA PRO B 178 -3.42 18.44 8.98
C PRO B 178 -4.02 17.97 7.66
N HIS B 179 -5.02 18.70 7.16
CA HIS B 179 -5.67 18.35 5.89
C HIS B 179 -5.79 19.61 5.04
N PRO B 180 -4.86 19.79 4.07
CA PRO B 180 -4.85 20.95 3.19
C PRO B 180 -6.17 21.11 2.48
N LYS B 181 -6.68 20.00 1.98
CA LYS B 181 -7.96 19.99 1.27
C LYS B 181 -9.07 20.70 2.09
N LEU B 182 -9.10 20.46 3.40
CA LEU B 182 -10.11 21.04 4.28
C LEU B 182 -9.78 22.46 4.77
N MET B 183 -8.49 22.76 4.92
CA MET B 183 -8.04 24.08 5.37
C MET B 183 -6.93 24.44 4.39
N PRO B 184 -7.31 24.81 3.16
CA PRO B 184 -6.36 25.15 2.09
C PRO B 184 -5.34 26.29 2.29
N GLU B 185 -5.51 27.09 3.35
CA GLU B 185 -4.54 28.17 3.59
C GLU B 185 -3.75 27.99 4.86
N PHE B 186 -4.00 26.89 5.56
CA PHE B 186 -3.33 26.64 6.82
C PHE B 186 -2.36 25.42 6.76
N TRP B 187 -2.91 24.20 6.70
CA TRP B 187 -2.10 22.98 6.65
C TRP B 187 -1.44 22.75 5.28
N GLN B 188 -0.32 22.03 5.31
CA GLN B 188 0.44 21.72 4.11
C GLN B 188 0.68 20.25 3.82
N PHE B 189 0.99 19.48 4.86
CA PHE B 189 1.34 18.08 4.71
C PHE B 189 0.52 17.16 5.61
N PRO B 190 -0.29 16.28 4.99
CA PRO B 190 -1.13 15.33 5.70
C PRO B 190 -0.22 14.25 6.26
N THR B 191 -0.21 14.16 7.59
CA THR B 191 0.68 13.23 8.26
C THR B 191 0.01 12.20 9.16
N VAL B 192 -1.28 12.34 9.45
CA VAL B 192 -1.88 11.38 10.38
C VAL B 192 -1.90 9.94 9.98
N SER B 193 -1.73 9.65 8.70
CA SER B 193 -1.65 8.27 8.32
C SER B 193 -0.17 8.01 8.53
N MET B 194 0.14 7.46 9.69
CA MET B 194 1.50 7.20 10.08
C MET B 194 2.34 6.45 9.09
N GLY B 195 3.63 6.78 9.10
CA GLY B 195 4.57 6.16 8.19
C GLY B 195 4.75 6.97 6.91
N LEU B 196 3.71 7.65 6.45
CA LEU B 196 3.79 8.44 5.20
C LEU B 196 4.64 9.70 5.36
N GLY B 197 4.46 10.44 6.45
CA GLY B 197 5.26 11.64 6.68
C GLY B 197 6.76 11.45 6.54
N PRO B 198 7.34 10.43 7.20
CA PRO B 198 8.77 10.17 7.12
C PRO B 198 9.28 10.03 5.67
N ILE B 199 8.64 9.12 4.93
CA ILE B 199 9.07 8.88 3.56
C ILE B 199 8.72 10.08 2.68
N GLY B 200 7.59 10.74 2.95
CA GLY B 200 7.21 11.91 2.19
C GLY B 200 8.28 13.00 2.40
N ALA B 201 8.71 13.18 3.65
CA ALA B 201 9.75 14.18 3.97
C ALA B 201 11.06 13.89 3.24
N ILE B 202 11.51 12.64 3.26
CA ILE B 202 12.75 12.28 2.58
C ILE B 202 12.74 12.71 1.10
N TYR B 203 11.67 12.34 0.40
CA TYR B 203 11.57 12.68 -1.01
C TYR B 203 11.31 14.17 -1.25
N GLN B 204 10.71 14.86 -0.28
CA GLN B 204 10.49 16.29 -0.40
C GLN B 204 11.88 16.96 -0.32
N ALA B 205 12.67 16.56 0.67
CA ALA B 205 14.03 17.10 0.82
C ALA B 205 14.86 16.84 -0.46
N LYS B 206 14.71 15.64 -1.02
CA LYS B 206 15.45 15.34 -2.22
C LYS B 206 14.97 16.21 -3.38
N PHE B 207 13.67 16.49 -3.41
CA PHE B 207 13.13 17.30 -4.49
C PHE B 207 13.64 18.73 -4.39
N LEU B 208 13.81 19.24 -3.18
CA LEU B 208 14.32 20.60 -3.04
C LEU B 208 15.73 20.66 -3.63
N LYS B 209 16.51 19.62 -3.38
CA LYS B 209 17.86 19.55 -3.92
C LYS B 209 17.80 19.58 -5.42
N TYR B 210 16.90 18.79 -5.99
CA TYR B 210 16.68 18.69 -7.41
C TYR B 210 16.46 20.07 -8.03
N LEU B 211 15.52 20.81 -7.46
CA LEU B 211 15.17 22.14 -7.92
C LEU B 211 16.39 23.07 -7.96
N GLU B 212 17.27 22.92 -6.98
CA GLU B 212 18.46 23.74 -6.92
C GLU B 212 19.50 23.27 -7.93
N HIS B 213 19.70 21.98 -8.04
CA HIS B 213 20.66 21.44 -8.98
C HIS B 213 20.25 21.72 -10.40
N ARG B 214 18.94 21.71 -10.65
CA ARG B 214 18.42 21.98 -11.97
C ARG B 214 18.40 23.46 -12.28
N GLY B 215 18.72 24.28 -11.31
CA GLY B 215 18.74 25.72 -11.53
C GLY B 215 17.36 26.34 -11.65
N LEU B 216 16.36 25.72 -11.04
CA LEU B 216 15.00 26.23 -11.08
C LEU B 216 14.72 27.14 -9.90
N LYS B 217 15.26 26.81 -8.73
CA LYS B 217 15.04 27.66 -7.57
C LYS B 217 16.10 27.39 -6.52
N ASP B 218 16.56 28.45 -5.85
CA ASP B 218 17.56 28.28 -4.81
C ASP B 218 16.78 27.95 -3.54
N THR B 219 16.88 26.68 -3.14
CA THR B 219 16.17 26.18 -1.96
C THR B 219 17.15 25.90 -0.82
N SER B 220 18.40 26.30 -1.01
CA SER B 220 19.45 26.07 -0.04
C SER B 220 19.09 26.56 1.37
N LYS B 221 18.17 27.51 1.49
CA LYS B 221 17.80 28.02 2.81
C LYS B 221 16.62 27.33 3.48
N GLN B 222 16.10 26.28 2.84
CA GLN B 222 14.98 25.56 3.39
C GLN B 222 15.43 24.24 4.03
N THR B 223 14.79 23.92 5.16
CA THR B 223 15.05 22.69 5.88
C THR B 223 13.72 21.93 5.94
N VAL B 224 13.76 20.63 5.74
CA VAL B 224 12.58 19.79 5.82
C VAL B 224 12.64 19.15 7.21
N TYR B 225 11.61 19.34 8.01
CA TYR B 225 11.53 18.77 9.36
C TYR B 225 10.40 17.74 9.38
N ALA B 226 10.67 16.52 9.81
CA ALA B 226 9.59 15.53 9.91
C ALA B 226 9.48 15.12 11.38
N PHE B 227 8.38 15.50 12.02
CA PHE B 227 8.15 15.15 13.42
C PHE B 227 7.41 13.84 13.50
N LEU B 228 8.06 12.86 14.11
CA LEU B 228 7.51 11.51 14.20
C LEU B 228 7.42 10.96 15.61
N GLY B 229 6.54 9.95 15.78
CA GLY B 229 6.39 9.31 17.06
C GLY B 229 7.32 8.10 17.06
N ASP B 230 7.70 7.58 18.23
CA ASP B 230 8.58 6.42 18.20
C ASP B 230 7.78 5.19 17.79
N GLY B 231 6.53 5.12 18.25
CA GLY B 231 5.69 3.99 17.87
C GLY B 231 5.52 3.95 16.36
N GLU B 232 5.34 5.12 15.74
CA GLU B 232 5.18 5.26 14.30
C GLU B 232 6.34 4.66 13.49
N MET B 233 7.53 4.62 14.08
CA MET B 233 8.69 4.07 13.39
C MET B 233 8.58 2.56 13.07
N ASP B 234 7.57 1.89 13.62
CA ASP B 234 7.36 0.46 13.31
C ASP B 234 6.72 0.27 11.91
N GLU B 235 6.10 1.33 11.38
CA GLU B 235 5.51 1.26 10.04
C GLU B 235 6.74 1.04 9.13
N PRO B 236 6.69 0.03 8.26
CA PRO B 236 7.84 -0.22 7.38
C PRO B 236 8.23 0.99 6.54
N GLU B 237 7.26 1.84 6.20
CA GLU B 237 7.51 3.05 5.39
C GLU B 237 8.36 4.07 6.16
N SER B 238 8.34 4.00 7.49
CA SER B 238 9.09 4.93 8.33
C SER B 238 10.60 4.87 8.24
N LYS B 239 11.17 3.66 8.16
CA LYS B 239 12.61 3.51 8.08
C LYS B 239 13.02 2.84 6.77
N GLY B 240 12.02 2.35 6.05
CA GLY B 240 12.28 1.64 4.81
C GLY B 240 13.05 2.41 3.74
N ALA B 241 13.10 3.74 3.82
CA ALA B 241 13.81 4.52 2.81
C ALA B 241 14.88 5.45 3.38
N ILE B 242 15.23 5.27 4.64
CA ILE B 242 16.21 6.19 5.25
C ILE B 242 17.61 6.13 4.60
N THR B 243 17.87 5.03 3.89
CA THR B 243 19.14 4.82 3.21
C THR B 243 19.29 5.86 2.06
N ILE B 244 18.17 6.24 1.45
CA ILE B 244 18.15 7.25 0.37
C ILE B 244 18.70 8.61 0.85
N ALA B 245 18.42 8.95 2.11
CA ALA B 245 18.87 10.21 2.67
C ALA B 245 20.38 10.29 2.68
N THR B 246 21.02 9.13 2.84
CA THR B 246 22.48 9.07 2.83
C THR B 246 22.99 9.08 1.38
N ARG B 247 22.33 8.32 0.52
CA ARG B 247 22.71 8.27 -0.90
C ARG B 247 22.66 9.64 -1.52
N GLU B 248 21.62 10.38 -1.20
CA GLU B 248 21.42 11.71 -1.77
C GLU B 248 21.99 12.85 -0.93
N LYS B 249 22.66 12.51 0.17
CA LYS B 249 23.27 13.51 1.07
C LYS B 249 22.28 14.61 1.49
N LEU B 250 21.13 14.21 2.02
CA LEU B 250 20.10 15.17 2.39
C LEU B 250 20.34 15.93 3.70
N ASP B 251 21.35 16.79 3.68
CA ASP B 251 21.66 17.60 4.84
C ASP B 251 20.71 18.76 4.99
N ASN B 252 19.60 18.71 4.24
CA ASN B 252 18.55 19.72 4.36
C ASN B 252 17.36 19.01 5.04
N LEU B 253 17.61 17.81 5.58
CA LEU B 253 16.56 17.04 6.22
C LEU B 253 16.83 16.66 7.67
N VAL B 254 15.81 16.85 8.51
CA VAL B 254 15.90 16.53 9.92
C VAL B 254 14.66 15.75 10.38
N PHE B 255 14.90 14.57 10.96
CA PHE B 255 13.85 13.71 11.51
C PHE B 255 13.89 14.03 12.98
N VAL B 256 12.76 14.33 13.58
CA VAL B 256 12.71 14.58 15.00
C VAL B 256 11.81 13.49 15.56
N ILE B 257 12.40 12.53 16.25
CA ILE B 257 11.61 11.43 16.80
C ILE B 257 11.31 11.65 18.29
N ASN B 258 10.02 11.74 18.60
CA ASN B 258 9.59 11.93 19.98
C ASN B 258 9.65 10.57 20.68
N CYS B 259 10.71 10.36 21.44
CA CYS B 259 10.88 9.10 22.13
C CYS B 259 10.33 9.11 23.55
N ASN B 260 9.00 8.99 23.67
CA ASN B 260 8.39 8.94 24.99
C ASN B 260 8.27 7.48 25.42
N LEU B 261 8.74 6.58 24.56
CA LEU B 261 8.76 5.15 24.81
C LEU B 261 7.45 4.41 24.73
N GLN B 262 6.40 5.08 24.27
CA GLN B 262 5.15 4.37 24.19
C GLN B 262 4.33 4.65 22.96
N ARG B 263 3.57 3.65 22.54
CA ARG B 263 2.68 3.79 21.40
C ARG B 263 1.38 4.20 22.11
N LEU B 264 0.23 3.79 21.60
CA LEU B 264 -1.05 4.13 22.22
C LEU B 264 -1.37 3.13 23.34
N ASP B 265 -1.25 1.84 23.02
CA ASP B 265 -1.55 0.72 23.93
C ASP B 265 -0.36 0.20 24.73
N GLY B 266 0.48 1.08 25.26
CA GLY B 266 1.61 0.59 26.01
C GLY B 266 2.94 0.98 25.41
N PRO B 267 4.05 0.51 26.00
CA PRO B 267 5.42 0.81 25.55
C PRO B 267 5.75 0.25 24.16
N VAL B 268 6.60 0.95 23.40
CA VAL B 268 6.96 0.48 22.05
C VAL B 268 7.67 -0.88 22.11
N THR B 269 8.57 -1.05 23.07
CA THR B 269 9.28 -2.31 23.29
C THR B 269 9.66 -2.30 24.77
N GLY B 270 8.73 -2.73 25.61
CA GLY B 270 8.98 -2.74 27.04
C GLY B 270 10.26 -3.41 27.49
N ASN B 271 10.55 -4.55 26.91
CA ASN B 271 11.75 -5.31 27.28
C ASN B 271 13.03 -4.88 26.56
N GLY B 272 12.95 -3.87 25.72
CA GLY B 272 14.14 -3.42 25.03
C GLY B 272 14.37 -1.92 25.26
N LYS B 273 15.06 -1.29 24.33
CA LYS B 273 15.35 0.13 24.39
C LYS B 273 15.16 0.67 22.97
N ILE B 274 13.99 1.24 22.67
CA ILE B 274 13.77 1.74 21.32
C ILE B 274 14.74 2.80 20.90
N ILE B 275 15.19 3.63 21.83
CA ILE B 275 16.14 4.68 21.45
C ILE B 275 17.44 4.06 20.93
N ASN B 276 17.87 2.98 21.56
CA ASN B 276 19.07 2.28 21.09
C ASN B 276 18.79 1.61 19.73
N GLU B 277 17.63 1.00 19.56
CA GLU B 277 17.28 0.37 18.29
C GLU B 277 17.33 1.43 17.17
N LEU B 278 16.65 2.54 17.44
CA LEU B 278 16.58 3.65 16.51
C LEU B 278 17.98 4.16 16.19
N GLU B 279 18.79 4.42 17.22
CA GLU B 279 20.14 4.88 16.95
C GLU B 279 20.95 3.87 16.10
N GLY B 280 20.75 2.58 16.38
CA GLY B 280 21.49 1.57 15.66
C GLY B 280 21.21 1.52 14.16
N ILE B 281 19.94 1.55 13.79
CA ILE B 281 19.61 1.47 12.38
C ILE B 281 19.89 2.78 11.63
N PHE B 282 19.66 3.93 12.26
CA PHE B 282 19.94 5.20 11.60
C PHE B 282 21.46 5.40 11.46
N GLU B 283 22.19 5.03 12.49
CA GLU B 283 23.65 5.16 12.46
C GLU B 283 24.12 4.21 11.33
N GLY B 284 23.64 2.97 11.35
CA GLY B 284 24.02 2.01 10.33
C GLY B 284 23.69 2.50 8.93
N ALA B 285 22.65 3.31 8.80
CA ALA B 285 22.23 3.82 7.50
C ALA B 285 23.01 5.08 7.12
N GLY B 286 23.98 5.47 7.93
CA GLY B 286 24.76 6.66 7.58
C GLY B 286 24.25 8.02 8.07
N TRP B 287 23.20 8.04 8.86
CA TRP B 287 22.69 9.31 9.36
C TRP B 287 23.48 9.85 10.57
N ASN B 288 23.36 11.15 10.80
CA ASN B 288 23.96 11.78 11.96
C ASN B 288 22.89 11.66 13.05
N VAL B 289 23.21 10.95 14.12
CA VAL B 289 22.27 10.74 15.22
C VAL B 289 22.58 11.56 16.47
N ILE B 290 21.61 12.35 16.91
CA ILE B 290 21.74 13.20 18.09
C ILE B 290 20.71 12.82 19.15
N LYS B 291 21.15 12.28 20.27
CA LYS B 291 20.23 11.90 21.35
C LYS B 291 20.14 13.01 22.37
N VAL B 292 18.91 13.35 22.75
CA VAL B 292 18.63 14.36 23.77
C VAL B 292 17.94 13.53 24.83
N MET B 293 18.75 12.92 25.67
CA MET B 293 18.33 12.01 26.72
C MET B 293 17.90 12.58 28.07
N TRP B 294 18.80 13.35 28.66
CA TRP B 294 18.60 13.89 29.99
C TRP B 294 18.66 15.39 30.15
N GLY B 295 17.80 15.90 31.03
CA GLY B 295 17.74 17.33 31.32
C GLY B 295 18.96 17.85 32.08
N SER B 296 19.01 19.16 32.27
CA SER B 296 20.12 19.82 32.95
C SER B 296 20.46 19.39 34.39
N ARG B 297 19.47 18.91 35.14
CA ARG B 297 19.73 18.50 36.51
C ARG B 297 20.60 17.26 36.62
N TRP B 298 20.79 16.56 35.51
CA TRP B 298 21.61 15.35 35.48
C TRP B 298 23.07 15.66 35.23
N ASP B 299 23.36 16.86 34.76
CA ASP B 299 24.74 17.17 34.44
C ASP B 299 25.71 17.05 35.60
N GLU B 300 25.34 17.55 36.77
CA GLU B 300 26.22 17.46 37.92
C GLU B 300 26.38 16.01 38.36
N LEU B 301 25.26 15.27 38.33
CA LEU B 301 25.26 13.88 38.73
C LEU B 301 26.20 13.06 37.84
N LEU B 302 26.14 13.30 36.53
CA LEU B 302 27.00 12.60 35.58
C LEU B 302 28.45 13.04 35.71
N ARG B 303 28.67 14.31 36.01
CA ARG B 303 30.03 14.85 36.17
C ARG B 303 30.81 14.31 37.37
N LYS B 304 30.17 14.16 38.52
CA LYS B 304 30.91 13.67 39.68
C LYS B 304 31.04 12.14 39.72
N ASP B 305 30.29 11.42 38.88
CA ASP B 305 30.39 9.96 38.93
C ASP B 305 31.60 9.40 38.22
N THR B 306 32.73 9.41 38.90
CA THR B 306 33.96 8.92 38.31
C THR B 306 34.00 7.40 38.11
N SER B 307 33.18 6.66 38.85
CA SER B 307 33.14 5.19 38.75
C SER B 307 32.59 4.68 37.42
N GLY B 308 31.78 5.53 36.77
CA GLY B 308 31.17 5.16 35.49
C GLY B 308 29.92 4.32 35.67
N LYS B 309 29.54 4.07 36.93
CA LYS B 309 28.36 3.26 37.22
C LYS B 309 27.01 3.86 36.84
N LEU B 310 26.86 5.18 36.93
CA LEU B 310 25.59 5.79 36.53
C LEU B 310 25.33 5.50 35.05
N ILE B 311 26.35 5.69 34.21
CA ILE B 311 26.17 5.40 32.79
C ILE B 311 25.83 3.91 32.58
N GLN B 312 26.56 3.00 33.25
CA GLN B 312 26.25 1.58 33.10
C GLN B 312 24.80 1.33 33.49
N LEU B 313 24.35 1.93 34.58
CA LEU B 313 22.97 1.76 35.04
C LEU B 313 22.00 2.28 33.96
N MET B 314 22.26 3.48 33.46
CA MET B 314 21.38 4.03 32.42
C MET B 314 21.36 3.12 31.20
N ASN B 315 22.52 2.58 30.83
CA ASN B 315 22.59 1.69 29.66
C ASN B 315 21.80 0.40 29.81
N GLU B 316 21.94 -0.28 30.95
CA GLU B 316 21.27 -1.56 31.22
C GLU B 316 19.77 -1.51 31.51
N THR B 317 19.27 -0.37 31.97
CA THR B 317 17.85 -0.26 32.29
C THR B 317 17.01 -0.27 31.01
N VAL B 318 15.92 -1.06 31.00
CA VAL B 318 15.07 -1.11 29.82
C VAL B 318 13.90 -0.15 29.86
N ASP B 319 13.25 0.06 28.70
CA ASP B 319 12.13 0.99 28.59
C ASP B 319 11.03 0.80 29.63
N GLY B 320 10.67 -0.45 29.88
CA GLY B 320 9.63 -0.74 30.85
C GLY B 320 9.90 -0.19 32.24
N ASP B 321 11.13 -0.29 32.71
CA ASP B 321 11.46 0.22 34.02
C ASP B 321 11.48 1.73 34.06
N TYR B 322 12.00 2.35 33.02
CA TYR B 322 12.00 3.81 32.94
C TYR B 322 10.55 4.34 32.98
N GLN B 323 9.63 3.64 32.32
CA GLN B 323 8.24 4.08 32.35
C GLN B 323 7.65 3.87 33.76
N THR B 324 8.06 2.80 34.41
CA THR B 324 7.59 2.51 35.77
C THR B 324 7.98 3.62 36.73
N PHE B 325 9.21 4.14 36.57
CA PHE B 325 9.70 5.21 37.46
C PHE B 325 8.85 6.46 37.35
N LYS B 326 8.39 6.77 36.15
CA LYS B 326 7.62 7.97 35.92
C LYS B 326 6.24 7.95 36.54
N SER B 327 5.77 6.79 36.94
CA SER B 327 4.46 6.69 37.56
C SER B 327 4.59 6.64 39.07
N LYS B 328 5.81 6.43 39.54
CA LYS B 328 6.06 6.32 40.97
C LYS B 328 6.46 7.65 41.59
N ASP B 329 7.43 7.60 42.51
CA ASP B 329 7.89 8.82 43.18
C ASP B 329 9.38 8.80 43.43
N GLY B 330 9.87 9.86 44.07
CA GLY B 330 11.27 10.01 44.37
C GLY B 330 11.86 8.87 45.18
N ALA B 331 11.16 8.49 46.24
CA ALA B 331 11.64 7.42 47.11
C ALA B 331 11.84 6.17 46.27
N TYR B 332 10.83 5.83 45.49
CA TYR B 332 10.87 4.65 44.62
C TYR B 332 12.11 4.68 43.70
N VAL B 333 12.37 5.85 43.12
CA VAL B 333 13.50 6.01 42.22
C VAL B 333 14.82 5.85 42.98
N ARG B 334 14.88 6.39 44.18
CA ARG B 334 16.09 6.27 44.98
C ARG B 334 16.45 4.79 45.21
N GLU B 335 15.44 3.99 45.46
CA GLU B 335 15.66 2.58 45.75
C GLU B 335 15.79 1.62 44.58
N HIS B 336 14.94 1.79 43.56
CA HIS B 336 14.97 0.87 42.43
C HIS B 336 15.90 1.26 41.28
N PHE B 337 16.27 2.53 41.20
CA PHE B 337 17.17 2.97 40.14
C PHE B 337 18.55 3.27 40.74
N PHE B 338 18.68 4.38 41.46
CA PHE B 338 19.98 4.72 42.03
C PHE B 338 20.44 3.65 43.03
N GLY B 339 19.47 2.99 43.65
CA GLY B 339 19.79 1.97 44.65
C GLY B 339 20.34 0.67 44.08
N LYS B 340 20.45 0.59 42.76
CA LYS B 340 20.96 -0.61 42.14
C LYS B 340 22.45 -0.82 42.44
N TYR B 341 23.17 0.27 42.69
CA TYR B 341 24.61 0.20 42.97
C TYR B 341 25.07 1.15 44.05
N PRO B 342 26.08 0.72 44.84
CA PRO B 342 26.64 1.52 45.92
C PRO B 342 27.04 2.90 45.41
N GLU B 343 27.78 2.94 44.30
CA GLU B 343 28.21 4.23 43.78
C GLU B 343 27.06 5.09 43.26
N THR B 344 26.03 4.49 42.64
CA THR B 344 24.92 5.32 42.15
C THR B 344 24.05 5.79 43.31
N ALA B 345 23.99 4.96 44.36
CA ALA B 345 23.23 5.29 45.56
C ALA B 345 23.89 6.51 46.21
N ALA B 346 25.22 6.52 46.24
CA ALA B 346 25.97 7.62 46.85
C ALA B 346 25.85 8.95 46.14
N LEU B 347 25.67 8.94 44.82
CA LEU B 347 25.55 10.17 44.05
C LEU B 347 24.36 11.00 44.50
N VAL B 348 23.28 10.36 44.93
CA VAL B 348 22.10 11.11 45.35
C VAL B 348 21.83 10.99 46.84
N ALA B 349 22.75 10.36 47.56
CA ALA B 349 22.59 10.18 49.02
C ALA B 349 22.23 11.51 49.67
N ASP B 350 22.92 12.55 49.22
CA ASP B 350 22.76 13.92 49.69
C ASP B 350 21.52 14.67 49.14
N TRP B 351 20.70 13.99 48.34
CA TRP B 351 19.52 14.62 47.74
C TRP B 351 18.22 14.30 48.47
N THR B 352 17.24 15.20 48.39
CA THR B 352 15.93 14.93 48.97
C THR B 352 15.18 14.09 47.94
N ASP B 353 14.15 13.37 48.35
CA ASP B 353 13.39 12.59 47.39
C ASP B 353 12.80 13.53 46.34
N GLU B 354 12.33 14.69 46.79
CA GLU B 354 11.74 15.68 45.91
C GLU B 354 12.72 16.16 44.86
N GLN B 355 13.98 16.31 45.23
CA GLN B 355 14.99 16.75 44.28
C GLN B 355 15.33 15.64 43.30
N ILE B 356 15.20 14.40 43.72
CA ILE B 356 15.47 13.28 42.82
C ILE B 356 14.29 13.25 41.87
N TRP B 357 13.10 13.49 42.41
CA TRP B 357 11.89 13.49 41.59
C TRP B 357 11.96 14.52 40.44
N ALA B 358 12.64 15.63 40.65
CA ALA B 358 12.75 16.69 39.64
C ALA B 358 13.66 16.33 38.46
N LEU B 359 14.32 15.17 38.50
CA LEU B 359 15.20 14.81 37.38
C LEU B 359 14.27 14.62 36.20
N ASN B 360 14.65 15.19 35.06
CA ASN B 360 13.78 15.12 33.89
C ASN B 360 14.46 14.60 32.63
N ARG B 361 13.63 14.25 31.66
CA ARG B 361 14.07 13.76 30.38
C ARG B 361 14.48 14.98 29.55
N GLY B 362 15.54 14.81 28.76
CA GLY B 362 16.10 15.87 27.92
C GLY B 362 15.17 16.64 27.00
N GLY B 363 14.19 15.95 26.43
CA GLY B 363 13.25 16.58 25.51
C GLY B 363 12.33 17.60 26.15
N HIS B 364 12.44 17.80 27.46
CA HIS B 364 11.62 18.80 28.15
C HIS B 364 12.50 19.99 28.59
N ASP B 365 13.79 19.93 28.25
CA ASP B 365 14.74 20.99 28.63
C ASP B 365 15.15 21.76 27.36
N PRO B 366 14.69 23.03 27.22
CA PRO B 366 14.97 23.89 26.07
C PRO B 366 16.45 24.02 25.69
N LYS B 367 17.32 23.97 26.70
CA LYS B 367 18.75 24.12 26.42
C LYS B 367 19.31 22.92 25.66
N LYS B 368 18.88 21.72 26.05
CA LYS B 368 19.36 20.52 25.40
C LYS B 368 18.73 20.42 24.00
N ILE B 369 17.46 20.81 23.91
CA ILE B 369 16.73 20.77 22.64
C ILE B 369 17.43 21.69 21.63
N TYR B 370 17.63 22.95 22.03
CA TYR B 370 18.28 23.95 21.19
C TYR B 370 19.62 23.41 20.72
N ALA B 371 20.37 22.86 21.67
CA ALA B 371 21.68 22.31 21.36
C ALA B 371 21.57 21.33 20.20
N ALA B 372 20.59 20.43 20.26
CA ALA B 372 20.40 19.45 19.22
C ALA B 372 20.06 20.07 17.85
N PHE B 373 19.06 20.95 17.82
CA PHE B 373 18.66 21.57 16.56
C PHE B 373 19.76 22.43 15.93
N LYS B 374 20.53 23.14 16.75
CA LYS B 374 21.59 23.98 16.22
C LYS B 374 22.64 23.11 15.60
N LYS B 375 22.96 22.01 16.27
CA LYS B 375 23.96 21.07 15.75
C LYS B 375 23.45 20.45 14.44
N ALA B 376 22.15 20.16 14.36
CA ALA B 376 21.65 19.58 13.11
C ALA B 376 21.90 20.55 11.95
N GLN B 377 21.69 21.84 12.23
CA GLN B 377 21.85 22.92 11.26
C GLN B 377 23.27 23.00 10.71
N GLU B 378 24.26 22.62 11.51
CA GLU B 378 25.65 22.68 11.06
C GLU B 378 26.16 21.40 10.43
N THR B 379 25.35 20.35 10.44
CA THR B 379 25.78 19.07 9.88
C THR B 379 25.53 19.02 8.37
N LYS B 380 26.58 18.70 7.61
CA LYS B 380 26.49 18.63 6.15
C LYS B 380 26.82 17.22 5.63
N GLY B 381 26.44 16.95 4.39
CA GLY B 381 26.74 15.65 3.80
C GLY B 381 25.82 14.47 4.10
N LYS B 382 24.88 14.66 5.03
CA LYS B 382 23.94 13.62 5.40
C LYS B 382 22.77 14.21 6.19
N ALA B 383 21.71 13.41 6.36
CA ALA B 383 20.55 13.86 7.10
C ALA B 383 20.79 13.65 8.59
N THR B 384 20.03 14.34 9.42
CA THR B 384 20.18 14.20 10.86
C THR B 384 18.89 13.73 11.51
N VAL B 385 19.00 12.89 12.53
CA VAL B 385 17.82 12.46 13.26
C VAL B 385 18.06 12.78 14.74
N ILE B 386 17.09 13.46 15.33
CA ILE B 386 17.16 13.81 16.74
C ILE B 386 16.19 12.89 17.50
N LEU B 387 16.72 12.17 18.47
CA LEU B 387 15.97 11.25 19.31
C LEU B 387 15.76 12.05 20.59
N ALA B 388 14.55 12.61 20.74
CA ALA B 388 14.19 13.44 21.89
C ALA B 388 13.38 12.64 22.91
N HIS B 389 14.02 12.40 24.05
CA HIS B 389 13.48 11.60 25.13
C HIS B 389 12.47 12.41 25.96
N THR B 390 11.19 12.02 25.90
CA THR B 390 10.14 12.72 26.65
C THR B 390 9.24 11.81 27.48
N ILE B 391 8.32 12.45 28.20
CA ILE B 391 7.34 11.80 29.06
C ILE B 391 5.97 12.03 28.44
N LYS B 392 5.28 10.96 28.09
CA LYS B 392 3.95 11.14 27.50
C LYS B 392 2.93 11.43 28.61
N GLY B 393 2.11 12.45 28.39
CA GLY B 393 1.13 12.82 29.40
C GLY B 393 1.89 13.67 30.41
N TYR B 394 2.93 14.31 29.89
CA TYR B 394 3.79 15.18 30.69
C TYR B 394 2.97 16.23 31.48
N GLY B 395 3.20 16.27 32.78
CA GLY B 395 2.53 17.25 33.63
C GLY B 395 1.03 17.09 33.76
N MET B 396 0.47 16.03 33.20
CA MET B 396 -0.96 15.83 33.31
C MET B 396 -1.27 15.03 34.57
N GLY B 397 -0.21 14.45 35.15
CA GLY B 397 -0.37 13.66 36.36
C GLY B 397 -1.03 12.32 36.12
N ASP B 398 -1.45 11.67 37.20
CA ASP B 398 -2.11 10.38 37.16
C ASP B 398 -2.85 10.14 35.85
N ALA B 399 -3.74 11.08 35.49
CA ALA B 399 -4.57 11.00 34.28
C ALA B 399 -3.79 10.71 32.99
N ALA B 400 -2.59 11.27 32.87
CA ALA B 400 -1.75 11.04 31.70
C ALA B 400 -2.50 11.30 30.40
N MET B 414 -13.41 19.99 34.40
CA MET B 414 -14.11 20.60 35.54
C MET B 414 -13.03 21.21 36.44
N ASP B 415 -12.45 20.39 37.32
CA ASP B 415 -11.41 20.87 38.23
C ASP B 415 -10.09 20.04 38.20
N GLY B 416 -10.16 18.77 37.82
CA GLY B 416 -8.95 17.95 37.71
C GLY B 416 -8.01 18.54 36.64
N VAL B 417 -8.45 19.67 36.08
CA VAL B 417 -7.67 20.40 35.08
C VAL B 417 -6.92 21.48 35.87
N ARG B 418 -7.37 21.69 37.10
CA ARG B 418 -6.75 22.65 38.00
C ARG B 418 -5.38 22.12 38.38
N HIS B 419 -5.18 20.82 38.20
CA HIS B 419 -3.87 20.22 38.48
C HIS B 419 -2.87 20.66 37.42
N ILE B 420 -3.28 20.67 36.15
CA ILE B 420 -2.30 21.09 35.16
C ILE B 420 -2.15 22.63 35.22
N ARG B 421 -3.17 23.35 35.70
CA ARG B 421 -3.01 24.80 35.78
C ARG B 421 -2.08 25.21 36.93
N ASP B 422 -1.80 24.29 37.86
CA ASP B 422 -0.87 24.58 38.97
C ASP B 422 0.49 24.12 38.50
N ARG B 423 0.50 23.03 37.75
CA ARG B 423 1.73 22.44 37.24
C ARG B 423 2.50 23.40 36.34
N PHE B 424 1.78 24.09 35.46
CA PHE B 424 2.41 24.99 34.53
C PHE B 424 2.15 26.44 34.92
N ASN B 425 1.71 26.62 36.16
CA ASN B 425 1.43 27.94 36.70
C ASN B 425 0.63 28.79 35.76
N VAL B 426 -0.49 28.25 35.32
CA VAL B 426 -1.38 28.97 34.40
C VAL B 426 -2.17 29.97 35.25
N PRO B 427 -2.35 31.20 34.75
CA PRO B 427 -3.07 32.29 35.44
C PRO B 427 -4.59 32.23 35.27
N VAL B 428 -5.19 31.14 35.74
CA VAL B 428 -6.63 31.01 35.65
C VAL B 428 -7.14 30.70 37.06
N SER B 429 -8.07 31.54 37.52
CA SER B 429 -8.68 31.44 38.85
C SER B 429 -9.29 30.06 39.06
N ASP B 430 -8.93 29.39 40.15
CA ASP B 430 -9.50 28.07 40.41
C ASP B 430 -11.03 28.18 40.43
N ALA B 431 -11.52 29.42 40.39
CA ALA B 431 -12.94 29.70 40.41
C ALA B 431 -13.50 29.86 39.01
N ASP B 432 -12.61 30.02 38.04
CA ASP B 432 -13.04 30.20 36.65
C ASP B 432 -12.60 29.06 35.77
N ILE B 433 -11.87 28.12 36.37
CA ILE B 433 -11.37 26.94 35.69
C ILE B 433 -12.57 26.15 35.14
N GLU B 434 -13.73 26.37 35.76
CA GLU B 434 -14.96 25.68 35.34
C GLU B 434 -15.46 26.13 33.97
N LYS B 435 -15.21 27.39 33.63
CA LYS B 435 -15.65 27.88 32.35
C LYS B 435 -14.69 27.46 31.25
N LEU B 436 -13.60 26.80 31.63
CA LEU B 436 -12.59 26.34 30.67
C LEU B 436 -12.23 27.48 29.71
N PRO B 437 -11.82 28.64 30.25
CA PRO B 437 -11.48 29.80 29.42
C PRO B 437 -10.15 29.72 28.67
N TYR B 438 -10.10 30.38 27.51
CA TYR B 438 -8.88 30.43 26.73
C TYR B 438 -8.05 31.62 27.27
N ILE B 439 -6.73 31.53 27.18
CA ILE B 439 -5.84 32.61 27.63
C ILE B 439 -5.27 33.31 26.41
N THR B 440 -5.24 34.64 26.42
CA THR B 440 -4.64 35.38 25.31
C THR B 440 -3.72 36.44 25.92
N PHE B 441 -2.78 36.94 25.15
CA PHE B 441 -1.87 37.97 25.65
C PHE B 441 -2.22 39.29 24.97
N PRO B 442 -2.62 40.30 25.75
CA PRO B 442 -2.97 41.59 25.17
C PRO B 442 -1.82 42.25 24.44
N GLU B 443 -2.15 43.02 23.41
CA GLU B 443 -1.11 43.71 22.67
C GLU B 443 -0.45 44.67 23.64
N GLY B 444 0.88 44.70 23.59
CA GLY B 444 1.60 45.58 24.48
C GLY B 444 2.30 44.79 25.58
N SER B 445 1.79 43.61 25.90
CA SER B 445 2.39 42.80 26.95
C SER B 445 3.70 42.15 26.49
N GLU B 446 4.58 41.88 27.45
CA GLU B 446 5.86 41.22 27.17
C GLU B 446 5.64 39.96 26.32
N GLU B 447 4.73 39.10 26.77
CA GLU B 447 4.43 37.86 26.08
C GLU B 447 4.06 38.08 24.62
N HIS B 448 3.05 38.91 24.37
CA HIS B 448 2.61 39.20 23.03
C HIS B 448 3.77 39.71 22.18
N THR B 449 4.51 40.69 22.69
CA THR B 449 5.67 41.25 21.97
C THR B 449 6.72 40.19 21.62
N TYR B 450 7.12 39.40 22.61
CA TYR B 450 8.11 38.37 22.38
C TYR B 450 7.61 37.30 21.37
N LEU B 451 6.37 36.86 21.53
CA LEU B 451 5.79 35.85 20.61
C LEU B 451 5.94 36.29 19.16
N HIS B 452 5.45 37.49 18.85
CA HIS B 452 5.53 37.99 17.49
C HIS B 452 6.93 38.32 17.01
N ALA B 453 7.76 38.87 17.88
CA ALA B 453 9.12 39.24 17.51
C ALA B 453 9.95 38.02 17.07
N GLN B 454 9.84 36.90 17.78
CA GLN B 454 10.59 35.71 17.38
C GLN B 454 10.12 35.25 16.01
N ARG B 455 8.80 35.30 15.77
CA ARG B 455 8.27 34.87 14.48
C ARG B 455 8.65 35.81 13.33
N GLN B 456 8.59 37.12 13.57
CA GLN B 456 8.98 38.09 12.55
C GLN B 456 10.45 37.86 12.16
N LYS B 457 11.29 37.51 13.13
CA LYS B 457 12.69 37.27 12.80
C LYS B 457 12.81 36.07 11.88
N LEU B 458 11.86 35.14 11.99
CA LEU B 458 11.83 33.93 11.19
C LEU B 458 10.80 34.03 10.05
N HIS B 459 10.60 35.25 9.55
CA HIS B 459 9.69 35.51 8.42
C HIS B 459 8.19 35.31 8.56
N GLY B 460 7.65 35.34 9.76
CA GLY B 460 6.23 35.20 9.85
C GLY B 460 5.71 33.95 10.52
N TYR B 461 4.55 33.53 10.06
CA TYR B 461 3.87 32.41 10.66
C TYR B 461 3.73 31.13 9.87
N LEU B 462 3.70 30.03 10.61
CA LEU B 462 3.49 28.76 9.99
C LEU B 462 2.76 27.84 10.98
N PRO B 463 2.04 26.85 10.46
CA PRO B 463 1.95 26.61 9.02
C PRO B 463 0.95 27.53 8.30
N SER B 464 1.20 27.73 7.02
CA SER B 464 0.30 28.49 6.19
C SER B 464 0.49 27.90 4.80
N ARG B 465 -0.48 28.11 3.94
CA ARG B 465 -0.42 27.58 2.60
C ARG B 465 -1.06 28.51 1.57
N GLN B 466 -0.44 28.56 0.41
CA GLN B 466 -0.93 29.37 -0.70
C GLN B 466 -1.57 28.36 -1.64
N PRO B 467 -2.89 28.50 -1.87
CA PRO B 467 -3.63 27.60 -2.76
C PRO B 467 -3.30 27.61 -4.26
N ASN B 468 -2.85 28.75 -4.81
CA ASN B 468 -2.53 28.83 -6.24
C ASN B 468 -1.15 29.38 -6.49
N PHE B 469 -0.52 28.99 -7.61
CA PHE B 469 0.78 29.55 -7.91
C PHE B 469 0.52 30.90 -8.64
N THR B 470 1.47 31.83 -8.56
CA THR B 470 1.31 33.15 -9.15
C THR B 470 1.69 33.37 -10.61
N GLU B 471 2.69 32.67 -11.13
CA GLU B 471 3.06 32.90 -12.52
C GLU B 471 2.06 32.39 -13.56
N LYS B 472 2.16 32.90 -14.78
CA LYS B 472 1.28 32.43 -15.84
C LYS B 472 2.12 31.61 -16.79
N LEU B 473 1.67 30.39 -17.06
CA LEU B 473 2.42 29.53 -17.95
C LEU B 473 1.86 29.66 -19.36
N GLU B 474 2.73 29.52 -20.34
CA GLU B 474 2.37 29.58 -21.75
C GLU B 474 2.32 28.15 -22.28
N LEU B 475 1.23 27.47 -21.92
CA LEU B 475 0.99 26.07 -22.26
C LEU B 475 0.92 25.73 -23.75
N PRO B 476 1.30 24.50 -24.11
CA PRO B 476 1.21 24.17 -25.53
C PRO B 476 -0.30 24.08 -25.86
N SER B 477 -0.65 24.39 -27.10
CA SER B 477 -2.04 24.31 -27.54
C SER B 477 -2.26 22.89 -28.05
N LEU B 478 -3.50 22.54 -28.33
CA LEU B 478 -3.77 21.20 -28.84
C LEU B 478 -3.11 21.06 -30.21
N GLN B 479 -3.07 22.15 -30.99
CA GLN B 479 -2.46 22.12 -32.32
C GLN B 479 -1.01 21.66 -32.23
N ASP B 480 -0.33 22.02 -31.15
CA ASP B 480 1.07 21.61 -30.96
C ASP B 480 1.21 20.08 -30.91
N PHE B 481 0.15 19.37 -30.54
CA PHE B 481 0.19 17.90 -30.53
C PHE B 481 -0.41 17.39 -31.84
N GLY B 482 -0.54 18.27 -32.82
CA GLY B 482 -1.13 17.89 -34.09
C GLY B 482 -0.70 16.59 -34.74
N ALA B 483 0.59 16.25 -34.64
CA ALA B 483 1.11 15.01 -35.24
C ALA B 483 0.43 13.76 -34.65
N LEU B 484 0.11 13.81 -33.35
CA LEU B 484 -0.56 12.73 -32.63
C LEU B 484 -2.03 12.65 -32.98
N LEU B 485 -2.59 13.70 -33.57
CA LEU B 485 -4.00 13.70 -33.96
C LEU B 485 -4.22 13.05 -35.34
N GLU B 486 -3.15 12.91 -36.13
CA GLU B 486 -3.24 12.29 -37.46
C GLU B 486 -3.13 10.76 -37.37
N GLU B 487 -3.41 10.10 -38.48
CA GLU B 487 -3.27 8.65 -38.56
C GLU B 487 -1.78 8.35 -38.43
N GLN B 488 -1.43 7.36 -37.61
CA GLN B 488 -0.03 7.02 -37.42
C GLN B 488 0.46 6.06 -38.50
N SER B 489 1.73 6.20 -38.90
CA SER B 489 2.32 5.34 -39.94
C SER B 489 2.41 3.90 -39.42
N LYS B 490 3.31 3.72 -38.48
CA LYS B 490 3.54 2.42 -37.90
C LYS B 490 2.50 2.14 -36.80
N GLU B 491 2.31 0.87 -36.49
CA GLU B 491 1.42 0.51 -35.41
C GLU B 491 2.24 0.79 -34.15
N ILE B 492 1.64 1.52 -33.22
CA ILE B 492 2.30 1.86 -31.97
C ILE B 492 1.27 1.61 -30.87
N SER B 493 1.64 1.94 -29.65
CA SER B 493 0.76 1.74 -28.52
C SER B 493 0.38 3.09 -27.90
N THR B 494 -0.52 3.06 -26.90
CA THR B 494 -0.87 4.30 -26.25
C THR B 494 0.30 4.75 -25.37
N THR B 495 1.18 3.82 -24.97
CA THR B 495 2.34 4.22 -24.16
C THR B 495 3.33 4.97 -25.04
N ILE B 496 3.51 4.52 -26.28
CA ILE B 496 4.40 5.23 -27.20
C ILE B 496 3.77 6.61 -27.46
N ALA B 497 2.45 6.65 -27.59
CA ALA B 497 1.74 7.92 -27.78
C ALA B 497 2.03 8.88 -26.63
N PHE B 498 1.94 8.36 -25.40
CA PHE B 498 2.21 9.15 -24.20
C PHE B 498 3.60 9.76 -24.29
N VAL B 499 4.60 8.93 -24.63
CA VAL B 499 5.97 9.43 -24.71
C VAL B 499 6.12 10.52 -25.79
N ARG B 500 5.41 10.39 -26.90
CA ARG B 500 5.49 11.40 -27.96
C ARG B 500 4.80 12.70 -27.49
N ALA B 501 3.74 12.56 -26.69
CA ALA B 501 3.04 13.75 -26.16
C ALA B 501 4.01 14.49 -25.25
N LEU B 502 4.73 13.72 -24.43
CA LEU B 502 5.72 14.27 -23.52
C LEU B 502 6.76 15.04 -24.33
N ASN B 503 7.21 14.45 -25.44
CA ASN B 503 8.20 15.13 -26.27
C ASN B 503 7.72 16.49 -26.77
N VAL B 504 6.46 16.57 -27.16
CA VAL B 504 5.91 17.84 -27.59
C VAL B 504 5.98 18.85 -26.44
N MET B 505 5.68 18.39 -25.22
CA MET B 505 5.73 19.29 -24.06
C MET B 505 7.15 19.79 -23.79
N LEU B 506 8.15 18.93 -24.04
CA LEU B 506 9.53 19.27 -23.83
C LEU B 506 10.05 20.28 -24.88
N LYS B 507 9.23 20.62 -25.86
CA LYS B 507 9.65 21.60 -26.87
C LYS B 507 9.06 22.96 -26.51
N ASN B 508 8.12 22.96 -25.57
CA ASN B 508 7.48 24.19 -25.12
C ASN B 508 8.45 24.97 -24.22
N LYS B 509 8.70 26.23 -24.60
CA LYS B 509 9.60 27.11 -23.86
C LYS B 509 9.16 27.35 -22.43
N SER B 510 7.86 27.54 -22.26
CA SER B 510 7.36 27.80 -20.92
C SER B 510 7.49 26.63 -19.91
N ILE B 511 7.12 25.42 -20.30
CA ILE B 511 7.15 24.31 -19.36
C ILE B 511 8.18 23.21 -19.52
N LYS B 512 8.99 23.27 -20.58
CA LYS B 512 9.96 22.24 -20.83
C LYS B 512 10.80 21.86 -19.59
N ASP B 513 11.31 22.83 -18.82
CA ASP B 513 12.09 22.48 -17.66
C ASP B 513 11.32 22.24 -16.36
N ARG B 514 10.03 22.50 -16.40
CA ARG B 514 9.18 22.29 -15.25
C ARG B 514 8.65 20.85 -15.26
N LEU B 515 8.87 20.13 -16.36
CA LEU B 515 8.39 18.75 -16.41
C LEU B 515 9.29 17.83 -15.59
N VAL B 516 8.68 16.91 -14.88
CA VAL B 516 9.41 15.95 -14.08
C VAL B 516 9.02 14.49 -14.39
N PRO B 517 9.70 13.89 -15.39
CA PRO B 517 9.41 12.50 -15.75
C PRO B 517 9.93 11.65 -14.59
N ILE B 518 9.12 10.75 -14.07
CA ILE B 518 9.54 9.91 -12.95
C ILE B 518 9.34 8.45 -13.31
N ILE B 519 10.36 7.64 -13.11
CA ILE B 519 10.24 6.23 -13.43
C ILE B 519 10.74 5.42 -12.26
N ALA B 520 10.23 4.21 -12.12
CA ALA B 520 10.69 3.36 -11.03
C ALA B 520 11.54 2.28 -11.72
N ASP B 521 12.82 2.58 -11.89
CA ASP B 521 13.75 1.68 -12.56
C ASP B 521 13.30 1.51 -14.01
N GLU B 522 12.31 0.64 -14.22
CA GLU B 522 11.74 0.32 -15.52
C GLU B 522 11.64 1.48 -16.50
N ALA B 523 12.54 1.50 -17.47
CA ALA B 523 12.52 2.55 -18.46
C ALA B 523 12.25 1.90 -19.81
N ARG B 524 13.07 0.92 -20.16
CA ARG B 524 12.94 0.26 -21.45
C ARG B 524 11.57 -0.33 -21.63
N THR B 525 10.99 -0.82 -20.54
CA THR B 525 9.67 -1.41 -20.58
C THR B 525 8.58 -0.40 -20.95
N PHE B 526 8.90 0.89 -20.93
CA PHE B 526 7.91 1.91 -21.27
C PHE B 526 8.37 2.87 -22.34
N GLY B 527 9.38 2.47 -23.11
CA GLY B 527 9.86 3.33 -24.18
C GLY B 527 10.40 4.69 -23.72
N MET B 528 10.92 4.76 -22.50
CA MET B 528 11.44 6.01 -21.97
C MET B 528 12.94 6.17 -22.23
N GLU B 529 13.59 5.07 -22.60
CA GLU B 529 15.02 5.11 -22.84
C GLU B 529 15.48 6.17 -23.84
N GLY B 530 14.57 6.62 -24.70
CA GLY B 530 14.93 7.63 -25.68
C GLY B 530 14.98 9.04 -25.08
N LEU B 531 14.28 9.26 -23.97
CA LEU B 531 14.30 10.57 -23.33
C LEU B 531 15.61 10.75 -22.57
N PHE B 532 16.21 9.64 -22.12
CA PHE B 532 17.47 9.69 -21.38
C PHE B 532 18.46 10.57 -22.14
N ARG B 533 18.92 10.04 -23.27
CA ARG B 533 19.86 10.74 -24.13
C ARG B 533 19.51 12.23 -24.23
N GLN B 534 18.22 12.52 -24.35
CA GLN B 534 17.74 13.88 -24.53
C GLN B 534 17.75 14.83 -23.33
N ILE B 535 17.15 14.46 -22.20
CA ILE B 535 17.11 15.35 -21.04
C ILE B 535 17.90 14.85 -19.83
N GLY B 536 18.51 13.67 -19.99
CA GLY B 536 19.32 13.09 -18.95
C GLY B 536 18.60 12.62 -17.69
N ILE B 537 19.32 11.88 -16.86
CA ILE B 537 18.77 11.37 -15.63
C ILE B 537 19.43 12.12 -14.47
N TYR B 538 18.61 12.55 -13.53
CA TYR B 538 19.08 13.27 -12.37
C TYR B 538 19.99 12.40 -11.51
N SER B 539 21.22 12.88 -11.30
CA SER B 539 22.21 12.18 -10.48
C SER B 539 23.29 13.17 -10.03
N PRO B 540 23.11 13.78 -8.85
CA PRO B 540 24.09 14.73 -8.33
C PRO B 540 25.35 14.06 -7.79
N GLU B 558 23.49 11.76 -17.23
CA GLU B 558 23.36 11.24 -15.88
C GLU B 558 24.19 12.04 -14.86
N ASP B 559 23.81 13.31 -14.65
CA ASP B 559 24.50 14.18 -13.71
C ASP B 559 23.46 14.99 -12.94
N GLU B 560 23.90 16.02 -12.23
CA GLU B 560 22.98 16.81 -11.43
C GLU B 560 22.05 17.75 -12.21
N LYS B 561 22.25 17.82 -13.52
CA LYS B 561 21.41 18.65 -14.39
C LYS B 561 20.33 17.76 -15.05
N GLY B 562 20.45 16.45 -14.82
CA GLY B 562 19.49 15.50 -15.37
C GLY B 562 18.08 15.81 -14.92
N GLN B 563 17.13 15.71 -15.84
CA GLN B 563 15.74 16.02 -15.56
C GLN B 563 14.90 14.82 -15.10
N ILE B 564 15.18 13.64 -15.61
CA ILE B 564 14.42 12.46 -15.25
C ILE B 564 14.76 11.92 -13.86
N LEU B 565 13.71 11.65 -13.06
CA LEU B 565 13.96 11.07 -11.74
C LEU B 565 13.84 9.56 -11.88
N GLN B 566 14.95 8.88 -11.62
CA GLN B 566 14.98 7.44 -11.68
C GLN B 566 15.04 7.01 -10.21
N GLU B 567 13.94 6.44 -9.71
CA GLU B 567 13.89 6.04 -8.30
C GLU B 567 14.11 4.57 -7.96
N GLY B 568 14.45 3.77 -8.96
CA GLY B 568 14.70 2.36 -8.72
C GLY B 568 13.44 1.55 -8.52
N ILE B 569 13.59 0.37 -7.92
CA ILE B 569 12.46 -0.51 -7.67
C ILE B 569 11.90 -0.02 -6.32
N ASN B 570 11.10 1.05 -6.39
CA ASN B 570 10.58 1.71 -5.20
C ASN B 570 9.33 2.47 -5.63
N ALA B 571 8.18 1.80 -5.64
CA ALA B 571 6.96 2.46 -6.08
C ALA B 571 6.56 3.61 -5.12
N LEU B 572 6.66 3.37 -3.82
CA LEU B 572 6.30 4.37 -2.81
C LEU B 572 7.24 5.56 -2.92
N GLY B 573 8.53 5.29 -3.08
CA GLY B 573 9.47 6.38 -3.24
C GLY B 573 9.17 7.22 -4.48
N ALA B 574 8.88 6.58 -5.61
CA ALA B 574 8.58 7.31 -6.85
C ALA B 574 7.32 8.15 -6.59
N GLY B 575 6.35 7.54 -5.91
CA GLY B 575 5.12 8.23 -5.57
C GLY B 575 5.40 9.48 -4.73
N CYS B 576 6.31 9.38 -3.77
CA CYS B 576 6.66 10.52 -2.92
C CYS B 576 7.35 11.63 -3.69
N SER B 577 8.19 11.24 -4.65
CA SER B 577 8.87 12.21 -5.51
C SER B 577 7.78 12.91 -6.34
N TRP B 578 6.89 12.11 -6.90
CA TRP B 578 5.80 12.62 -7.69
C TRP B 578 4.99 13.64 -6.87
N LEU B 579 4.65 13.26 -5.64
CA LEU B 579 3.86 14.11 -4.77
C LEU B 579 4.56 15.43 -4.49
N ALA B 580 5.87 15.36 -4.23
CA ALA B 580 6.63 16.57 -3.95
C ALA B 580 6.59 17.53 -5.15
N ALA B 581 6.78 16.98 -6.34
CA ALA B 581 6.73 17.77 -7.57
C ALA B 581 5.34 18.29 -7.88
N ALA B 582 4.33 17.44 -7.70
CA ALA B 582 2.96 17.83 -8.01
C ALA B 582 2.36 18.87 -7.07
N THR B 583 3.09 19.20 -6.00
CA THR B 583 2.62 20.18 -5.04
C THR B 583 3.62 21.31 -4.87
N SER B 584 4.61 21.34 -5.76
CA SER B 584 5.62 22.39 -5.75
C SER B 584 4.97 23.77 -6.09
N TYR B 585 3.89 23.74 -6.87
CA TYR B 585 3.19 24.97 -7.28
C TYR B 585 2.70 25.70 -6.03
N SER B 586 2.36 24.92 -5.00
CA SER B 586 1.89 25.48 -3.75
C SER B 586 2.98 25.76 -2.73
N THR B 587 3.79 24.76 -2.39
CA THR B 587 4.79 24.96 -1.35
C THR B 587 5.96 25.90 -1.66
N ASN B 588 6.34 26.00 -2.94
CA ASN B 588 7.45 26.84 -3.39
C ASN B 588 6.98 27.90 -4.41
N ASN B 589 5.70 27.92 -4.73
CA ASN B 589 5.16 28.83 -5.74
C ASN B 589 5.96 28.63 -7.02
N LEU B 590 6.30 27.36 -7.30
CA LEU B 590 7.04 27.00 -8.50
C LEU B 590 6.33 25.81 -9.09
N PRO B 591 5.42 26.02 -10.05
CA PRO B 591 4.75 24.84 -10.60
C PRO B 591 5.67 23.92 -11.36
N MET B 592 5.59 22.64 -11.02
CA MET B 592 6.35 21.57 -11.66
C MET B 592 5.27 20.55 -12.13
N ILE B 593 5.47 19.92 -13.27
CA ILE B 593 4.46 19.02 -13.84
C ILE B 593 5.03 17.60 -13.95
N PRO B 594 4.78 16.76 -12.93
CA PRO B 594 5.31 15.40 -12.93
C PRO B 594 4.48 14.37 -13.70
N PHE B 595 5.20 13.43 -14.33
CA PHE B 595 4.59 12.34 -15.06
C PHE B 595 5.30 11.11 -14.49
N TYR B 596 4.59 10.36 -13.65
CA TYR B 596 5.16 9.15 -13.06
C TYR B 596 4.54 7.94 -13.76
N ILE B 597 5.36 7.21 -14.53
CA ILE B 597 4.87 6.03 -15.24
C ILE B 597 5.46 4.77 -14.62
N TYR B 598 4.62 3.76 -14.46
N TYR B 598 4.61 3.77 -14.44
CA TYR B 598 5.06 2.48 -13.90
CA TYR B 598 4.99 2.52 -13.79
C TYR B 598 3.98 1.44 -14.21
C TYR B 598 3.96 1.46 -14.18
N TYR B 599 4.17 0.22 -13.71
CA TYR B 599 3.21 -0.86 -13.97
C TYR B 599 1.92 -0.47 -13.27
N SER B 600 0.82 -0.38 -14.00
CA SER B 600 -0.45 0.01 -13.40
C SER B 600 -0.85 -0.82 -12.17
N MET B 601 -0.55 -2.11 -12.20
CA MET B 601 -0.86 -2.99 -11.06
C MET B 601 -0.31 -2.45 -9.74
N PHE B 602 0.90 -1.90 -9.79
CA PHE B 602 1.56 -1.37 -8.61
C PHE B 602 1.31 0.12 -8.37
N GLY B 603 0.20 0.62 -8.89
CA GLY B 603 -0.15 2.01 -8.66
C GLY B 603 -1.01 2.04 -7.39
N PHE B 604 -2.30 2.33 -7.54
CA PHE B 604 -3.19 2.42 -6.40
C PHE B 604 -3.21 1.20 -5.47
N GLN B 605 -2.99 0.01 -6.03
CA GLN B 605 -3.00 -1.19 -5.20
C GLN B 605 -1.88 -1.21 -4.14
N ARG B 606 -0.73 -0.73 -4.55
CA ARG B 606 0.46 -0.74 -3.71
C ARG B 606 0.72 0.55 -2.95
N ILE B 607 0.38 1.70 -3.53
CA ILE B 607 0.61 2.96 -2.84
C ILE B 607 -0.67 3.78 -2.68
N GLY B 608 -1.80 3.08 -2.57
CA GLY B 608 -3.07 3.77 -2.44
C GLY B 608 -3.24 4.73 -1.27
N ASP B 609 -2.56 4.51 -0.16
CA ASP B 609 -2.71 5.41 0.98
C ASP B 609 -2.03 6.75 0.61
N LEU B 610 -0.97 6.67 -0.20
CA LEU B 610 -0.24 7.86 -0.63
C LEU B 610 -1.10 8.62 -1.65
N CYS B 611 -1.83 7.87 -2.46
CA CYS B 611 -2.67 8.48 -3.46
C CYS B 611 -3.81 9.24 -2.78
N TRP B 612 -4.32 8.67 -1.68
CA TRP B 612 -5.41 9.31 -0.95
C TRP B 612 -4.83 10.61 -0.32
N ALA B 613 -3.65 10.48 0.30
CA ALA B 613 -2.97 11.62 0.89
C ALA B 613 -2.72 12.70 -0.19
N ALA B 614 -2.28 12.27 -1.38
CA ALA B 614 -2.00 13.22 -2.47
C ALA B 614 -3.26 14.05 -2.77
N GLY B 615 -4.42 13.38 -2.79
CA GLY B 615 -5.67 14.08 -3.02
C GLY B 615 -5.87 15.17 -1.97
N ASP B 616 -5.61 14.80 -0.72
CA ASP B 616 -5.73 15.69 0.44
C ASP B 616 -4.75 16.86 0.30
N GLN B 617 -3.57 16.57 -0.24
CA GLN B 617 -2.54 17.59 -0.41
C GLN B 617 -2.72 18.39 -1.70
N GLN B 618 -3.81 18.14 -2.40
CA GLN B 618 -4.10 18.86 -3.63
C GLN B 618 -3.03 18.72 -4.72
N ALA B 619 -2.50 17.52 -4.89
CA ALA B 619 -1.52 17.31 -5.93
C ALA B 619 -2.10 17.54 -7.32
N ARG B 620 -1.29 18.16 -8.17
CA ARG B 620 -1.67 18.38 -9.56
C ARG B 620 -0.56 17.76 -10.41
N GLY B 621 -0.87 16.62 -11.03
CA GLY B 621 0.12 15.94 -11.84
C GLY B 621 -0.51 14.79 -12.57
N PHE B 622 0.34 13.96 -13.18
CA PHE B 622 -0.12 12.82 -13.95
C PHE B 622 0.48 11.49 -13.47
N LEU B 623 -0.40 10.53 -13.27
CA LEU B 623 0.03 9.19 -12.87
C LEU B 623 -0.30 8.42 -14.11
N ILE B 624 0.73 7.78 -14.67
CA ILE B 624 0.55 7.01 -15.88
C ILE B 624 0.67 5.53 -15.57
N GLY B 625 -0.45 4.83 -15.73
CA GLY B 625 -0.45 3.40 -15.49
C GLY B 625 -0.08 2.61 -16.72
N GLY B 626 1.21 2.33 -16.90
CA GLY B 626 1.65 1.56 -18.06
C GLY B 626 1.32 0.06 -17.95
N THR B 627 1.67 -0.69 -19.00
CA THR B 627 1.40 -2.13 -19.09
C THR B 627 0.04 -2.48 -18.42
N SER B 628 -0.98 -1.68 -18.71
CA SER B 628 -2.29 -1.90 -18.09
C SER B 628 -3.23 -2.85 -18.83
N GLY B 629 -4.33 -3.21 -18.17
CA GLY B 629 -5.31 -4.10 -18.76
C GLY B 629 -5.04 -5.56 -18.42
N ARG B 630 -6.07 -6.27 -17.96
CA ARG B 630 -5.88 -7.67 -17.57
C ARG B 630 -5.26 -8.57 -18.64
N THR B 631 -5.80 -8.51 -19.86
CA THR B 631 -5.35 -9.35 -20.97
C THR B 631 -4.16 -8.84 -21.78
N THR B 632 -3.86 -7.56 -21.65
CA THR B 632 -2.80 -6.97 -22.47
C THR B 632 -1.35 -7.22 -22.06
N LEU B 633 -1.06 -7.29 -20.76
CA LEU B 633 0.31 -7.61 -20.26
C LEU B 633 0.19 -9.14 -20.06
N ASN B 634 -0.09 -9.80 -21.17
CA ASN B 634 -0.39 -11.23 -21.19
C ASN B 634 0.54 -12.13 -20.41
N GLY B 635 1.82 -12.13 -20.76
CA GLY B 635 2.72 -13.14 -20.22
C GLY B 635 2.97 -13.09 -18.72
N GLU B 636 2.96 -11.89 -18.13
CA GLU B 636 3.27 -11.69 -16.74
C GLU B 636 2.42 -12.38 -15.68
N GLY B 637 1.14 -12.60 -15.95
CA GLY B 637 0.34 -13.31 -14.97
C GLY B 637 -0.37 -12.61 -13.83
N LEU B 638 -0.69 -13.44 -12.84
CA LEU B 638 -1.46 -13.07 -11.67
C LEU B 638 -1.20 -11.76 -10.93
N GLN B 639 0.05 -11.46 -10.58
CA GLN B 639 0.37 -10.24 -9.83
C GLN B 639 0.75 -9.03 -10.66
N HIS B 640 0.61 -9.12 -11.97
CA HIS B 640 0.94 -8.01 -12.84
C HIS B 640 -0.25 -7.57 -13.69
N GLU B 641 -1.14 -8.52 -14.04
CA GLU B 641 -2.27 -8.26 -14.89
C GLU B 641 -3.36 -7.43 -14.24
N ASP B 642 -3.33 -6.15 -14.53
CA ASP B 642 -4.24 -5.19 -13.96
C ASP B 642 -5.57 -5.04 -14.65
N GLY B 643 -6.62 -5.50 -13.99
CA GLY B 643 -7.95 -5.38 -14.55
C GLY B 643 -8.78 -4.61 -13.55
N HIS B 644 -8.13 -3.87 -12.68
CA HIS B 644 -8.89 -3.17 -11.64
C HIS B 644 -8.38 -1.87 -11.05
N SER B 645 -7.24 -1.36 -11.53
CA SER B 645 -6.73 -0.11 -10.97
C SER B 645 -7.78 1.02 -11.13
N HIS B 646 -8.60 0.97 -12.19
CA HIS B 646 -9.63 2.00 -12.40
C HIS B 646 -10.73 1.93 -11.34
N ILE B 647 -10.89 0.78 -10.69
CA ILE B 647 -11.89 0.63 -9.62
C ILE B 647 -11.35 1.32 -8.36
N GLN B 648 -10.04 1.21 -8.19
CA GLN B 648 -9.38 1.85 -7.06
C GLN B 648 -9.28 3.37 -7.28
N SER B 649 -8.85 3.81 -8.47
CA SER B 649 -8.71 5.22 -8.75
C SER B 649 -10.03 5.99 -8.64
N LEU B 650 -11.16 5.37 -9.00
CA LEU B 650 -12.44 6.05 -8.92
C LEU B 650 -12.89 6.39 -7.48
N THR B 651 -12.24 5.80 -6.48
CA THR B 651 -12.59 6.09 -5.09
C THR B 651 -11.99 7.40 -4.62
N ILE B 652 -11.05 7.97 -5.40
CA ILE B 652 -10.41 9.24 -5.05
C ILE B 652 -11.15 10.38 -5.75
N PRO B 653 -11.87 11.20 -4.97
CA PRO B 653 -12.66 12.31 -5.47
C PRO B 653 -12.03 13.24 -6.49
N ASN B 654 -10.82 13.71 -6.23
CA ASN B 654 -10.16 14.61 -7.16
C ASN B 654 -9.12 13.97 -8.09
N CYS B 655 -9.30 12.68 -8.39
CA CYS B 655 -8.43 12.02 -9.36
C CYS B 655 -9.30 11.82 -10.59
N ILE B 656 -8.85 12.28 -11.78
CA ILE B 656 -9.60 12.12 -13.01
C ILE B 656 -8.98 10.97 -13.77
N SER B 657 -9.77 9.93 -14.04
CA SER B 657 -9.24 8.72 -14.69
C SER B 657 -9.65 8.49 -16.13
N TYR B 658 -8.70 8.06 -16.96
CA TYR B 658 -8.97 7.77 -18.37
C TYR B 658 -8.36 6.45 -18.82
N ASP B 659 -9.05 5.76 -19.73
CA ASP B 659 -8.53 4.51 -20.31
C ASP B 659 -8.68 4.56 -21.84
N PRO B 660 -7.87 5.40 -22.49
CA PRO B 660 -7.89 5.58 -23.94
C PRO B 660 -7.41 4.43 -24.79
N ALA B 661 -8.02 4.31 -25.95
CA ALA B 661 -7.67 3.28 -26.90
C ALA B 661 -6.70 3.78 -27.96
N TYR B 662 -6.82 5.04 -28.34
CA TYR B 662 -5.96 5.57 -29.41
C TYR B 662 -5.01 6.68 -29.03
N ALA B 663 -3.94 6.84 -29.82
CA ALA B 663 -2.96 7.88 -29.58
C ALA B 663 -3.55 9.30 -29.57
N TYR B 664 -4.51 9.59 -30.44
CA TYR B 664 -5.05 10.94 -30.42
C TYR B 664 -5.88 11.19 -29.16
N GLU B 665 -6.41 10.14 -28.56
CA GLU B 665 -7.17 10.33 -27.32
C GLU B 665 -6.14 10.67 -26.23
N VAL B 666 -4.99 9.98 -26.27
CA VAL B 666 -3.95 10.28 -25.29
C VAL B 666 -3.53 11.76 -25.37
N ALA B 667 -3.34 12.28 -26.57
CA ALA B 667 -2.92 13.66 -26.73
C ALA B 667 -3.97 14.65 -26.24
N VAL B 668 -5.22 14.45 -26.63
CA VAL B 668 -6.29 15.36 -26.22
C VAL B 668 -6.41 15.36 -24.68
N ILE B 669 -6.39 14.18 -24.07
CA ILE B 669 -6.48 14.07 -22.62
C ILE B 669 -5.31 14.75 -21.88
N MET B 670 -4.08 14.54 -22.35
CA MET B 670 -2.91 15.13 -21.68
C MET B 670 -2.93 16.66 -21.86
N HIS B 671 -3.40 17.13 -23.01
CA HIS B 671 -3.47 18.58 -23.21
C HIS B 671 -4.48 19.18 -22.27
N ASP B 672 -5.64 18.54 -22.16
CA ASP B 672 -6.71 19.05 -21.31
C ASP B 672 -6.27 19.11 -19.85
N GLY B 673 -5.66 18.02 -19.37
CA GLY B 673 -5.19 17.96 -18.00
C GLY B 673 -4.19 19.05 -17.73
N LEU B 674 -3.25 19.24 -18.64
CA LEU B 674 -2.23 20.29 -18.53
C LEU B 674 -2.92 21.67 -18.37
N GLU B 675 -3.92 21.93 -19.20
CA GLU B 675 -4.65 23.20 -19.19
C GLU B 675 -5.47 23.32 -17.89
N ARG B 676 -6.17 22.25 -17.50
CA ARG B 676 -6.98 22.30 -16.28
C ARG B 676 -6.19 22.55 -15.00
N MET B 677 -5.07 21.83 -14.85
CA MET B 677 -4.27 21.93 -13.65
C MET B 677 -3.26 23.09 -13.61
N TYR B 678 -2.57 23.32 -14.73
CA TYR B 678 -1.55 24.37 -14.76
C TYR B 678 -1.87 25.60 -15.62
N GLY B 679 -3.08 25.66 -16.14
CA GLY B 679 -3.48 26.84 -16.90
C GLY B 679 -4.20 27.75 -15.94
N GLU B 680 -4.84 28.80 -16.44
CA GLU B 680 -5.56 29.76 -15.61
C GLU B 680 -6.54 29.18 -14.59
N LYS B 681 -7.27 28.12 -14.95
CA LYS B 681 -8.23 27.47 -14.06
C LYS B 681 -7.62 26.95 -12.73
N GLN B 682 -6.43 26.40 -12.81
CA GLN B 682 -5.75 25.85 -11.64
C GLN B 682 -6.66 24.94 -10.81
N GLU B 683 -7.26 23.97 -11.49
CA GLU B 683 -8.15 23.01 -10.88
C GLU B 683 -7.33 22.06 -9.98
N ASN B 684 -7.79 21.86 -8.76
CA ASN B 684 -7.08 20.98 -7.84
C ASN B 684 -7.53 19.53 -8.08
N VAL B 685 -6.90 18.93 -9.08
CA VAL B 685 -7.18 17.58 -9.47
C VAL B 685 -5.89 16.98 -10.01
N TYR B 686 -5.75 15.66 -9.96
CA TYR B 686 -4.60 15.03 -10.61
C TYR B 686 -5.18 13.99 -11.56
N TYR B 687 -4.39 13.57 -12.54
CA TYR B 687 -4.85 12.65 -13.56
C TYR B 687 -4.25 11.26 -13.44
N TYR B 688 -5.03 10.26 -13.86
CA TYR B 688 -4.57 8.89 -13.88
C TYR B 688 -4.90 8.41 -15.28
N ILE B 689 -3.89 8.07 -16.07
CA ILE B 689 -4.16 7.57 -17.42
C ILE B 689 -3.55 6.17 -17.60
N THR B 690 -4.34 5.19 -17.99
CA THR B 690 -3.78 3.86 -18.20
C THR B 690 -3.30 3.80 -19.64
N THR B 691 -2.12 3.24 -19.85
CA THR B 691 -1.60 3.10 -21.20
C THR B 691 -1.25 1.65 -21.47
N LEU B 692 -1.04 1.34 -22.74
CA LEU B 692 -0.80 -0.03 -23.15
C LEU B 692 0.55 -0.38 -23.76
N ASN B 693 0.88 -1.66 -23.74
CA ASN B 693 2.15 -2.12 -24.29
C ASN B 693 1.89 -2.88 -25.58
N GLU B 694 0.66 -2.78 -26.10
CA GLU B 694 0.27 -3.46 -27.32
C GLU B 694 0.14 -2.52 -28.54
N ASN B 695 0.87 -2.85 -29.62
CA ASN B 695 0.83 -2.04 -30.83
C ASN B 695 -0.31 -2.45 -31.77
N TYR B 696 -0.98 -1.44 -32.33
CA TYR B 696 -2.03 -1.66 -33.32
C TYR B 696 -2.22 -0.38 -34.12
N HIS B 697 -3.12 -0.42 -35.10
CA HIS B 697 -3.37 0.73 -35.94
C HIS B 697 -3.96 1.91 -35.18
N MET B 698 -3.38 3.09 -35.36
CA MET B 698 -3.86 4.32 -34.69
C MET B 698 -4.44 5.28 -35.73
N PRO B 699 -5.77 5.25 -35.93
CA PRO B 699 -6.47 6.11 -36.89
C PRO B 699 -6.46 7.60 -36.53
N ALA B 700 -6.84 8.45 -37.48
CA ALA B 700 -6.83 9.88 -37.20
C ALA B 700 -8.02 10.25 -36.32
N MET B 701 -7.87 11.30 -35.53
CA MET B 701 -8.96 11.72 -34.67
C MET B 701 -10.14 12.21 -35.53
N PRO B 702 -11.37 11.76 -35.24
CA PRO B 702 -12.53 12.20 -36.02
C PRO B 702 -12.67 13.70 -35.79
N GLU B 703 -12.95 14.46 -36.84
CA GLU B 703 -13.08 15.91 -36.66
C GLU B 703 -14.20 16.23 -35.67
N GLY B 704 -13.91 17.13 -34.73
CA GLY B 704 -14.89 17.53 -33.73
C GLY B 704 -15.03 16.63 -32.51
N ALA B 705 -14.21 15.58 -32.44
CA ALA B 705 -14.26 14.63 -31.33
C ALA B 705 -13.58 15.10 -30.03
N GLU B 706 -12.81 16.19 -30.10
CA GLU B 706 -12.08 16.66 -28.93
C GLU B 706 -12.83 16.70 -27.60
N GLU B 707 -13.93 17.43 -27.56
CA GLU B 707 -14.67 17.55 -26.32
C GLU B 707 -15.21 16.22 -25.83
N GLY B 708 -15.75 15.42 -26.76
CA GLY B 708 -16.26 14.12 -26.37
C GLY B 708 -15.17 13.28 -25.72
N ILE B 709 -13.95 13.38 -26.24
CA ILE B 709 -12.84 12.65 -25.68
C ILE B 709 -12.62 13.08 -24.22
N ARG B 710 -12.75 14.38 -23.97
CA ARG B 710 -12.56 14.91 -22.65
C ARG B 710 -13.68 14.49 -21.71
N LYS B 711 -14.90 14.45 -22.23
CA LYS B 711 -16.08 14.10 -21.42
C LYS B 711 -16.20 12.60 -21.07
N GLY B 712 -15.61 11.75 -21.92
CA GLY B 712 -15.62 10.32 -21.64
C GLY B 712 -16.19 9.38 -22.70
N ILE B 713 -16.83 9.93 -23.74
CA ILE B 713 -17.42 9.11 -24.80
C ILE B 713 -17.81 9.90 -26.05
N TYR B 714 -17.65 9.26 -27.20
CA TYR B 714 -18.00 9.86 -28.47
C TYR B 714 -18.26 8.71 -29.43
N LYS B 715 -19.13 8.95 -30.39
CA LYS B 715 -19.48 7.96 -31.40
C LYS B 715 -18.39 7.87 -32.45
N LEU B 716 -17.81 6.69 -32.59
CA LEU B 716 -16.77 6.49 -33.59
C LEU B 716 -17.41 6.39 -34.97
N GLU B 717 -18.35 5.46 -35.10
CA GLU B 717 -19.02 5.24 -36.37
C GLU B 717 -20.31 4.45 -36.22
N THR B 718 -21.10 4.46 -37.30
CA THR B 718 -22.33 3.71 -37.37
C THR B 718 -22.16 2.77 -38.55
N ILE B 719 -22.42 1.49 -38.34
CA ILE B 719 -22.31 0.51 -39.40
C ILE B 719 -23.73 0.12 -39.77
N GLU B 720 -24.04 0.10 -41.06
CA GLU B 720 -25.40 -0.24 -41.49
C GLU B 720 -25.73 -1.73 -41.46
N GLY B 721 -27.02 -2.03 -41.30
CA GLY B 721 -27.51 -3.40 -41.25
C GLY B 721 -29.03 -3.41 -41.07
N SER B 722 -29.75 -4.24 -41.82
CA SER B 722 -31.21 -4.24 -41.74
C SER B 722 -31.89 -5.29 -40.90
N LYS B 723 -31.14 -6.21 -40.31
CA LYS B 723 -31.77 -7.25 -39.50
C LYS B 723 -31.82 -6.87 -38.02
N GLY B 724 -31.15 -5.79 -37.66
CA GLY B 724 -31.15 -5.37 -36.26
C GLY B 724 -30.19 -4.23 -36.01
N LYS B 725 -30.25 -3.66 -34.81
CA LYS B 725 -29.37 -2.57 -34.46
C LYS B 725 -28.97 -2.64 -32.99
N VAL B 726 -27.68 -2.47 -32.72
CA VAL B 726 -27.17 -2.49 -31.36
C VAL B 726 -26.14 -1.40 -31.19
N GLN B 727 -25.74 -1.18 -29.94
CA GLN B 727 -24.73 -0.20 -29.60
C GLN B 727 -23.60 -0.99 -28.98
N LEU B 728 -22.38 -0.64 -29.39
CA LEU B 728 -21.20 -1.32 -28.93
C LEU B 728 -20.22 -0.29 -28.35
N LEU B 729 -19.87 -0.49 -27.08
CA LEU B 729 -18.93 0.39 -26.37
C LEU B 729 -17.65 -0.35 -25.97
N GLY B 730 -16.51 0.31 -26.17
CA GLY B 730 -15.23 -0.26 -25.77
C GLY B 730 -14.24 0.81 -25.32
N SER B 731 -13.21 0.39 -24.58
CA SER B 731 -12.15 1.32 -24.16
C SER B 731 -10.82 0.58 -24.13
N GLY B 732 -9.73 1.32 -24.01
CA GLY B 732 -8.42 0.70 -23.94
C GLY B 732 -8.13 -0.25 -25.09
N SER B 733 -7.40 -1.32 -24.80
CA SER B 733 -7.03 -2.29 -25.80
C SER B 733 -8.22 -3.12 -26.35
N ILE B 734 -9.34 -3.10 -25.63
CA ILE B 734 -10.48 -3.91 -26.06
C ILE B 734 -11.35 -3.25 -27.13
N LEU B 735 -11.30 -1.92 -27.25
CA LEU B 735 -12.11 -1.23 -28.26
C LEU B 735 -11.92 -1.79 -29.67
N ARG B 736 -10.67 -2.07 -30.09
CA ARG B 736 -10.44 -2.61 -31.44
C ARG B 736 -11.14 -3.96 -31.63
N HIS B 737 -11.32 -4.71 -30.54
CA HIS B 737 -11.99 -6.00 -30.66
C HIS B 737 -13.51 -5.79 -30.74
N VAL B 738 -13.99 -4.73 -30.10
CA VAL B 738 -15.41 -4.40 -30.16
C VAL B 738 -15.71 -3.95 -31.62
N ARG B 739 -14.79 -3.21 -32.23
CA ARG B 739 -14.99 -2.81 -33.62
C ARG B 739 -14.96 -4.03 -34.54
N GLU B 740 -14.10 -5.01 -34.20
CA GLU B 740 -14.03 -6.25 -34.98
C GLU B 740 -15.41 -6.92 -34.91
N ALA B 741 -15.99 -6.91 -33.72
CA ALA B 741 -17.32 -7.49 -33.51
C ALA B 741 -18.36 -6.73 -34.34
N ALA B 742 -18.21 -5.41 -34.41
CA ALA B 742 -19.13 -4.59 -35.20
C ALA B 742 -19.13 -5.08 -36.66
N GLU B 743 -17.93 -5.29 -37.22
CA GLU B 743 -17.80 -5.78 -38.60
C GLU B 743 -18.51 -7.11 -38.76
N ILE B 744 -18.24 -8.05 -37.84
CA ILE B 744 -18.85 -9.36 -37.86
C ILE B 744 -20.36 -9.32 -37.79
N LEU B 745 -20.91 -8.52 -36.89
CA LEU B 745 -22.36 -8.40 -36.76
C LEU B 745 -23.03 -7.95 -38.09
N ALA B 746 -22.41 -6.98 -38.74
CA ALA B 746 -22.94 -6.46 -39.99
C ALA B 746 -22.81 -7.44 -41.15
N LYS B 747 -21.61 -7.97 -41.35
CA LYS B 747 -21.37 -8.89 -42.46
C LYS B 747 -21.86 -10.34 -42.32
N ASP B 748 -21.89 -10.85 -41.10
CA ASP B 748 -22.35 -12.22 -40.91
C ASP B 748 -23.80 -12.28 -40.52
N TYR B 749 -24.29 -11.26 -39.82
CA TYR B 749 -25.68 -11.31 -39.39
C TYR B 749 -26.56 -10.16 -39.83
N GLY B 750 -26.03 -9.27 -40.64
CA GLY B 750 -26.81 -8.15 -41.11
C GLY B 750 -27.22 -7.20 -39.99
N VAL B 751 -26.55 -7.30 -38.84
CA VAL B 751 -26.86 -6.43 -37.70
C VAL B 751 -25.98 -5.18 -37.71
N GLY B 752 -26.64 -4.02 -37.81
CA GLY B 752 -25.91 -2.76 -37.83
C GLY B 752 -25.63 -2.29 -36.42
N SER B 753 -24.80 -1.26 -36.30
CA SER B 753 -24.49 -0.77 -34.96
C SER B 753 -23.87 0.62 -34.88
N ASP B 754 -23.94 1.17 -33.67
CA ASP B 754 -23.33 2.45 -33.35
C ASP B 754 -22.13 2.01 -32.49
N VAL B 755 -20.94 2.48 -32.82
CA VAL B 755 -19.74 2.10 -32.07
C VAL B 755 -19.21 3.30 -31.32
N TYR B 756 -18.95 3.16 -30.03
CA TYR B 756 -18.46 4.26 -29.20
C TYR B 756 -17.12 4.02 -28.52
N SER B 757 -16.27 5.03 -28.51
CA SER B 757 -15.02 4.89 -27.80
C SER B 757 -15.31 5.53 -26.47
N VAL B 758 -15.13 4.77 -25.40
CA VAL B 758 -15.35 5.31 -24.08
C VAL B 758 -13.98 5.57 -23.47
N THR B 759 -13.59 6.84 -23.41
CA THR B 759 -12.31 7.23 -22.85
C THR B 759 -12.33 7.26 -21.33
N SER B 760 -13.51 7.43 -20.75
CA SER B 760 -13.63 7.41 -19.28
C SER B 760 -15.00 7.04 -18.73
N PHE B 761 -15.19 5.76 -18.41
CA PHE B 761 -16.47 5.34 -17.84
C PHE B 761 -16.67 6.07 -16.52
N THR B 762 -15.58 6.29 -15.79
CA THR B 762 -15.68 6.92 -14.49
C THR B 762 -16.14 8.38 -14.55
N GLU B 763 -15.63 9.14 -15.51
CA GLU B 763 -16.09 10.51 -15.55
C GLU B 763 -17.56 10.52 -15.97
N LEU B 764 -17.96 9.57 -16.80
CA LEU B 764 -19.35 9.55 -17.23
C LEU B 764 -20.29 9.21 -16.06
N ALA B 765 -19.86 8.29 -15.20
CA ALA B 765 -20.65 7.90 -14.05
C ALA B 765 -20.79 9.07 -13.08
N ARG B 766 -19.71 9.82 -12.88
CA ARG B 766 -19.73 10.95 -11.97
C ARG B 766 -20.65 12.05 -12.51
N ASP B 767 -20.59 12.30 -13.81
CA ASP B 767 -21.46 13.29 -14.41
C ASP B 767 -22.92 12.83 -14.24
N GLY B 768 -23.13 11.53 -14.42
CA GLY B 768 -24.47 10.97 -14.27
C GLY B 768 -24.96 11.14 -12.84
N GLN B 769 -24.10 10.79 -11.88
CA GLN B 769 -24.48 10.92 -10.48
C GLN B 769 -24.82 12.36 -10.14
N ASP B 770 -24.04 13.31 -10.67
CA ASP B 770 -24.27 14.73 -10.40
C ASP B 770 -25.60 15.18 -10.99
N CYS B 771 -25.95 14.64 -12.16
CA CYS B 771 -27.21 15.00 -12.79
C CYS B 771 -28.42 14.51 -11.99
N GLU B 772 -28.40 13.26 -11.54
CA GLU B 772 -29.57 12.77 -10.81
C GLU B 772 -29.64 13.38 -9.42
N ARG B 773 -28.49 13.65 -8.82
CA ARG B 773 -28.49 14.31 -7.53
C ARG B 773 -29.17 15.68 -7.69
N TRP B 774 -28.70 16.47 -8.64
CA TRP B 774 -29.27 17.81 -8.85
C TRP B 774 -30.77 17.72 -9.13
N ASN B 775 -31.14 16.80 -10.03
CA ASN B 775 -32.54 16.60 -10.39
C ASN B 775 -33.39 16.23 -9.18
N MET B 776 -32.87 15.37 -8.30
CA MET B 776 -33.60 14.97 -7.11
C MET B 776 -33.83 16.19 -6.19
N LEU B 777 -32.85 17.09 -6.12
CA LEU B 777 -32.93 18.28 -5.27
C LEU B 777 -33.66 19.46 -5.90
N HIS B 778 -34.05 19.35 -7.17
CA HIS B 778 -34.77 20.43 -7.87
C HIS B 778 -35.89 19.80 -8.68
N PRO B 779 -36.83 19.14 -7.98
CA PRO B 779 -37.97 18.46 -8.59
C PRO B 779 -38.90 19.24 -9.52
N LEU B 780 -38.95 20.55 -9.39
CA LEU B 780 -39.83 21.35 -10.24
C LEU B 780 -39.08 21.90 -11.46
N GLU B 781 -37.76 21.79 -11.44
CA GLU B 781 -36.97 22.33 -12.53
C GLU B 781 -36.72 21.38 -13.68
N THR B 782 -36.18 21.92 -14.77
CA THR B 782 -35.86 21.15 -15.95
C THR B 782 -34.83 20.08 -15.58
N PRO B 783 -35.14 18.80 -15.75
CA PRO B 783 -34.17 17.75 -15.39
C PRO B 783 -32.87 17.85 -16.17
N ARG B 784 -31.76 17.48 -15.53
CA ARG B 784 -30.48 17.52 -16.24
C ARG B 784 -30.23 16.17 -16.87
N VAL B 785 -29.65 16.18 -18.06
CA VAL B 785 -29.39 14.96 -18.80
C VAL B 785 -27.91 14.54 -18.79
N PRO B 786 -27.63 13.31 -18.29
CA PRO B 786 -26.26 12.79 -18.22
C PRO B 786 -25.60 12.82 -19.60
N TYR B 787 -24.37 13.29 -19.64
CA TYR B 787 -23.63 13.31 -20.90
C TYR B 787 -23.76 11.99 -21.68
N ILE B 788 -23.60 10.84 -21.01
CA ILE B 788 -23.66 9.57 -21.74
C ILE B 788 -25.03 9.33 -22.44
N ALA B 789 -26.10 9.89 -21.88
CA ALA B 789 -27.43 9.74 -22.47
C ALA B 789 -27.60 10.73 -23.63
N GLN B 790 -26.71 11.70 -23.75
CA GLN B 790 -26.78 12.65 -24.86
C GLN B 790 -25.95 12.11 -26.05
N VAL B 791 -25.32 10.94 -25.88
CA VAL B 791 -24.50 10.35 -26.91
C VAL B 791 -25.08 9.03 -27.38
N MET B 792 -25.55 8.22 -26.44
CA MET B 792 -26.14 6.92 -26.72
C MET B 792 -27.64 7.03 -27.02
N ASN B 793 -28.18 6.03 -27.73
CA ASN B 793 -29.61 5.98 -28.02
C ASN B 793 -30.21 4.81 -27.23
N ASP B 794 -31.38 4.34 -27.65
CA ASP B 794 -32.02 3.27 -26.92
C ASP B 794 -31.89 1.84 -27.42
N ALA B 795 -31.14 1.64 -28.50
CA ALA B 795 -30.91 0.31 -29.01
C ALA B 795 -30.13 -0.48 -27.96
N PRO B 796 -30.37 -1.79 -27.87
CA PRO B 796 -29.67 -2.62 -26.88
C PRO B 796 -28.15 -2.46 -27.00
N ALA B 797 -27.46 -2.41 -25.86
CA ALA B 797 -26.04 -2.21 -25.85
C ALA B 797 -25.16 -3.26 -25.18
N VAL B 798 -23.95 -3.35 -25.71
CA VAL B 798 -22.93 -4.22 -25.18
C VAL B 798 -21.68 -3.40 -24.99
N ALA B 799 -21.04 -3.53 -23.82
CA ALA B 799 -19.78 -2.85 -23.58
C ALA B 799 -18.73 -3.90 -23.16
N SER B 800 -17.51 -3.72 -23.62
CA SER B 800 -16.41 -4.61 -23.25
C SER B 800 -15.12 -3.83 -22.98
N THR B 801 -14.44 -4.16 -21.88
CA THR B 801 -13.16 -3.51 -21.55
C THR B 801 -12.21 -4.56 -20.97
N ASP B 802 -10.98 -4.14 -20.73
CA ASP B 802 -9.96 -5.01 -20.21
C ASP B 802 -9.94 -4.98 -18.69
N TYR B 803 -10.94 -4.32 -18.10
CA TYR B 803 -11.11 -4.21 -16.64
C TYR B 803 -12.34 -4.98 -16.18
N MET B 804 -12.49 -5.18 -14.88
CA MET B 804 -13.67 -5.92 -14.36
C MET B 804 -14.99 -5.27 -14.82
N LYS B 805 -16.05 -6.06 -14.87
CA LYS B 805 -17.35 -5.58 -15.33
C LYS B 805 -17.83 -4.28 -14.70
N LEU B 806 -17.63 -4.14 -13.40
CA LEU B 806 -18.06 -2.94 -12.70
C LEU B 806 -17.54 -1.64 -13.36
N PHE B 807 -16.40 -1.69 -14.06
CA PHE B 807 -15.85 -0.47 -14.69
C PHE B 807 -16.82 0.10 -15.72
N ALA B 808 -17.43 -0.78 -16.49
CA ALA B 808 -18.42 -0.39 -17.49
C ALA B 808 -19.83 -0.38 -16.86
N GLU B 809 -20.10 -1.27 -15.90
CA GLU B 809 -21.44 -1.34 -15.27
C GLU B 809 -21.79 -0.08 -14.48
N GLN B 810 -20.77 0.64 -14.02
CA GLN B 810 -21.04 1.84 -13.24
C GLN B 810 -21.92 2.88 -13.95
N VAL B 811 -22.05 2.85 -15.26
CA VAL B 811 -22.91 3.83 -15.92
C VAL B 811 -24.31 3.29 -16.22
N ARG B 812 -24.61 2.06 -15.81
CA ARG B 812 -25.91 1.45 -16.09
C ARG B 812 -27.09 2.42 -15.90
N THR B 813 -27.22 2.97 -14.71
CA THR B 813 -28.33 3.87 -14.41
C THR B 813 -28.54 4.96 -15.47
N TYR B 814 -27.46 5.52 -15.99
CA TYR B 814 -27.57 6.59 -16.98
C TYR B 814 -27.64 6.12 -18.43
N VAL B 815 -27.50 4.82 -18.67
CA VAL B 815 -27.57 4.38 -20.06
C VAL B 815 -29.02 4.34 -20.47
N PRO B 816 -29.38 5.07 -21.53
CA PRO B 816 -30.75 5.15 -22.04
C PRO B 816 -31.28 3.95 -22.81
N ALA B 817 -30.74 2.76 -22.60
CA ALA B 817 -31.20 1.57 -23.30
C ALA B 817 -31.66 0.56 -22.25
N ASP B 818 -32.71 -0.19 -22.54
CA ASP B 818 -33.22 -1.13 -21.57
C ASP B 818 -32.33 -2.38 -21.43
N ASP B 819 -31.43 -2.58 -22.38
CA ASP B 819 -30.55 -3.72 -22.28
C ASP B 819 -29.12 -3.22 -22.40
N TYR B 820 -28.33 -3.45 -21.36
CA TYR B 820 -26.94 -3.01 -21.32
C TYR B 820 -26.13 -4.17 -20.76
N ARG B 821 -25.48 -4.92 -21.63
CA ARG B 821 -24.66 -6.06 -21.21
C ARG B 821 -23.19 -5.65 -21.11
N VAL B 822 -22.55 -6.07 -20.04
CA VAL B 822 -21.15 -5.72 -19.87
C VAL B 822 -20.27 -6.92 -19.76
N LEU B 823 -19.23 -6.93 -20.58
CA LEU B 823 -18.22 -7.98 -20.54
C LEU B 823 -17.03 -7.34 -19.81
N GLY B 824 -16.28 -8.15 -19.08
CA GLY B 824 -15.14 -7.66 -18.33
C GLY B 824 -14.21 -8.78 -17.88
N THR B 825 -13.06 -8.38 -17.35
CA THR B 825 -12.02 -9.31 -16.96
C THR B 825 -11.95 -9.70 -15.49
N ASP B 826 -13.11 -9.84 -14.86
CA ASP B 826 -13.17 -10.25 -13.46
C ASP B 826 -12.40 -11.56 -13.25
N GLY B 827 -11.61 -11.64 -12.19
CA GLY B 827 -10.88 -12.86 -11.93
C GLY B 827 -9.38 -12.63 -11.90
N PHE B 828 -8.67 -13.59 -11.36
CA PHE B 828 -7.24 -13.52 -11.28
C PHE B 828 -6.64 -13.72 -12.66
N GLY B 829 -5.60 -12.95 -12.96
CA GLY B 829 -4.92 -13.07 -14.23
C GLY B 829 -4.02 -14.32 -14.24
N ARG B 830 -3.49 -14.63 -15.42
CA ARG B 830 -2.64 -15.78 -15.60
C ARG B 830 -1.85 -15.57 -16.88
N SER B 831 -0.80 -16.37 -17.06
CA SER B 831 0.05 -16.23 -18.24
C SER B 831 -0.45 -16.98 -19.47
N ASP B 832 -0.53 -16.27 -20.60
CA ASP B 832 -0.89 -16.89 -21.89
C ASP B 832 -0.76 -15.85 -23.00
N SER B 833 -1.22 -16.20 -24.19
CA SER B 833 -1.16 -15.25 -25.30
C SER B 833 -2.33 -14.28 -25.12
N ARG B 834 -2.27 -13.13 -25.77
CA ARG B 834 -3.33 -12.15 -25.67
C ARG B 834 -4.63 -12.79 -26.14
N GLU B 835 -4.56 -13.51 -27.25
CA GLU B 835 -5.75 -14.17 -27.79
C GLU B 835 -6.39 -15.09 -26.78
N ASN B 836 -5.60 -15.99 -26.20
CA ASN B 836 -6.13 -16.92 -25.21
C ASN B 836 -6.73 -16.24 -23.97
N LEU B 837 -6.08 -15.17 -23.47
CA LEU B 837 -6.58 -14.46 -22.30
C LEU B 837 -7.88 -13.72 -22.59
N ARG B 838 -7.97 -13.11 -23.77
CA ARG B 838 -9.19 -12.37 -24.15
C ARG B 838 -10.34 -13.36 -24.36
N HIS B 839 -10.02 -14.61 -24.69
CA HIS B 839 -11.06 -15.63 -24.82
C HIS B 839 -11.43 -16.17 -23.41
N HIS B 840 -10.41 -16.42 -22.58
CA HIS B 840 -10.64 -16.93 -21.23
C HIS B 840 -11.46 -15.91 -20.40
N PHE B 841 -11.11 -14.63 -20.48
CA PHE B 841 -11.85 -13.60 -19.74
C PHE B 841 -13.15 -13.17 -20.43
N GLU B 842 -13.49 -13.84 -21.52
CA GLU B 842 -14.73 -13.62 -22.23
C GLU B 842 -15.01 -12.15 -22.61
N VAL B 843 -14.02 -11.50 -23.21
CA VAL B 843 -14.16 -10.10 -23.63
C VAL B 843 -13.80 -9.86 -25.10
N ASP B 844 -13.34 -10.91 -25.82
CA ASP B 844 -12.94 -10.74 -27.21
C ASP B 844 -14.12 -10.54 -28.18
N ALA B 845 -13.82 -10.31 -29.46
CA ALA B 845 -14.87 -10.04 -30.44
C ALA B 845 -15.98 -11.09 -30.42
N SER B 846 -15.61 -12.35 -30.30
CA SER B 846 -16.60 -13.42 -30.27
C SER B 846 -17.68 -13.25 -29.21
N TYR B 847 -17.27 -12.91 -27.99
CA TYR B 847 -18.22 -12.73 -26.90
C TYR B 847 -19.07 -11.47 -27.07
N VAL B 848 -18.49 -10.41 -27.63
CA VAL B 848 -19.29 -9.21 -27.87
C VAL B 848 -20.41 -9.59 -28.86
N VAL B 849 -20.06 -10.35 -29.90
CA VAL B 849 -21.04 -10.75 -30.92
C VAL B 849 -22.14 -11.59 -30.25
N VAL B 850 -21.75 -12.66 -29.55
CA VAL B 850 -22.74 -13.49 -28.87
C VAL B 850 -23.60 -12.63 -27.92
N ALA B 851 -22.98 -11.70 -27.19
CA ALA B 851 -23.74 -10.87 -26.27
C ALA B 851 -24.76 -9.99 -27.03
N ALA B 852 -24.37 -9.42 -28.16
CA ALA B 852 -25.25 -8.57 -28.95
C ALA B 852 -26.42 -9.38 -29.53
N LEU B 853 -26.11 -10.52 -30.13
CA LEU B 853 -27.14 -11.38 -30.72
C LEU B 853 -28.14 -11.80 -29.63
N GLY B 854 -27.63 -12.19 -28.46
CA GLY B 854 -28.49 -12.59 -27.36
C GLY B 854 -29.50 -11.52 -26.99
N GLU B 855 -29.11 -10.26 -27.07
CA GLU B 855 -30.03 -9.18 -26.75
C GLU B 855 -31.12 -9.09 -27.81
N LEU B 856 -30.74 -9.26 -29.07
CA LEU B 856 -31.72 -9.20 -30.15
C LEU B 856 -32.68 -10.38 -30.07
N ALA B 857 -32.15 -11.57 -29.79
CA ALA B 857 -32.96 -12.77 -29.69
C ALA B 857 -34.00 -12.65 -28.58
N LYS B 858 -33.66 -11.97 -27.49
CA LYS B 858 -34.63 -11.83 -26.39
C LYS B 858 -35.74 -10.85 -26.77
N ARG B 859 -35.49 -10.07 -27.83
CA ARG B 859 -36.49 -9.12 -28.30
C ARG B 859 -37.22 -9.70 -29.53
N GLY B 860 -36.93 -10.95 -29.84
CA GLY B 860 -37.58 -11.58 -30.98
C GLY B 860 -37.16 -10.98 -32.31
N GLU B 861 -35.97 -10.40 -32.36
CA GLU B 861 -35.49 -9.79 -33.59
C GLU B 861 -34.72 -10.81 -34.43
N ILE B 862 -34.25 -11.87 -33.78
CA ILE B 862 -33.55 -12.93 -34.49
C ILE B 862 -33.86 -14.19 -33.70
N ASP B 863 -33.56 -15.36 -34.25
CA ASP B 863 -33.87 -16.59 -33.56
C ASP B 863 -32.79 -17.03 -32.57
N LYS B 864 -33.26 -17.49 -31.41
CA LYS B 864 -32.39 -17.96 -30.35
C LYS B 864 -31.36 -18.94 -30.86
N LYS B 865 -31.73 -19.69 -31.89
CA LYS B 865 -30.83 -20.67 -32.49
C LYS B 865 -29.64 -19.98 -33.15
N VAL B 866 -29.84 -18.75 -33.62
CA VAL B 866 -28.76 -17.99 -34.27
C VAL B 866 -27.67 -17.74 -33.21
N VAL B 867 -28.08 -17.33 -32.02
CA VAL B 867 -27.14 -17.09 -30.94
C VAL B 867 -26.45 -18.41 -30.59
N ALA B 868 -27.22 -19.48 -30.53
CA ALA B 868 -26.69 -20.81 -30.21
C ALA B 868 -25.72 -21.24 -31.32
N ASP B 869 -26.05 -20.98 -32.58
CA ASP B 869 -25.12 -21.36 -33.66
C ASP B 869 -23.86 -20.48 -33.57
N ALA B 870 -24.02 -19.23 -33.16
CA ALA B 870 -22.88 -18.31 -33.02
C ALA B 870 -21.88 -18.82 -31.99
N ILE B 871 -22.39 -19.24 -30.85
CA ILE B 871 -21.54 -19.79 -29.81
C ILE B 871 -20.74 -21.00 -30.32
N ALA B 872 -21.40 -21.86 -31.09
CA ALA B 872 -20.74 -23.04 -31.63
C ALA B 872 -19.63 -22.63 -32.60
N LYS B 873 -20.00 -21.82 -33.59
CA LYS B 873 -19.05 -21.36 -34.58
C LYS B 873 -17.78 -20.76 -33.97
N PHE B 874 -17.94 -19.90 -32.95
CA PHE B 874 -16.81 -19.25 -32.30
C PHE B 874 -16.02 -20.09 -31.31
N ASN B 875 -16.37 -21.36 -31.15
CA ASN B 875 -15.66 -22.21 -30.21
C ASN B 875 -15.71 -21.67 -28.79
N ILE B 876 -16.87 -21.17 -28.40
CA ILE B 876 -17.08 -20.66 -27.06
C ILE B 876 -17.55 -21.83 -26.19
N ASP B 877 -16.92 -22.00 -25.03
CA ASP B 877 -17.32 -23.07 -24.13
C ASP B 877 -18.31 -22.48 -23.13
N ALA B 878 -19.60 -22.69 -23.40
CA ALA B 878 -20.68 -22.17 -22.56
C ALA B 878 -20.63 -22.66 -21.13
N ASP B 879 -19.93 -23.76 -20.90
CA ASP B 879 -19.88 -24.28 -19.56
C ASP B 879 -18.57 -24.18 -18.80
N LYS B 880 -17.59 -23.46 -19.36
CA LYS B 880 -16.32 -23.28 -18.65
C LYS B 880 -16.65 -22.54 -17.35
N VAL B 881 -15.87 -22.77 -16.31
CA VAL B 881 -16.10 -22.08 -15.04
C VAL B 881 -16.00 -20.56 -15.22
N ASN B 882 -16.72 -19.83 -14.36
CA ASN B 882 -16.70 -18.37 -14.42
C ASN B 882 -15.28 -17.87 -14.18
N PRO B 883 -14.77 -17.00 -15.05
CA PRO B 883 -13.42 -16.51 -14.83
C PRO B 883 -13.21 -15.94 -13.43
N ARG B 884 -14.23 -15.35 -12.79
CA ARG B 884 -13.99 -14.84 -11.45
C ARG B 884 -13.57 -15.95 -10.50
N LEU B 885 -14.03 -17.17 -10.76
CA LEU B 885 -13.69 -18.31 -9.91
C LEU B 885 -12.50 -19.15 -10.37
N ALA B 886 -11.98 -18.89 -11.56
CA ALA B 886 -10.87 -19.66 -12.09
C ALA B 886 -9.53 -19.51 -11.34
N1 EPE C . 39.65 -25.94 4.60
C2 EPE C . 38.51 -26.80 4.97
C3 EPE C . 38.55 -27.10 6.46
N4 EPE C . 38.41 -25.82 7.20
C5 EPE C . 39.65 -24.99 6.88
C6 EPE C . 39.56 -24.67 5.37
C7 EPE C . 38.39 -26.17 8.64
C8 EPE C . 38.12 -24.89 9.45
O8 EPE C . 36.86 -24.35 9.00
C9 EPE C . 39.47 -25.76 3.17
C10 EPE C . 40.46 -24.91 2.46
S EPE C . 40.23 -25.27 0.70
O1S EPE C . 39.57 -26.64 0.58
O2S EPE C . 39.23 -24.41 0.11
O3S EPE C . 41.51 -25.50 0.09
C6 TPP D . 14.17 -6.28 -11.56
C7 TPP D . 14.70 -6.87 -10.26
O7 TPP D . 16.05 -6.46 -10.00
PA TPP D . 16.84 -7.08 -8.74
O1A TPP D . 15.98 -6.96 -7.54
O2A TPP D . 18.18 -6.48 -8.70
O3A TPP D . 16.89 -8.65 -9.14
PB TPP D . 18.02 -9.29 -10.11
O1B TPP D . 17.31 -9.65 -11.51
O2B TPP D . 18.65 -10.48 -9.48
O3B TPP D . 19.09 -8.11 -10.43
MG MG E . 20.11 -8.65 -7.99
P PO4 F . 29.41 -23.14 -12.69
O1 PO4 F . 27.93 -23.47 -12.63
O2 PO4 F . 29.57 -21.63 -12.58
O3 PO4 F . 30.12 -23.86 -11.53
O4 PO4 F . 30.06 -23.55 -14.02
C6 TPP G . -0.30 6.50 18.83
C7 TPP G . 0.95 7.23 18.35
O7 TPP G . 2.15 6.66 18.89
PA TPP G . 3.57 7.33 18.57
O1A TPP G . 3.88 7.12 17.13
O2A TPP G . 4.54 6.82 19.57
O3A TPP G . 3.27 8.88 18.80
PB TPP G . 3.11 9.57 20.26
O1B TPP G . 3.18 8.38 21.36
O2B TPP G . 4.12 10.62 20.48
O3B TPP G . 1.61 10.15 20.35
MG MG H . 5.45 7.40 21.38
N1 EPE I . 27.17 27.01 28.87
C2 EPE I . 26.78 27.68 27.60
C3 EPE I . 28.06 28.22 26.91
N4 EPE I . 28.98 27.07 26.60
C5 EPE I . 29.37 26.43 27.92
C6 EPE I . 28.10 25.87 28.59
C7 EPE I . 30.18 27.63 25.94
C8 EPE I . 31.15 26.51 25.53
O8 EPE I . 30.52 25.68 24.51
C9 EPE I . 25.93 26.51 29.48
C10 EPE I . 26.16 25.81 30.82
S EPE I . 24.62 25.97 31.79
O1S EPE I . 23.58 25.14 30.99
O2S EPE I . 24.69 25.21 33.07
O3S EPE I . 24.05 27.33 31.71
P PO4 J . 7.88 23.31 30.92
O1 PO4 J . 8.20 21.86 30.83
O2 PO4 J . 6.96 23.70 29.77
O3 PO4 J . 7.16 23.66 32.23
O4 PO4 J . 9.20 24.09 30.92
#